data_3OZA
#
_entry.id   3OZA
#
_cell.length_a   119.030
_cell.length_b   147.610
_cell.length_c   206.490
_cell.angle_alpha   90.00
_cell.angle_beta   90.00
_cell.angle_gamma   90.00
#
_symmetry.space_group_name_H-M   'I 2 2 2'
#
loop_
_entity.id
_entity.type
_entity.pdbx_description
1 polymer 'Phosphoglycerate kinase'
2 non-polymer 'SULFATE ION'
3 non-polymer GLYCEROL
4 water water
#
_entity_poly.entity_id   1
_entity_poly.type   'polypeptide(L)'
_entity_poly.pdbx_seq_one_letter_code
;HS(MSE)HHHHHHLGNKLSISDLKDIKNKKVLVRVDFNVPIENGIIKDTNRITATLPTINHLKKEGASKIILISHCGRPD
GLRNEKYTLKPVAETLKGLLGEEVLFLNDCVGKEVEDKINAAKENSVILLENLRFHIEEEGKGVDANGNKVKANKEDVEK
FQNDLTKLADVFINDAFGTAHRAHSS(MSE)VGVKLNVKASGFL(MSE)KKELEYFSKALENPQRPLLAILGGAKVSDKI
QLIKNLLDKVDR(MSE)IIGGG(MSE)AYTFKKVLNN(MSE)KIGTSLFDEAGSKIVGEI(MSE)EKAKAKNVQIFLPVD
FKIADNFDNNANTKFVTDEEGIPDNW(MSE)GLDAGPKSIENYKDVILTSKTVIWNGPQGVFE(MSE)PNFAKGSIECLN
LVVEVTKKGAITIVGGGDTASLVEQQNKKNEISHVSTGGGASLELLEGKELPGVLALSNK
;
_entity_poly.pdbx_strand_id   A,B,C
#
loop_
_chem_comp.id
_chem_comp.type
_chem_comp.name
_chem_comp.formula
GOL non-polymer GLYCEROL 'C3 H8 O3'
SO4 non-polymer 'SULFATE ION' 'O4 S -2'
#
# COMPACT_ATOMS: atom_id res chain seq x y z
N HIS A 7 15.51 0.79 3.65
CA HIS A 7 16.24 -0.43 3.20
C HIS A 7 17.63 -0.53 3.85
N HIS A 8 18.03 -1.78 4.14
CA HIS A 8 19.39 -2.16 4.64
C HIS A 8 19.68 -1.98 6.15
N HIS A 9 19.06 -0.98 6.78
CA HIS A 9 19.42 -0.53 8.15
C HIS A 9 19.32 -1.54 9.29
N LEU A 10 18.52 -2.60 9.13
CA LEU A 10 18.30 -3.56 10.20
C LEU A 10 19.36 -4.64 10.21
N GLY A 11 19.99 -4.85 11.36
CA GLY A 11 21.16 -5.72 11.41
C GLY A 11 22.33 -5.04 10.71
N ASN A 12 23.50 -5.67 10.74
CA ASN A 12 24.75 -5.01 10.35
C ASN A 12 25.14 -3.89 11.33
N LYS A 13 24.49 -3.88 12.50
CA LYS A 13 24.80 -2.96 13.59
C LYS A 13 25.80 -3.61 14.53
N LEU A 14 26.30 -2.84 15.50
CA LEU A 14 27.35 -3.29 16.42
C LEU A 14 26.77 -4.03 17.63
N SER A 15 27.60 -4.83 18.29
CA SER A 15 27.18 -5.63 19.46
C SER A 15 28.32 -5.81 20.47
N ILE A 16 28.01 -6.32 21.65
CA ILE A 16 29.05 -6.61 22.64
C ILE A 16 30.01 -7.62 22.04
N SER A 17 29.43 -8.63 21.38
CA SER A 17 30.16 -9.54 20.53
C SER A 17 30.97 -8.71 19.53
N ASP A 18 32.25 -9.00 19.40
CA ASP A 18 33.18 -8.20 18.56
C ASP A 18 33.35 -6.74 19.07
N LEU A 19 33.59 -6.60 20.37
CA LEU A 19 33.99 -5.32 20.99
C LEU A 19 35.30 -5.45 21.74
N LYS A 20 36.37 -4.92 21.14
CA LYS A 20 37.65 -4.86 21.81
C LYS A 20 37.59 -3.78 22.88
N ASP A 21 38.60 -3.73 23.74
CA ASP A 21 38.81 -2.59 24.66
C ASP A 21 37.61 -2.24 25.54
N ILE A 22 37.12 -3.22 26.30
CA ILE A 22 36.05 -3.02 27.26
C ILE A 22 36.67 -2.97 28.65
N LYS A 23 37.85 -3.58 28.76
CA LYS A 23 38.65 -3.60 29.98
C LYS A 23 38.79 -2.20 30.58
N ASN A 24 38.45 -2.08 31.86
CA ASN A 24 38.57 -0.83 32.63
C ASN A 24 37.64 0.33 32.24
N LYS A 25 36.49 0.00 31.68
CA LYS A 25 35.56 1.02 31.24
C LYS A 25 34.23 0.96 31.98
N LYS A 26 33.63 2.13 32.16
CA LYS A 26 32.32 2.24 32.78
C LYS A 26 31.32 1.99 31.67
N VAL A 27 30.51 0.94 31.83
CA VAL A 27 29.58 0.54 30.78
C VAL A 27 28.14 0.75 31.24
N LEU A 28 27.40 1.51 30.43
CA LEU A 28 26.01 1.81 30.73
C LEU A 28 25.13 0.91 29.89
N VAL A 29 24.32 0.10 30.58
CA VAL A 29 23.48 -0.89 29.93
C VAL A 29 22.02 -0.52 30.13
N ARG A 30 21.31 -0.36 29.02
CA ARG A 30 19.88 -0.11 29.03
C ARG A 30 19.17 -1.46 28.92
N VAL A 31 18.51 -1.85 30.01
CA VAL A 31 17.93 -3.19 30.10
C VAL A 31 16.41 -3.13 30.21
N ASP A 32 15.77 -4.24 29.89
CA ASP A 32 14.33 -4.39 30.04
C ASP A 32 14.00 -5.11 31.35
N PHE A 33 13.71 -4.33 32.39
CA PHE A 33 13.35 -4.89 33.70
C PHE A 33 11.89 -4.65 34.04
N ASN A 34 11.06 -4.43 33.02
CA ASN A 34 9.63 -4.20 33.22
C ASN A 34 8.96 -5.53 33.56
N VAL A 35 8.93 -5.86 34.85
CA VAL A 35 8.71 -7.22 35.33
C VAL A 35 7.54 -7.27 36.32
N PRO A 36 6.74 -8.38 36.30
CA PRO A 36 5.58 -8.50 37.20
C PRO A 36 5.95 -8.64 38.67
N ILE A 37 5.26 -7.90 39.53
CA ILE A 37 5.61 -7.85 40.95
C ILE A 37 4.39 -7.76 41.88
N GLU A 38 4.50 -8.38 43.05
CA GLU A 38 3.52 -8.29 44.13
C GLU A 38 4.26 -8.19 45.48
N ASN A 39 3.94 -7.16 46.26
CA ASN A 39 4.56 -6.89 47.58
C ASN A 39 6.09 -7.01 47.64
N GLY A 40 6.78 -6.50 46.63
CA GLY A 40 8.24 -6.59 46.57
C GLY A 40 8.77 -7.97 46.17
N ILE A 41 7.88 -8.83 45.66
CA ILE A 41 8.24 -10.19 45.25
C ILE A 41 8.01 -10.39 43.76
N ILE A 42 9.11 -10.40 43.00
CA ILE A 42 9.04 -10.55 41.55
C ILE A 42 8.49 -11.91 41.15
N LYS A 43 7.30 -11.91 40.55
CA LYS A 43 6.60 -13.16 40.27
C LYS A 43 6.96 -13.86 38.95
N ASP A 44 7.94 -13.30 38.23
CA ASP A 44 8.48 -13.91 37.02
C ASP A 44 9.80 -13.24 36.64
N THR A 45 10.91 -13.96 36.84
CA THR A 45 12.25 -13.38 36.70
C THR A 45 12.88 -13.51 35.32
N ASN A 46 12.16 -14.09 34.35
CA ASN A 46 12.71 -14.36 33.01
C ASN A 46 13.45 -13.20 32.39
N ARG A 47 12.84 -12.02 32.46
CA ARG A 47 13.40 -10.82 31.85
C ARG A 47 14.73 -10.44 32.48
N ILE A 48 14.89 -10.76 33.76
CA ILE A 48 16.09 -10.44 34.52
C ILE A 48 17.21 -11.45 34.21
N THR A 49 16.87 -12.74 34.22
CA THR A 49 17.85 -13.80 33.91
C THR A 49 18.37 -13.67 32.49
N ALA A 50 17.55 -13.08 31.62
CA ALA A 50 17.87 -12.91 30.20
C ALA A 50 19.07 -11.97 29.98
N THR A 51 19.23 -11.00 30.86
CA THR A 51 20.34 -10.05 30.81
C THR A 51 21.65 -10.60 31.39
N LEU A 52 21.57 -11.76 32.04
CA LEU A 52 22.75 -12.36 32.67
C LEU A 52 23.92 -12.56 31.70
N PRO A 53 23.66 -13.09 30.49
CA PRO A 53 24.72 -13.17 29.47
C PRO A 53 25.43 -11.85 29.19
N THR A 54 24.67 -10.75 29.17
CA THR A 54 25.21 -9.43 28.82
C THR A 54 26.07 -8.91 29.95
N ILE A 55 25.53 -8.97 31.16
CA ILE A 55 26.25 -8.55 32.36
C ILE A 55 27.52 -9.39 32.55
N ASN A 56 27.37 -10.71 32.46
CA ASN A 56 28.49 -11.66 32.55
C ASN A 56 29.60 -11.38 31.59
N HIS A 57 29.30 -11.30 30.30
CA HIS A 57 30.32 -11.02 29.30
C HIS A 57 31.05 -9.72 29.61
N LEU A 58 30.29 -8.68 29.97
CA LEU A 58 30.89 -7.40 30.38
C LEU A 58 31.82 -7.57 31.58
N LYS A 59 31.29 -8.23 32.61
CA LYS A 59 32.02 -8.61 33.81
C LYS A 59 33.34 -9.34 33.50
N LYS A 60 33.21 -10.40 32.71
CA LYS A 60 34.30 -11.28 32.30
C LYS A 60 35.27 -10.62 31.30
N GLU A 61 35.18 -9.30 31.14
CA GLU A 61 35.99 -8.61 30.13
C GLU A 61 36.82 -7.50 30.71
N GLY A 62 36.63 -7.24 32.00
CA GLY A 62 37.30 -6.12 32.64
C GLY A 62 36.21 -5.30 33.29
N ALA A 63 35.91 -4.15 32.68
CA ALA A 63 34.81 -3.27 33.09
C ALA A 63 34.94 -2.80 34.53
N SER A 64 35.24 -1.51 34.69
CA SER A 64 35.29 -0.90 36.01
C SER A 64 33.92 -0.97 36.64
N LYS A 65 32.91 -0.53 35.90
CA LYS A 65 31.55 -0.38 36.41
C LYS A 65 30.54 -0.92 35.38
N ILE A 66 29.49 -1.55 35.90
CA ILE A 66 28.35 -1.97 35.07
C ILE A 66 27.10 -1.31 35.64
N ILE A 67 26.75 -0.17 35.05
CA ILE A 67 25.62 0.64 35.51
C ILE A 67 24.42 0.27 34.68
N LEU A 68 23.36 -0.16 35.37
CA LEU A 68 22.14 -0.60 34.73
C LEU A 68 21.04 0.46 34.84
N ILE A 69 20.45 0.83 33.70
CA ILE A 69 19.31 1.74 33.70
C ILE A 69 18.11 1.09 33.03
N SER A 70 16.95 1.28 33.64
CA SER A 70 15.74 0.62 33.14
C SER A 70 14.46 1.31 33.61
N HIS A 71 13.33 0.77 33.16
CA HIS A 71 12.04 1.26 33.60
C HIS A 71 11.13 0.12 33.98
N CYS A 72 10.14 0.43 34.80
CA CYS A 72 9.20 -0.56 35.25
C CYS A 72 7.86 0.11 35.19
N GLY A 73 6.98 -0.43 34.37
CA GLY A 73 5.62 0.08 34.22
C GLY A 73 5.52 1.50 33.69
N ARG A 74 4.43 2.17 34.06
CA ARG A 74 4.15 3.52 33.58
C ARG A 74 3.86 4.51 34.71
N PRO A 75 4.89 4.89 35.48
CA PRO A 75 4.72 5.82 36.60
C PRO A 75 4.41 7.24 36.18
N ASP A 76 4.66 7.56 34.91
CA ASP A 76 4.31 8.85 34.29
C ASP A 76 5.06 10.06 34.86
N GLY A 77 6.37 9.92 35.04
CA GLY A 77 7.22 11.02 35.50
C GLY A 77 7.15 11.36 36.98
N LEU A 78 6.65 10.43 37.80
CA LEU A 78 6.64 10.62 39.23
C LEU A 78 7.16 9.41 39.98
N ARG A 79 8.01 9.65 40.99
CA ARG A 79 8.42 8.61 41.94
C ARG A 79 7.14 7.98 42.48
N ASN A 80 6.94 6.70 42.18
CA ASN A 80 5.75 5.97 42.60
C ASN A 80 6.14 4.57 43.05
N GLU A 81 5.84 4.27 44.30
CA GLU A 81 6.41 3.11 44.99
C GLU A 81 6.08 1.74 44.36
N LYS A 82 4.96 1.65 43.65
CA LYS A 82 4.54 0.40 43.02
C LYS A 82 5.42 0.04 41.83
N TYR A 83 6.27 0.98 41.42
CA TYR A 83 7.13 0.78 40.24
C TYR A 83 8.61 1.01 40.53
N THR A 84 9.02 0.79 41.78
CA THR A 84 10.43 0.90 42.15
C THR A 84 11.19 -0.35 41.67
N LEU A 85 12.45 -0.15 41.29
CA LEU A 85 13.27 -1.25 40.79
C LEU A 85 14.13 -1.92 41.87
N LYS A 86 13.94 -1.51 43.13
CA LYS A 86 14.68 -2.06 44.27
C LYS A 86 14.64 -3.61 44.37
N PRO A 87 13.43 -4.23 44.28
CA PRO A 87 13.35 -5.69 44.38
C PRO A 87 14.06 -6.43 43.26
N VAL A 88 14.42 -5.72 42.20
CA VAL A 88 15.20 -6.31 41.12
C VAL A 88 16.65 -6.47 41.57
N ALA A 89 17.24 -5.41 42.11
CA ALA A 89 18.58 -5.46 42.69
C ALA A 89 18.74 -6.65 43.64
N GLU A 90 17.70 -6.87 44.47
CA GLU A 90 17.61 -8.04 45.35
C GLU A 90 17.61 -9.36 44.57
N THR A 91 16.99 -9.38 43.40
CA THR A 91 17.02 -10.56 42.56
C THR A 91 18.40 -10.75 41.88
N LEU A 92 18.97 -9.67 41.36
CA LEU A 92 20.28 -9.76 40.71
C LEU A 92 21.39 -10.22 41.65
N LYS A 93 21.26 -9.88 42.94
CA LYS A 93 22.22 -10.33 43.96
C LYS A 93 22.24 -11.86 44.00
N GLY A 94 21.05 -12.45 43.97
CA GLY A 94 20.90 -13.91 43.96
C GLY A 94 21.43 -14.57 42.69
N LEU A 95 21.37 -13.85 41.57
CA LEU A 95 21.73 -14.41 40.26
C LEU A 95 23.20 -14.24 39.92
N LEU A 96 23.81 -13.17 40.42
CA LEU A 96 25.25 -12.91 40.18
C LEU A 96 26.11 -13.34 41.35
N GLY A 97 25.48 -13.55 42.51
CA GLY A 97 26.17 -14.03 43.69
C GLY A 97 27.11 -13.02 44.32
N GLU A 98 26.80 -11.75 44.13
CA GLU A 98 27.57 -10.65 44.73
C GLU A 98 26.66 -9.50 45.18
N GLU A 99 27.26 -8.45 45.73
CA GLU A 99 26.49 -7.27 46.12
C GLU A 99 26.14 -6.42 44.90
N VAL A 100 24.97 -5.81 44.94
CA VAL A 100 24.52 -4.96 43.85
C VAL A 100 24.06 -3.63 44.46
N LEU A 101 24.63 -2.55 43.95
CA LEU A 101 24.35 -1.23 44.48
C LEU A 101 23.08 -0.65 43.87
N PHE A 102 22.10 -0.37 44.73
CA PHE A 102 20.88 0.29 44.28
C PHE A 102 20.83 1.75 44.69
N LEU A 103 20.72 2.62 43.68
CA LEU A 103 20.70 4.08 43.88
C LEU A 103 19.33 4.69 43.60
N ASN A 104 18.82 5.46 44.57
CA ASN A 104 17.51 6.12 44.48
C ASN A 104 17.33 7.09 43.30
N ASP A 105 18.38 7.82 42.94
CA ASP A 105 18.36 8.67 41.74
C ASP A 105 18.91 7.91 40.52
N CYS A 106 18.94 8.59 39.37
CA CYS A 106 19.56 8.02 38.16
C CYS A 106 20.49 8.99 37.42
N VAL A 107 20.44 10.27 37.79
CA VAL A 107 21.40 11.27 37.28
C VAL A 107 21.80 12.22 38.39
N GLY A 108 22.82 13.03 38.11
CA GLY A 108 23.21 14.10 39.03
C GLY A 108 24.57 13.92 39.68
N LYS A 109 24.93 14.93 40.49
CA LYS A 109 26.18 14.95 41.25
C LYS A 109 26.39 13.65 42.04
N GLU A 110 25.47 13.36 42.96
CA GLU A 110 25.63 12.28 43.94
C GLU A 110 25.77 10.90 43.32
N VAL A 111 24.98 10.63 42.29
CA VAL A 111 25.00 9.35 41.60
C VAL A 111 26.37 9.07 41.00
N GLU A 112 26.94 10.05 40.30
CA GLU A 112 28.29 9.94 39.71
C GLU A 112 29.40 9.63 40.72
N ASP A 113 29.29 10.25 41.90
CA ASP A 113 30.23 10.02 43.00
C ASP A 113 30.07 8.63 43.61
N LYS A 114 28.83 8.27 43.96
CA LYS A 114 28.53 6.96 44.55
C LYS A 114 28.77 5.79 43.58
N ILE A 115 28.74 6.07 42.27
CA ILE A 115 29.17 5.08 41.28
C ILE A 115 30.69 4.88 41.35
N ASN A 116 31.42 6.01 41.45
CA ASN A 116 32.88 5.98 41.38
C ASN A 116 33.60 5.34 42.56
N ALA A 117 33.00 5.44 43.74
CA ALA A 117 33.55 4.84 44.95
C ALA A 117 32.84 3.54 45.27
N ALA A 118 33.08 2.52 44.45
CA ALA A 118 32.42 1.22 44.59
C ALA A 118 33.31 0.15 43.97
N LYS A 119 33.23 -1.07 44.50
CA LYS A 119 34.10 -2.18 44.07
C LYS A 119 34.41 -2.16 42.56
N GLU A 120 35.70 -2.26 42.23
CA GLU A 120 36.19 -2.05 40.86
C GLU A 120 35.86 -3.21 39.87
N ASN A 121 34.64 -3.71 39.96
CA ASN A 121 34.05 -4.60 38.95
C ASN A 121 32.56 -4.78 39.24
N SER A 122 32.00 -3.77 39.90
CA SER A 122 30.68 -3.80 40.52
C SER A 122 29.54 -3.66 39.50
N VAL A 123 28.36 -4.14 39.90
CA VAL A 123 27.12 -3.95 39.14
C VAL A 123 26.27 -3.01 39.95
N ILE A 124 25.80 -1.94 39.31
CA ILE A 124 25.00 -0.91 39.95
C ILE A 124 23.65 -0.77 39.24
N LEU A 125 22.55 -0.83 39.99
CA LEU A 125 21.25 -0.57 39.39
C LEU A 125 20.65 0.75 39.84
N LEU A 126 20.52 1.67 38.88
CA LEU A 126 19.85 2.96 39.10
C LEU A 126 18.34 2.81 39.03
N GLU A 127 17.62 3.71 39.72
CA GLU A 127 16.18 3.58 39.85
C GLU A 127 15.41 3.96 38.58
N ASN A 128 14.15 3.55 38.53
CA ASN A 128 13.26 3.71 37.38
C ASN A 128 13.50 5.00 36.58
N LEU A 129 13.90 4.85 35.32
CA LEU A 129 14.09 6.00 34.43
C LEU A 129 12.82 6.84 34.32
N ARG A 130 11.69 6.16 34.17
CA ARG A 130 10.40 6.83 34.00
C ARG A 130 9.89 7.58 35.23
N PHE A 131 10.70 7.66 36.28
CA PHE A 131 10.42 8.55 37.41
C PHE A 131 10.75 9.99 37.04
N HIS A 132 11.60 10.16 36.03
CA HIS A 132 11.94 11.47 35.52
C HIS A 132 11.07 11.75 34.31
N ILE A 133 10.36 12.88 34.35
CA ILE A 133 9.53 13.31 33.23
C ILE A 133 10.28 13.32 31.88
N GLU A 134 11.57 13.61 31.95
CA GLU A 134 12.42 13.77 30.78
C GLU A 134 12.77 12.48 30.05
N GLU A 135 12.47 11.33 30.65
CA GLU A 135 12.72 10.03 30.01
C GLU A 135 11.75 9.81 28.85
N GLU A 136 10.45 9.83 29.14
CA GLU A 136 9.45 9.73 28.08
C GLU A 136 9.27 11.06 27.35
N GLY A 137 9.43 12.17 28.06
CA GLY A 137 9.27 13.51 27.48
C GLY A 137 7.98 14.19 27.94
N LYS A 138 6.97 13.36 28.19
CA LYS A 138 5.70 13.81 28.75
C LYS A 138 5.48 13.06 30.05
N GLY A 139 4.50 13.49 30.83
CA GLY A 139 4.13 12.81 32.07
C GLY A 139 2.74 13.24 32.50
N VAL A 140 2.37 12.88 33.73
CA VAL A 140 1.17 13.42 34.38
C VAL A 140 1.54 13.92 35.78
N ASP A 141 0.97 15.05 36.20
CA ASP A 141 1.26 15.60 37.52
C ASP A 141 0.48 14.87 38.61
N ALA A 142 0.63 15.32 39.85
CA ALA A 142 -0.02 14.69 41.02
C ALA A 142 -1.54 14.65 40.94
N ASN A 143 -2.12 15.59 40.18
CA ASN A 143 -3.58 15.72 40.01
C ASN A 143 -4.18 14.80 38.94
N GLY A 144 -3.41 14.51 37.91
CA GLY A 144 -3.86 13.59 36.86
C GLY A 144 -3.84 14.20 35.48
N ASN A 145 -3.41 15.45 35.41
CA ASN A 145 -3.40 16.22 34.16
C ASN A 145 -2.11 16.00 33.42
N LYS A 146 -2.21 15.88 32.10
CA LYS A 146 -1.04 15.76 31.24
C LYS A 146 -0.08 16.91 31.48
N VAL A 147 1.21 16.60 31.57
CA VAL A 147 2.26 17.61 31.70
C VAL A 147 3.36 17.31 30.68
N LYS A 148 3.86 18.35 30.01
CA LYS A 148 4.94 18.16 29.07
C LYS A 148 6.23 18.69 29.68
N ALA A 149 7.32 17.97 29.44
CA ALA A 149 8.62 18.30 30.01
C ALA A 149 9.25 19.48 29.29
N ASN A 150 9.99 20.30 30.03
CA ASN A 150 10.78 21.38 29.44
C ASN A 150 11.86 20.77 28.55
N LYS A 151 12.08 21.37 27.39
CA LYS A 151 12.97 20.79 26.39
C LYS A 151 14.47 20.88 26.78
N GLU A 152 14.80 21.82 27.67
CA GLU A 152 16.19 22.01 28.14
C GLU A 152 16.49 21.10 29.33
N ASP A 153 15.44 20.64 29.99
CA ASP A 153 15.54 19.69 31.07
C ASP A 153 15.83 18.30 30.52
N VAL A 154 15.21 17.98 29.38
CA VAL A 154 15.52 16.76 28.63
C VAL A 154 17.00 16.81 28.26
N GLU A 155 17.43 17.95 27.74
CA GLU A 155 18.81 18.17 27.35
C GLU A 155 19.79 17.85 28.46
N LYS A 156 19.46 18.30 29.67
CA LYS A 156 20.30 18.06 30.84
C LYS A 156 20.25 16.58 31.21
N PHE A 157 19.05 15.98 31.14
CA PHE A 157 18.88 14.58 31.48
C PHE A 157 19.67 13.68 30.55
N GLN A 158 19.62 13.98 29.26
CA GLN A 158 20.29 13.19 28.24
C GLN A 158 21.80 13.29 28.36
N ASN A 159 22.29 14.49 28.68
CA ASN A 159 23.73 14.69 28.84
C ASN A 159 24.23 14.17 30.18
N ASP A 160 23.31 14.07 31.14
CA ASP A 160 23.62 13.48 32.43
C ASP A 160 23.81 11.96 32.33
N LEU A 161 22.96 11.30 31.56
CA LEU A 161 23.10 9.85 31.30
C LEU A 161 24.38 9.54 30.54
N THR A 162 24.78 10.46 29.67
CA THR A 162 26.00 10.30 28.89
C THR A 162 27.24 10.45 29.78
N LYS A 163 27.11 11.25 30.85
CA LYS A 163 28.20 11.41 31.81
C LYS A 163 28.46 10.14 32.61
N LEU A 164 27.42 9.31 32.79
CA LEU A 164 27.46 8.12 33.65
C LEU A 164 28.54 7.09 33.30
N ALA A 165 28.92 7.02 32.02
CA ALA A 165 29.78 5.96 31.52
C ALA A 165 30.61 6.33 30.28
N ASP A 166 31.44 5.39 29.83
CA ASP A 166 32.29 5.56 28.65
C ASP A 166 31.71 4.85 27.44
N VAL A 167 31.04 3.73 27.69
CA VAL A 167 30.52 2.86 26.65
C VAL A 167 29.03 2.60 26.92
N PHE A 168 28.22 2.64 25.86
CA PHE A 168 26.79 2.37 25.97
C PHE A 168 26.41 1.06 25.29
N ILE A 169 25.60 0.28 25.99
CA ILE A 169 25.08 -0.98 25.49
C ILE A 169 23.58 -0.99 25.70
N ASN A 170 22.85 -1.29 24.64
CA ASN A 170 21.40 -1.24 24.67
C ASN A 170 20.83 -2.61 24.46
N ASP A 171 20.32 -3.19 25.54
CA ASP A 171 19.85 -4.56 25.48
C ASP A 171 18.33 -4.57 25.66
N ALA A 172 17.71 -3.44 25.30
CA ALA A 172 16.28 -3.27 25.53
C ALA A 172 15.46 -3.02 24.27
N PHE A 173 15.63 -3.88 23.26
CA PHE A 173 14.64 -4.03 22.20
C PHE A 173 13.29 -4.11 22.92
N GLY A 174 12.25 -3.57 22.32
CA GLY A 174 10.95 -3.61 23.00
C GLY A 174 10.54 -2.24 23.50
N THR A 175 11.54 -1.39 23.68
CA THR A 175 11.27 0.05 23.76
C THR A 175 12.14 0.76 22.70
N ALA A 176 12.48 0.01 21.66
CA ALA A 176 13.26 0.54 20.56
C ALA A 176 12.41 1.42 19.63
N HIS A 177 11.11 1.16 19.61
CA HIS A 177 10.18 1.88 18.75
C HIS A 177 9.87 3.28 19.27
N ARG A 178 10.21 3.52 20.53
CA ARG A 178 10.04 4.83 21.12
C ARG A 178 11.37 5.56 21.17
N ALA A 179 11.34 6.87 20.92
CA ALA A 179 12.54 7.71 21.00
C ALA A 179 12.59 8.43 22.33
N HIS A 180 12.77 7.65 23.39
CA HIS A 180 12.94 8.18 24.74
C HIS A 180 14.41 8.46 25.03
N SER A 181 14.66 9.26 26.05
CA SER A 181 15.99 9.69 26.43
C SER A 181 16.99 8.56 26.49
N SER A 182 16.61 7.47 27.15
CA SER A 182 17.51 6.32 27.35
C SER A 182 17.80 5.54 26.07
N MSE A 183 17.06 5.87 25.00
CA MSE A 183 17.13 5.12 23.74
C MSE A 183 17.90 5.88 22.66
O MSE A 183 18.54 5.27 21.81
CB MSE A 183 15.72 4.82 23.26
CG MSE A 183 15.53 3.41 22.72
SE MSE A 183 15.51 2.02 24.10
CE MSE A 183 15.79 0.51 22.91
N VAL A 184 17.83 7.19 22.70
CA VAL A 184 18.48 8.05 21.70
C VAL A 184 19.32 9.18 22.32
N GLY A 185 19.40 9.23 23.65
CA GLY A 185 20.07 10.33 24.33
C GLY A 185 21.51 10.11 24.77
N VAL A 186 21.90 8.84 24.96
CA VAL A 186 23.24 8.52 25.46
C VAL A 186 24.27 8.77 24.37
N LYS A 187 24.68 10.02 24.24
CA LYS A 187 25.58 10.44 23.15
C LYS A 187 27.05 10.07 23.40
N LEU A 188 27.32 8.77 23.46
CA LEU A 188 28.67 8.24 23.65
C LEU A 188 29.19 7.68 22.34
N ASN A 189 30.51 7.56 22.22
CA ASN A 189 31.11 7.09 20.97
C ASN A 189 30.70 5.66 20.62
N VAL A 190 30.76 4.76 21.59
CA VAL A 190 30.43 3.36 21.37
C VAL A 190 29.00 3.07 21.81
N LYS A 191 28.16 2.75 20.82
CA LYS A 191 26.78 2.38 21.05
C LYS A 191 26.55 1.02 20.42
N ALA A 192 26.31 0.01 21.24
CA ALA A 192 26.20 -1.37 20.74
C ALA A 192 25.04 -2.15 21.36
N SER A 193 24.59 -3.16 20.65
CA SER A 193 23.47 -3.98 21.09
C SER A 193 23.91 -5.04 22.08
N GLY A 194 23.01 -5.40 22.99
CA GLY A 194 23.24 -6.47 23.95
C GLY A 194 23.05 -7.80 23.27
N PHE A 195 23.14 -8.90 24.03
CA PHE A 195 22.94 -10.22 23.46
C PHE A 195 21.49 -10.46 23.07
N LEU A 196 20.56 -9.94 23.88
CA LEU A 196 19.13 -10.05 23.61
C LEU A 196 18.74 -9.23 22.40
N MSE A 197 19.19 -7.98 22.39
CA MSE A 197 19.01 -7.04 21.28
C MSE A 197 19.63 -7.58 20.00
O MSE A 197 19.02 -7.55 18.94
CB MSE A 197 19.65 -5.70 21.64
CG MSE A 197 19.74 -4.70 20.50
SE MSE A 197 18.27 -3.44 20.44
CE MSE A 197 19.09 -1.85 21.19
N LYS A 198 20.86 -8.08 20.12
CA LYS A 198 21.58 -8.63 18.98
C LYS A 198 20.75 -9.71 18.32
N LYS A 199 20.11 -10.52 19.16
CA LYS A 199 19.34 -11.67 18.71
C LYS A 199 18.04 -11.26 18.03
N GLU A 200 17.41 -10.21 18.55
CA GLU A 200 16.21 -9.65 17.94
C GLU A 200 16.55 -9.11 16.55
N LEU A 201 17.52 -8.21 16.51
CA LEU A 201 18.00 -7.59 15.28
C LEU A 201 18.45 -8.61 14.24
N GLU A 202 18.97 -9.73 14.72
CA GLU A 202 19.52 -10.75 13.83
C GLU A 202 18.42 -11.49 13.09
N TYR A 203 17.40 -11.94 13.83
CA TYR A 203 16.32 -12.73 13.24
C TYR A 203 15.37 -11.94 12.35
N PHE A 204 15.05 -10.72 12.75
CA PHE A 204 14.13 -9.90 11.98
C PHE A 204 14.69 -9.55 10.63
N SER A 205 15.98 -9.20 10.58
CA SER A 205 16.64 -8.89 9.32
C SER A 205 16.79 -10.15 8.48
N LYS A 206 17.08 -11.26 9.15
CA LYS A 206 17.13 -12.57 8.53
C LYS A 206 15.83 -12.92 7.80
N ALA A 207 14.71 -12.40 8.31
CA ALA A 207 13.38 -12.72 7.78
C ALA A 207 12.79 -11.60 6.92
N LEU A 208 13.22 -10.37 7.17
CA LEU A 208 12.67 -9.22 6.46
C LEU A 208 13.60 -8.55 5.44
N GLU A 209 14.76 -9.19 5.17
CA GLU A 209 15.73 -8.61 4.23
C GLU A 209 16.18 -9.60 3.19
N ASN A 210 16.76 -10.72 3.60
CA ASN A 210 17.02 -11.76 2.61
C ASN A 210 16.62 -13.16 3.07
N PRO A 211 15.29 -13.38 3.18
CA PRO A 211 14.74 -14.60 3.73
C PRO A 211 14.86 -15.77 2.76
N GLN A 212 14.98 -16.99 3.30
CA GLN A 212 14.81 -18.17 2.46
C GLN A 212 13.35 -18.15 2.05
N ARG A 213 13.10 -18.23 0.75
CA ARG A 213 11.75 -18.30 0.24
C ARG A 213 11.34 -19.78 0.20
N PRO A 214 10.02 -20.06 0.33
CA PRO A 214 8.92 -19.11 0.49
C PRO A 214 8.74 -18.58 1.92
N LEU A 215 8.59 -17.26 2.04
CA LEU A 215 8.36 -16.61 3.32
C LEU A 215 6.85 -16.56 3.61
N LEU A 216 6.43 -17.13 4.74
CA LEU A 216 5.03 -17.20 5.10
C LEU A 216 4.71 -16.33 6.30
N ALA A 217 3.67 -15.52 6.17
CA ALA A 217 3.14 -14.81 7.31
C ALA A 217 1.87 -15.50 7.81
N ILE A 218 1.75 -15.62 9.13
CA ILE A 218 0.52 -16.11 9.75
C ILE A 218 -0.01 -15.02 10.67
N LEU A 219 -1.11 -14.42 10.26
CA LEU A 219 -1.72 -13.37 11.07
C LEU A 219 -3.05 -13.85 11.62
N GLY A 220 -3.38 -13.43 12.84
CA GLY A 220 -4.63 -13.81 13.50
C GLY A 220 -5.06 -12.81 14.54
N GLY A 221 -6.31 -12.94 14.98
CA GLY A 221 -6.86 -12.10 16.04
C GLY A 221 -8.27 -11.59 15.83
N ALA A 222 -8.76 -10.83 16.81
CA ALA A 222 -10.12 -10.28 16.76
C ALA A 222 -10.32 -9.25 15.63
N LYS A 223 -9.54 -8.17 15.72
CA LYS A 223 -9.69 -7.05 14.82
C LYS A 223 -8.92 -7.26 13.52
N VAL A 224 -9.32 -6.53 12.50
CA VAL A 224 -8.50 -6.38 11.30
C VAL A 224 -8.23 -4.89 11.07
N SER A 225 -8.92 -4.05 11.84
CA SER A 225 -8.87 -2.60 11.65
C SER A 225 -7.60 -2.01 12.22
N ASP A 226 -6.97 -2.72 13.15
CA ASP A 226 -5.74 -2.23 13.75
C ASP A 226 -4.50 -2.82 13.09
N LYS A 227 -4.69 -3.82 12.23
CA LYS A 227 -3.56 -4.51 11.60
C LYS A 227 -3.42 -4.19 10.12
N ILE A 228 -3.99 -3.06 9.71
CA ILE A 228 -4.00 -2.66 8.30
C ILE A 228 -2.58 -2.37 7.83
N GLN A 229 -1.86 -1.59 8.62
CA GLN A 229 -0.48 -1.22 8.30
C GLN A 229 0.44 -2.45 8.40
N LEU A 230 0.15 -3.35 9.32
CA LEU A 230 0.90 -4.60 9.41
C LEU A 230 0.69 -5.46 8.15
N ILE A 231 -0.57 -5.73 7.81
CA ILE A 231 -0.92 -6.48 6.61
C ILE A 231 -0.34 -5.87 5.34
N LYS A 232 -0.53 -4.55 5.17
CA LYS A 232 -0.09 -3.87 3.96
C LYS A 232 1.42 -3.95 3.78
N ASN A 233 2.18 -3.55 4.79
CA ASN A 233 3.63 -3.63 4.70
C ASN A 233 4.18 -5.05 4.52
N LEU A 234 3.45 -6.07 4.98
CA LEU A 234 3.96 -7.42 4.86
C LEU A 234 3.74 -7.99 3.46
N LEU A 235 2.76 -7.44 2.75
CA LEU A 235 2.43 -7.91 1.40
C LEU A 235 3.49 -7.58 0.35
N ASP A 236 4.38 -6.64 0.65
CA ASP A 236 5.47 -6.36 -0.29
C ASP A 236 6.81 -6.93 0.19
N LYS A 237 6.75 -8.10 0.84
CA LYS A 237 7.97 -8.84 1.17
C LYS A 237 7.72 -10.34 1.36
N VAL A 238 6.45 -10.71 1.44
CA VAL A 238 6.05 -12.08 1.78
C VAL A 238 5.54 -12.81 0.53
N ASP A 239 5.50 -14.14 0.57
CA ASP A 239 4.98 -14.95 -0.53
C ASP A 239 3.67 -15.62 -0.18
N ARG A 240 3.50 -15.98 1.09
CA ARG A 240 2.30 -16.65 1.55
C ARG A 240 1.76 -15.96 2.79
N MSE A 241 0.43 -15.94 2.90
CA MSE A 241 -0.20 -15.35 4.06
C MSE A 241 -1.46 -16.12 4.45
O MSE A 241 -2.30 -16.45 3.60
CB MSE A 241 -0.50 -13.88 3.81
CG MSE A 241 -1.18 -13.22 4.98
SE MSE A 241 -1.01 -11.29 4.97
CE MSE A 241 -2.74 -10.77 4.30
N ILE A 242 -1.56 -16.42 5.74
CA ILE A 242 -2.74 -17.03 6.30
C ILE A 242 -3.37 -15.99 7.21
N ILE A 243 -4.63 -15.69 6.96
CA ILE A 243 -5.40 -14.81 7.80
C ILE A 243 -6.42 -15.66 8.53
N GLY A 244 -6.34 -15.72 9.85
CA GLY A 244 -7.20 -16.60 10.62
C GLY A 244 -7.89 -15.97 11.81
N GLY A 245 -8.95 -16.64 12.26
CA GLY A 245 -9.64 -16.37 13.53
C GLY A 245 -10.07 -14.96 13.87
N GLY A 246 -11.31 -14.60 13.53
CA GLY A 246 -11.88 -13.33 13.94
C GLY A 246 -11.83 -12.38 12.76
N MSE A 247 -10.62 -12.10 12.32
CA MSE A 247 -10.41 -11.41 11.05
C MSE A 247 -11.11 -12.19 9.96
O MSE A 247 -11.94 -11.65 9.24
CB MSE A 247 -8.94 -11.41 10.69
CG MSE A 247 -7.99 -11.02 11.77
SE MSE A 247 -6.37 -10.49 10.86
CE MSE A 247 -5.30 -10.10 12.43
N ALA A 248 -10.77 -13.47 9.87
CA ALA A 248 -11.21 -14.31 8.77
C ALA A 248 -12.65 -14.05 8.36
N TYR A 249 -13.55 -13.88 9.34
CA TYR A 249 -14.98 -13.69 9.05
C TYR A 249 -15.23 -12.41 8.27
N THR A 250 -14.60 -11.32 8.72
CA THR A 250 -14.63 -10.03 8.03
C THR A 250 -14.16 -10.17 6.58
N PHE A 251 -13.19 -11.06 6.35
CA PHE A 251 -12.73 -11.32 4.99
C PHE A 251 -13.76 -12.16 4.24
N LYS A 252 -14.33 -13.15 4.94
CA LYS A 252 -15.24 -14.10 4.31
C LYS A 252 -16.57 -13.47 3.91
N LYS A 253 -17.03 -12.47 4.66
CA LYS A 253 -18.29 -11.83 4.31
C LYS A 253 -18.10 -10.89 3.12
N VAL A 254 -17.00 -10.13 3.11
CA VAL A 254 -16.71 -9.20 2.02
C VAL A 254 -16.42 -9.93 0.70
N LEU A 255 -15.62 -10.99 0.76
CA LEU A 255 -15.14 -11.63 -0.46
C LEU A 255 -16.00 -12.78 -0.97
N ASN A 256 -16.70 -13.48 -0.07
CA ASN A 256 -17.39 -14.70 -0.45
C ASN A 256 -18.88 -14.63 -0.13
N ASN A 257 -19.29 -13.49 0.41
CA ASN A 257 -20.68 -13.22 0.76
C ASN A 257 -21.16 -14.24 1.79
N MSE A 258 -20.31 -14.51 2.78
CA MSE A 258 -20.54 -15.61 3.71
C MSE A 258 -21.60 -15.24 4.69
O MSE A 258 -21.63 -14.12 5.20
CB MSE A 258 -19.24 -16.01 4.44
CG MSE A 258 -19.39 -17.28 5.32
SE MSE A 258 -17.80 -17.90 6.31
CE MSE A 258 -18.72 -18.61 7.88
N LYS A 259 -22.50 -16.18 4.96
CA LYS A 259 -23.43 -16.05 6.07
C LYS A 259 -22.64 -16.35 7.33
N ILE A 260 -22.46 -15.30 8.13
CA ILE A 260 -21.40 -15.18 9.12
C ILE A 260 -21.90 -15.40 10.56
N GLY A 261 -23.21 -15.38 10.77
CA GLY A 261 -23.80 -15.57 12.09
C GLY A 261 -23.64 -14.36 13.01
N THR A 262 -23.34 -14.63 14.28
CA THR A 262 -23.07 -13.58 15.27
C THR A 262 -21.57 -13.32 15.37
N SER A 263 -20.81 -13.90 14.45
CA SER A 263 -19.36 -13.86 14.55
C SER A 263 -18.83 -12.43 14.52
N LEU A 264 -17.59 -12.27 14.98
CA LEU A 264 -16.93 -10.97 15.01
C LEU A 264 -16.88 -10.35 13.63
N PHE A 265 -17.56 -9.22 13.47
CA PHE A 265 -17.42 -8.41 12.28
C PHE A 265 -16.72 -7.09 12.60
N ASP A 266 -15.69 -6.78 11.82
CA ASP A 266 -14.95 -5.54 11.91
C ASP A 266 -15.51 -4.57 10.89
N GLU A 267 -16.35 -3.64 11.35
CA GLU A 267 -16.95 -2.65 10.47
C GLU A 267 -15.89 -1.72 9.90
N ALA A 268 -14.99 -1.27 10.75
CA ALA A 268 -13.86 -0.45 10.30
C ALA A 268 -12.99 -1.19 9.29
N GLY A 269 -12.77 -2.48 9.53
CA GLY A 269 -11.87 -3.28 8.69
C GLY A 269 -12.43 -3.78 7.37
N SER A 270 -13.74 -3.97 7.31
CA SER A 270 -14.38 -4.50 6.11
C SER A 270 -14.18 -3.55 4.94
N LYS A 271 -14.00 -2.28 5.25
CA LYS A 271 -13.84 -1.23 4.24
C LYS A 271 -12.46 -1.26 3.59
N ILE A 272 -11.58 -2.13 4.08
CA ILE A 272 -10.21 -2.20 3.61
C ILE A 272 -9.86 -3.58 3.03
N VAL A 273 -10.71 -4.56 3.25
CA VAL A 273 -10.50 -5.91 2.72
C VAL A 273 -10.22 -5.86 1.21
N GLY A 274 -11.05 -5.14 0.46
CA GLY A 274 -10.82 -4.89 -0.97
C GLY A 274 -9.40 -4.46 -1.29
N GLU A 275 -8.98 -3.31 -0.77
CA GLU A 275 -7.64 -2.77 -0.97
C GLU A 275 -6.52 -3.79 -0.70
N ILE A 276 -6.74 -4.68 0.28
CA ILE A 276 -5.75 -5.68 0.68
C ILE A 276 -5.61 -6.76 -0.38
N MSE A 277 -6.74 -7.25 -0.87
CA MSE A 277 -6.75 -8.35 -1.84
C MSE A 277 -6.23 -7.91 -3.21
O MSE A 277 -5.61 -8.70 -3.94
CB MSE A 277 -8.14 -8.99 -1.96
CG MSE A 277 -8.63 -9.69 -0.67
SE MSE A 277 -7.52 -11.17 0.09
CE MSE A 277 -7.32 -12.30 -1.51
N GLU A 278 -6.47 -6.64 -3.54
CA GLU A 278 -5.86 -6.03 -4.74
C GLU A 278 -4.32 -6.03 -4.64
N LYS A 279 -3.78 -5.61 -3.50
CA LYS A 279 -2.34 -5.56 -3.31
C LYS A 279 -1.74 -6.97 -3.22
N ALA A 280 -2.48 -7.88 -2.60
CA ALA A 280 -2.03 -9.26 -2.49
C ALA A 280 -1.89 -9.89 -3.88
N LYS A 281 -2.87 -9.64 -4.75
CA LYS A 281 -2.81 -10.10 -6.14
C LYS A 281 -1.71 -9.36 -6.93
N ALA A 282 -1.71 -8.04 -6.86
CA ALA A 282 -0.63 -7.25 -7.45
C ALA A 282 0.74 -7.80 -7.09
N LYS A 283 0.96 -8.09 -5.81
CA LYS A 283 2.28 -8.52 -5.32
C LYS A 283 2.50 -10.02 -5.42
N ASN A 284 1.54 -10.71 -6.02
CA ASN A 284 1.57 -12.16 -6.17
C ASN A 284 1.77 -12.94 -4.86
N VAL A 285 1.05 -12.50 -3.82
CA VAL A 285 1.08 -13.18 -2.53
C VAL A 285 -0.13 -14.08 -2.42
N GLN A 286 0.09 -15.38 -2.22
CA GLN A 286 -1.00 -16.32 -1.97
C GLN A 286 -1.66 -16.02 -0.61
N ILE A 287 -2.98 -15.87 -0.60
CA ILE A 287 -3.72 -15.63 0.64
C ILE A 287 -4.50 -16.88 0.99
N PHE A 288 -4.42 -17.31 2.25
CA PHE A 288 -5.09 -18.53 2.71
C PHE A 288 -6.09 -18.21 3.83
N LEU A 289 -7.36 -18.55 3.61
CA LEU A 289 -8.43 -18.22 4.56
C LEU A 289 -9.18 -19.48 4.94
N PRO A 290 -9.62 -19.59 6.21
CA PRO A 290 -10.28 -20.84 6.61
C PRO A 290 -11.50 -21.16 5.74
N VAL A 291 -11.73 -22.44 5.48
CA VAL A 291 -12.80 -22.89 4.58
C VAL A 291 -13.95 -23.63 5.28
N ASP A 292 -13.70 -23.99 6.54
CA ASP A 292 -14.72 -24.50 7.46
C ASP A 292 -14.41 -23.98 8.86
N PHE A 293 -15.36 -24.11 9.78
CA PHE A 293 -15.24 -23.47 11.10
C PHE A 293 -15.85 -24.30 12.23
N LYS A 294 -15.33 -24.11 13.44
CA LYS A 294 -16.01 -24.59 14.65
C LYS A 294 -16.83 -23.45 15.21
N ILE A 295 -18.14 -23.66 15.25
CA ILE A 295 -19.08 -22.62 15.66
C ILE A 295 -19.77 -23.02 16.95
N ALA A 296 -20.04 -22.04 17.81
CA ALA A 296 -20.76 -22.27 19.08
C ALA A 296 -22.08 -21.50 19.14
N ASP A 297 -22.99 -21.92 20.02
CA ASP A 297 -24.24 -21.15 20.24
C ASP A 297 -24.13 -20.11 21.35
N ASN A 298 -22.92 -19.91 21.86
CA ASN A 298 -22.64 -18.96 22.93
C ASN A 298 -21.13 -18.72 23.07
N PHE A 299 -20.73 -17.49 23.37
CA PHE A 299 -19.29 -17.19 23.55
C PHE A 299 -18.85 -17.68 24.92
N ASP A 300 -18.67 -18.99 25.03
CA ASP A 300 -18.37 -19.65 26.29
C ASP A 300 -17.74 -20.99 25.99
N ASN A 301 -16.72 -21.36 26.76
CA ASN A 301 -16.23 -22.72 26.76
C ASN A 301 -17.42 -23.61 27.11
N ASN A 302 -17.35 -24.87 26.74
CA ASN A 302 -18.46 -25.81 27.02
C ASN A 302 -19.84 -25.24 26.63
N ALA A 303 -19.91 -24.63 25.46
CA ALA A 303 -21.18 -24.31 24.81
C ALA A 303 -21.48 -25.42 23.81
N ASN A 304 -22.56 -25.26 23.06
CA ASN A 304 -22.90 -26.22 22.01
C ASN A 304 -22.09 -25.92 20.76
N THR A 305 -21.46 -26.95 20.23
CA THR A 305 -20.59 -26.76 19.09
C THR A 305 -20.89 -27.75 17.97
N LYS A 306 -20.72 -27.28 16.74
CA LYS A 306 -20.86 -28.10 15.55
C LYS A 306 -19.94 -27.52 14.48
N PHE A 307 -19.89 -28.14 13.31
CA PHE A 307 -19.00 -27.71 12.25
C PHE A 307 -19.71 -27.34 10.95
N VAL A 308 -19.25 -26.27 10.31
CA VAL A 308 -19.83 -25.82 9.04
C VAL A 308 -18.74 -25.32 8.09
N THR A 309 -18.97 -25.54 6.80
CA THR A 309 -18.13 -24.96 5.74
C THR A 309 -18.59 -23.53 5.43
N ASP A 310 -17.70 -22.71 4.88
CA ASP A 310 -18.02 -21.34 4.50
C ASP A 310 -19.18 -21.28 3.52
N GLU A 311 -19.31 -22.32 2.70
CA GLU A 311 -20.43 -22.48 1.78
C GLU A 311 -21.74 -22.77 2.51
N GLU A 312 -21.71 -23.71 3.46
CA GLU A 312 -22.89 -23.97 4.29
C GLU A 312 -23.31 -22.71 5.04
N GLY A 313 -22.32 -21.97 5.53
CA GLY A 313 -22.56 -20.74 6.27
C GLY A 313 -22.96 -21.02 7.72
N ILE A 314 -22.81 -20.00 8.56
CA ILE A 314 -23.14 -20.11 9.97
C ILE A 314 -24.61 -19.75 10.19
N PRO A 315 -25.38 -20.65 10.82
CA PRO A 315 -26.77 -20.34 11.14
C PRO A 315 -26.86 -19.11 12.03
N ASP A 316 -27.99 -18.41 11.96
CA ASP A 316 -28.20 -17.20 12.76
C ASP A 316 -28.04 -17.49 14.26
N ASN A 317 -27.52 -16.51 15.00
CA ASN A 317 -27.32 -16.63 16.46
C ASN A 317 -26.23 -17.63 16.88
N TRP A 318 -25.44 -18.08 15.91
CA TRP A 318 -24.27 -18.92 16.17
C TRP A 318 -23.04 -18.15 15.73
N MSE A 319 -21.89 -18.47 16.32
CA MSE A 319 -20.69 -17.72 16.01
C MSE A 319 -19.50 -18.62 15.80
O MSE A 319 -19.34 -19.63 16.47
CB MSE A 319 -20.39 -16.71 17.09
CG MSE A 319 -19.97 -17.33 18.42
SE MSE A 319 -19.93 -16.05 19.86
CE MSE A 319 -21.83 -15.54 19.89
N GLY A 320 -18.65 -18.25 14.86
CA GLY A 320 -17.43 -18.97 14.61
C GLY A 320 -16.42 -18.56 15.65
N LEU A 321 -15.86 -19.54 16.34
CA LEU A 321 -14.87 -19.29 17.38
C LEU A 321 -13.52 -19.97 17.12
N ASP A 322 -13.50 -20.93 16.19
CA ASP A 322 -12.25 -21.58 15.79
C ASP A 322 -12.32 -22.15 14.37
N ALA A 323 -11.15 -22.35 13.78
CA ALA A 323 -11.04 -22.98 12.47
C ALA A 323 -11.49 -24.46 12.51
N GLY A 324 -12.11 -24.93 11.44
CA GLY A 324 -12.60 -26.30 11.36
C GLY A 324 -11.53 -27.29 10.94
N PRO A 325 -11.88 -28.60 10.92
CA PRO A 325 -10.90 -29.67 10.69
C PRO A 325 -10.23 -29.63 9.33
N LYS A 326 -10.95 -29.26 8.28
CA LYS A 326 -10.35 -29.22 6.94
C LYS A 326 -9.37 -28.07 6.75
N SER A 327 -9.65 -26.93 7.37
CA SER A 327 -8.76 -25.79 7.37
C SER A 327 -7.51 -26.09 8.16
N ILE A 328 -7.67 -26.75 9.31
CA ILE A 328 -6.55 -27.18 10.15
C ILE A 328 -5.64 -28.15 9.40
N GLU A 329 -6.25 -29.17 8.79
CA GLU A 329 -5.56 -30.08 7.89
C GLU A 329 -4.81 -29.31 6.79
N ASN A 330 -5.44 -28.23 6.32
CA ASN A 330 -4.92 -27.44 5.22
C ASN A 330 -3.70 -26.60 5.56
N TYR A 331 -3.38 -26.51 6.85
CA TYR A 331 -2.19 -25.79 7.32
C TYR A 331 -0.93 -26.53 6.92
N LYS A 332 -0.98 -27.85 6.95
CA LYS A 332 0.19 -28.69 6.65
C LYS A 332 1.01 -28.16 5.47
N ASP A 333 0.39 -28.10 4.29
CA ASP A 333 1.10 -27.77 3.04
C ASP A 333 1.59 -26.34 2.99
N VAL A 334 0.88 -25.42 3.63
CA VAL A 334 1.29 -24.02 3.65
C VAL A 334 2.52 -23.85 4.54
N ILE A 335 2.42 -24.33 5.78
CA ILE A 335 3.50 -24.18 6.76
C ILE A 335 4.73 -25.06 6.48
N LEU A 336 4.52 -26.36 6.28
CA LEU A 336 5.63 -27.31 6.12
C LEU A 336 6.47 -27.12 4.85
N THR A 337 5.96 -26.34 3.90
CA THR A 337 6.70 -26.04 2.66
C THR A 337 7.37 -24.67 2.72
N SER A 338 7.21 -23.97 3.83
CA SER A 338 7.84 -22.67 3.98
C SER A 338 9.23 -22.80 4.57
N LYS A 339 10.13 -21.94 4.11
CA LYS A 339 11.50 -21.95 4.59
C LYS A 339 11.71 -20.86 5.63
N THR A 340 10.77 -19.92 5.71
CA THR A 340 10.77 -18.90 6.78
C THR A 340 9.34 -18.44 7.12
N VAL A 341 9.01 -18.49 8.41
CA VAL A 341 7.66 -18.20 8.90
C VAL A 341 7.64 -17.03 9.88
N ILE A 342 6.79 -16.03 9.61
CA ILE A 342 6.52 -14.99 10.60
C ILE A 342 5.12 -15.20 11.12
N TRP A 343 4.99 -15.32 12.45
CA TRP A 343 3.70 -15.61 13.06
C TRP A 343 3.30 -14.61 14.14
N ASN A 344 2.23 -13.86 13.84
CA ASN A 344 1.69 -12.89 14.77
C ASN A 344 0.18 -12.91 14.81
N GLY A 345 -0.37 -13.92 15.49
CA GLY A 345 -1.80 -14.00 15.79
C GLY A 345 -2.27 -15.44 15.94
N PRO A 346 -3.08 -15.71 16.99
CA PRO A 346 -3.67 -17.03 17.18
C PRO A 346 -4.81 -17.23 16.20
N GLN A 347 -5.05 -18.49 15.87
CA GLN A 347 -6.00 -18.84 14.83
C GLN A 347 -7.40 -19.09 15.37
N GLY A 348 -7.65 -18.63 16.58
CA GLY A 348 -8.94 -18.80 17.23
C GLY A 348 -8.90 -18.36 18.67
N VAL A 349 -10.01 -18.58 19.37
CA VAL A 349 -10.11 -18.23 20.79
C VAL A 349 -9.45 -19.31 21.68
N PHE A 350 -8.11 -19.29 21.67
CA PHE A 350 -7.30 -20.37 22.22
C PHE A 350 -7.35 -20.44 23.77
N GLU A 351 -7.89 -19.39 24.39
CA GLU A 351 -8.03 -19.29 25.84
C GLU A 351 -9.13 -20.22 26.35
N MSE A 352 -9.92 -20.73 25.41
CA MSE A 352 -10.95 -21.73 25.70
C MSE A 352 -10.52 -23.02 25.04
O MSE A 352 -10.42 -23.08 23.81
CB MSE A 352 -12.31 -21.27 25.17
CG MSE A 352 -12.85 -20.06 25.89
SE MSE A 352 -14.42 -19.33 25.00
CE MSE A 352 -14.63 -17.71 26.09
N PRO A 353 -10.25 -24.06 25.85
CA PRO A 353 -9.80 -25.37 25.38
C PRO A 353 -10.58 -25.88 24.18
N ASN A 354 -11.90 -25.74 24.21
CA ASN A 354 -12.75 -26.19 23.11
C ASN A 354 -12.50 -25.53 21.76
N PHE A 355 -11.89 -24.33 21.78
CA PHE A 355 -11.65 -23.52 20.57
C PHE A 355 -10.16 -23.21 20.38
N ALA A 356 -9.31 -24.15 20.79
CA ALA A 356 -7.87 -23.94 20.78
C ALA A 356 -7.18 -24.91 19.83
N LYS A 357 -7.96 -25.82 19.24
CA LYS A 357 -7.42 -26.88 18.41
C LYS A 357 -6.67 -26.30 17.20
N GLY A 358 -7.22 -25.23 16.64
CA GLY A 358 -6.57 -24.47 15.57
C GLY A 358 -5.18 -23.98 15.92
N SER A 359 -5.08 -23.07 16.88
CA SER A 359 -3.81 -22.46 17.26
C SER A 359 -2.73 -23.47 17.72
N ILE A 360 -3.17 -24.51 18.44
CA ILE A 360 -2.27 -25.54 18.97
C ILE A 360 -1.67 -26.33 17.82
N GLU A 361 -2.55 -26.77 16.92
CA GLU A 361 -2.17 -27.58 15.78
C GLU A 361 -1.35 -26.75 14.79
N CYS A 362 -1.56 -25.45 14.80
CA CYS A 362 -0.73 -24.53 14.05
C CYS A 362 0.67 -24.56 14.65
N LEU A 363 0.74 -24.38 15.97
CA LEU A 363 1.99 -24.32 16.71
C LEU A 363 2.87 -25.55 16.48
N ASN A 364 2.27 -26.73 16.52
CA ASN A 364 3.00 -27.97 16.31
C ASN A 364 3.63 -28.00 14.92
N LEU A 365 2.90 -27.50 13.93
CA LEU A 365 3.40 -27.39 12.56
C LEU A 365 4.51 -26.36 12.43
N VAL A 366 4.46 -25.29 13.21
CA VAL A 366 5.56 -24.31 13.22
C VAL A 366 6.78 -24.93 13.92
N VAL A 367 6.53 -25.75 14.93
CA VAL A 367 7.61 -26.47 15.61
C VAL A 367 8.26 -27.46 14.64
N GLU A 368 7.41 -28.14 13.88
CA GLU A 368 7.84 -29.15 12.92
C GLU A 368 8.66 -28.58 11.77
N VAL A 369 8.38 -27.35 11.33
CA VAL A 369 9.11 -26.78 10.18
C VAL A 369 10.44 -26.18 10.62
N THR A 370 10.49 -25.73 11.87
CA THR A 370 11.76 -25.25 12.42
C THR A 370 12.79 -26.37 12.38
N LYS A 371 12.39 -27.57 12.79
CA LYS A 371 13.27 -28.75 12.80
C LYS A 371 13.64 -29.16 11.37
N LYS A 372 12.71 -28.97 10.44
CA LYS A 372 12.98 -29.19 9.01
C LYS A 372 14.00 -28.17 8.46
N GLY A 373 14.40 -27.22 9.30
CA GLY A 373 15.44 -26.25 8.95
C GLY A 373 14.97 -24.84 8.61
N ALA A 374 13.76 -24.48 9.03
CA ALA A 374 13.20 -23.16 8.74
C ALA A 374 13.39 -22.17 9.88
N ILE A 375 13.36 -20.89 9.54
CA ILE A 375 13.50 -19.87 10.53
C ILE A 375 12.12 -19.35 10.89
N THR A 376 11.73 -19.61 12.14
CA THR A 376 10.41 -19.24 12.64
C THR A 376 10.47 -18.13 13.67
N ILE A 377 9.61 -17.13 13.52
CA ILE A 377 9.56 -15.99 14.43
C ILE A 377 8.14 -15.79 14.97
N VAL A 378 8.02 -15.63 16.28
CA VAL A 378 6.73 -15.34 16.88
C VAL A 378 6.69 -13.87 17.27
N GLY A 379 5.90 -13.08 16.53
CA GLY A 379 5.70 -11.66 16.81
C GLY A 379 5.23 -11.52 18.24
N GLY A 380 4.18 -12.29 18.55
CA GLY A 380 3.85 -12.57 19.93
C GLY A 380 3.01 -11.52 20.62
N GLY A 381 3.24 -11.40 21.91
CA GLY A 381 2.24 -10.82 22.79
C GLY A 381 1.26 -11.93 23.11
N ASP A 382 0.22 -12.04 22.28
CA ASP A 382 -0.85 -13.00 22.49
C ASP A 382 -0.45 -14.37 21.96
N THR A 383 0.33 -14.35 20.90
CA THR A 383 0.84 -15.54 20.25
C THR A 383 1.95 -16.12 21.11
N ALA A 384 2.62 -15.23 21.87
CA ALA A 384 3.70 -15.60 22.76
C ALA A 384 3.18 -16.41 23.95
N SER A 385 2.10 -15.92 24.56
CA SER A 385 1.54 -16.58 25.73
C SER A 385 1.05 -18.00 25.45
N LEU A 386 0.70 -18.27 24.20
CA LEU A 386 0.37 -19.63 23.77
C LEU A 386 1.63 -20.51 23.78
N VAL A 387 2.69 -20.01 23.14
CA VAL A 387 3.97 -20.70 23.12
C VAL A 387 4.48 -20.94 24.55
N GLU A 388 4.28 -19.97 25.43
CA GLU A 388 4.55 -20.10 26.86
C GLU A 388 3.70 -21.19 27.50
N GLN A 389 2.39 -21.09 27.32
CA GLN A 389 1.47 -22.07 27.88
C GLN A 389 1.82 -23.49 27.46
N GLN A 390 2.25 -23.65 26.22
CA GLN A 390 2.63 -24.95 25.68
C GLN A 390 4.07 -25.28 26.03
N ASN A 391 4.77 -24.27 26.53
CA ASN A 391 6.19 -24.38 26.91
C ASN A 391 7.08 -24.81 25.76
N LYS A 392 6.87 -24.24 24.58
CA LYS A 392 7.60 -24.64 23.38
C LYS A 392 8.47 -23.50 22.83
N LYS A 393 8.77 -22.55 23.69
CA LYS A 393 9.60 -21.37 23.38
C LYS A 393 10.96 -21.74 22.81
N ASN A 394 11.38 -22.98 23.02
CA ASN A 394 12.68 -23.41 22.57
C ASN A 394 12.67 -24.03 21.19
N GLU A 395 11.49 -24.53 20.81
CA GLU A 395 11.30 -25.24 19.55
C GLU A 395 11.11 -24.29 18.38
N ILE A 396 11.11 -23.00 18.69
CA ILE A 396 10.99 -21.93 17.71
C ILE A 396 12.31 -21.19 17.61
N SER A 397 12.71 -20.86 16.38
CA SER A 397 13.93 -20.07 16.15
C SER A 397 14.00 -18.84 17.06
N HIS A 398 12.94 -18.04 17.06
CA HIS A 398 12.91 -16.79 17.81
C HIS A 398 11.50 -16.44 18.23
N VAL A 399 11.29 -16.29 19.53
CA VAL A 399 10.05 -15.74 20.05
C VAL A 399 10.39 -14.32 20.52
N SER A 400 9.96 -13.34 19.74
CA SER A 400 10.36 -11.95 19.99
C SER A 400 9.85 -11.52 21.36
N THR A 401 10.78 -10.99 22.14
CA THR A 401 10.54 -10.58 23.52
C THR A 401 10.16 -9.10 23.58
N GLY A 402 9.36 -8.68 22.60
CA GLY A 402 8.99 -7.28 22.47
C GLY A 402 7.59 -7.08 21.96
N GLY A 403 6.84 -6.21 22.63
CA GLY A 403 5.46 -5.93 22.25
C GLY A 403 5.37 -5.06 21.00
N GLY A 404 5.32 -3.74 21.21
CA GLY A 404 5.13 -2.76 20.14
C GLY A 404 6.32 -2.55 19.22
N ALA A 405 7.51 -2.77 19.74
CA ALA A 405 8.72 -2.66 18.93
C ALA A 405 8.79 -3.72 17.84
N SER A 406 8.24 -4.91 18.10
CA SER A 406 8.26 -5.96 17.09
C SER A 406 7.13 -5.73 16.09
N LEU A 407 6.01 -5.18 16.58
CA LEU A 407 4.90 -4.82 15.71
C LEU A 407 5.29 -3.70 14.75
N GLU A 408 5.89 -2.63 15.27
CA GLU A 408 6.26 -1.47 14.46
C GLU A 408 7.35 -1.80 13.45
N LEU A 409 8.16 -2.80 13.78
CA LEU A 409 9.17 -3.27 12.84
C LEU A 409 8.49 -4.02 11.72
N LEU A 410 7.53 -4.89 12.07
CA LEU A 410 6.78 -5.66 11.10
C LEU A 410 5.76 -4.79 10.34
N GLU A 411 5.51 -3.59 10.86
CA GLU A 411 4.69 -2.59 10.16
C GLU A 411 5.53 -1.74 9.21
N GLY A 412 6.85 -1.96 9.23
CA GLY A 412 7.78 -1.30 8.31
C GLY A 412 8.30 0.04 8.80
N LYS A 413 8.14 0.31 10.09
CA LYS A 413 8.62 1.54 10.70
C LYS A 413 10.09 1.43 11.12
N GLU A 414 10.63 2.49 11.72
CA GLU A 414 12.08 2.66 11.72
C GLU A 414 12.85 2.26 12.99
N LEU A 415 12.22 2.45 14.15
CA LEU A 415 12.83 2.02 15.42
C LEU A 415 14.03 2.88 15.81
N PRO A 416 13.77 4.06 16.39
CA PRO A 416 14.82 4.97 16.82
C PRO A 416 15.94 4.30 17.62
N GLY A 417 15.57 3.49 18.61
CA GLY A 417 16.55 2.78 19.43
C GLY A 417 17.62 2.09 18.62
N VAL A 418 17.20 1.44 17.54
CA VAL A 418 18.10 0.74 16.63
C VAL A 418 18.98 1.72 15.88
N LEU A 419 18.36 2.65 15.16
CA LEU A 419 19.08 3.67 14.40
C LEU A 419 20.21 4.32 15.19
N ALA A 420 20.02 4.46 16.51
CA ALA A 420 20.95 5.17 17.36
C ALA A 420 22.20 4.36 17.73
N LEU A 421 22.22 3.09 17.37
CA LEU A 421 23.40 2.25 17.62
C LEU A 421 24.47 2.48 16.54
N SER A 422 25.73 2.25 16.90
CA SER A 422 26.86 2.39 15.95
C SER A 422 26.88 1.26 14.90
N ASN A 423 27.73 1.41 13.88
CA ASN A 423 27.82 0.40 12.80
C ASN A 423 29.06 -0.49 12.87
N HIS B 9 -12.14 8.53 0.85
CA HIS B 9 -11.82 7.60 1.97
C HIS B 9 -12.04 8.28 3.33
N LEU B 10 -11.92 9.60 3.34
CA LEU B 10 -11.84 10.40 4.57
C LEU B 10 -12.89 11.51 4.67
N GLY B 11 -13.46 11.90 3.53
CA GLY B 11 -14.39 13.01 3.48
C GLY B 11 -15.78 12.68 2.99
N ASN B 12 -16.07 11.39 2.85
CA ASN B 12 -17.40 10.94 2.43
C ASN B 12 -18.17 10.24 3.57
N LYS B 13 -17.91 10.65 4.80
CA LYS B 13 -18.54 10.04 5.98
C LYS B 13 -19.85 10.70 6.38
N LEU B 14 -20.78 9.90 6.89
CA LEU B 14 -22.08 10.40 7.33
C LEU B 14 -21.95 11.27 8.57
N SER B 15 -22.63 12.41 8.53
CA SER B 15 -22.52 13.42 9.57
C SER B 15 -23.85 13.70 10.26
N ILE B 16 -23.78 14.24 11.47
CA ILE B 16 -24.98 14.57 12.26
C ILE B 16 -25.94 15.50 11.52
N SER B 17 -25.40 16.41 10.71
CA SER B 17 -26.20 17.38 9.95
C SER B 17 -26.75 16.77 8.67
N ASP B 18 -27.19 15.52 8.76
CA ASP B 18 -27.84 14.81 7.65
C ASP B 18 -28.81 13.73 8.15
N LEU B 19 -28.77 13.47 9.46
CA LEU B 19 -29.59 12.44 10.07
C LEU B 19 -31.05 12.85 10.10
N LYS B 20 -31.72 12.69 8.96
CA LYS B 20 -33.13 13.05 8.83
C LYS B 20 -33.93 12.25 9.85
N ASP B 21 -34.83 12.94 10.53
CA ASP B 21 -35.65 12.37 11.60
C ASP B 21 -34.82 11.48 12.57
N ILE B 22 -34.23 12.13 13.58
CA ILE B 22 -33.71 11.44 14.77
C ILE B 22 -34.66 11.67 15.94
N LYS B 23 -35.83 12.20 15.63
CA LYS B 23 -36.87 12.52 16.58
C LYS B 23 -37.32 11.28 17.35
N ASN B 24 -37.42 11.43 18.68
CA ASN B 24 -37.85 10.38 19.60
C ASN B 24 -36.98 9.12 19.63
N LYS B 25 -35.72 9.25 19.21
CA LYS B 25 -34.78 8.11 19.21
C LYS B 25 -33.62 8.32 20.18
N LYS B 26 -33.16 7.22 20.77
CA LYS B 26 -32.08 7.25 21.75
C LYS B 26 -30.73 7.39 21.06
N VAL B 27 -29.96 8.40 21.50
CA VAL B 27 -28.71 8.75 20.85
C VAL B 27 -27.52 8.63 21.78
N LEU B 28 -26.56 7.80 21.40
CA LEU B 28 -25.31 7.63 22.12
C LEU B 28 -24.21 8.45 21.45
N VAL B 29 -23.63 9.38 22.20
CA VAL B 29 -22.60 10.26 21.65
C VAL B 29 -21.29 9.99 22.39
N ARG B 30 -20.29 9.54 21.64
CA ARG B 30 -18.96 9.38 22.19
C ARG B 30 -18.28 10.73 22.07
N VAL B 31 -17.92 11.30 23.21
CA VAL B 31 -17.30 12.64 23.28
C VAL B 31 -15.92 12.59 23.90
N ASP B 32 -15.18 13.69 23.77
CA ASP B 32 -13.86 13.82 24.36
C ASP B 32 -13.91 14.73 25.59
N PHE B 33 -13.88 14.15 26.78
CA PHE B 33 -13.96 14.93 28.03
C PHE B 33 -12.67 14.89 28.88
N ASN B 34 -11.54 14.57 28.26
CA ASN B 34 -10.26 14.43 28.96
C ASN B 34 -9.74 15.80 29.45
N VAL B 35 -10.46 16.36 30.41
CA VAL B 35 -10.21 17.74 30.84
C VAL B 35 -9.29 17.84 32.05
N PRO B 36 -8.52 18.94 32.15
CA PRO B 36 -7.76 19.24 33.35
C PRO B 36 -8.68 19.44 34.55
N ILE B 37 -8.41 18.70 35.61
CA ILE B 37 -9.14 18.80 36.87
C ILE B 37 -8.10 18.97 37.97
N GLU B 38 -8.46 19.70 39.03
CA GLU B 38 -7.58 19.99 40.15
C GLU B 38 -8.43 20.17 41.41
N ASN B 39 -8.32 19.20 42.31
CA ASN B 39 -9.17 19.11 43.51
C ASN B 39 -10.68 19.22 43.21
N GLY B 40 -11.12 18.46 42.21
CA GLY B 40 -12.55 18.38 41.86
C GLY B 40 -13.13 19.55 41.05
N ILE B 41 -12.28 20.52 40.71
CA ILE B 41 -12.68 21.73 40.00
C ILE B 41 -12.04 21.75 38.60
N ILE B 42 -12.86 21.74 37.56
CA ILE B 42 -12.35 21.69 36.19
C ILE B 42 -11.58 22.96 35.79
N LYS B 43 -10.29 22.79 35.56
CA LYS B 43 -9.37 23.91 35.32
C LYS B 43 -9.57 24.54 33.95
N ASP B 44 -10.05 23.75 33.00
CA ASP B 44 -10.22 24.23 31.63
C ASP B 44 -11.43 23.58 31.00
N THR B 45 -12.40 24.41 30.66
CA THR B 45 -13.71 23.96 30.30
C THR B 45 -13.90 23.85 28.78
N ASN B 46 -12.82 24.05 28.02
CA ASN B 46 -12.87 24.21 26.56
C ASN B 46 -13.44 23.02 25.78
N ARG B 47 -12.99 21.81 26.10
CA ARG B 47 -13.70 20.59 25.69
C ARG B 47 -14.97 20.58 26.54
N ILE B 48 -16.01 19.91 26.05
CA ILE B 48 -17.34 19.96 26.69
C ILE B 48 -18.11 21.22 26.30
N THR B 49 -17.42 22.36 26.32
CA THR B 49 -17.91 23.58 25.70
C THR B 49 -18.05 23.31 24.21
N ALA B 50 -17.02 22.71 23.63
CA ALA B 50 -17.02 22.33 22.22
C ALA B 50 -18.07 21.27 21.90
N THR B 51 -18.55 20.58 22.93
CA THR B 51 -19.52 19.49 22.74
C THR B 51 -20.97 19.98 22.58
N LEU B 52 -21.23 21.21 23.02
CA LEU B 52 -22.60 21.72 23.08
C LEU B 52 -23.35 21.77 21.75
N PRO B 53 -22.72 22.32 20.68
CA PRO B 53 -23.39 22.38 19.37
C PRO B 53 -23.96 21.05 18.87
N THR B 54 -23.32 19.93 19.19
CA THR B 54 -23.84 18.62 18.81
C THR B 54 -24.91 18.16 19.79
N ILE B 55 -24.65 18.33 21.08
CA ILE B 55 -25.68 18.04 22.09
C ILE B 55 -26.96 18.83 21.80
N ASN B 56 -26.80 20.10 21.44
CA ASN B 56 -27.91 21.00 21.21
C ASN B 56 -28.74 20.67 19.97
N HIS B 57 -28.07 20.39 18.85
CA HIS B 57 -28.74 19.96 17.62
C HIS B 57 -29.54 18.68 17.85
N LEU B 58 -29.08 17.82 18.74
CA LEU B 58 -29.81 16.62 19.08
C LEU B 58 -31.06 16.96 19.89
N LYS B 59 -30.92 17.92 20.81
CA LYS B 59 -32.02 18.41 21.62
C LYS B 59 -33.13 18.93 20.71
N LYS B 60 -32.81 19.97 19.94
CA LYS B 60 -33.79 20.68 19.13
C LYS B 60 -34.37 19.79 18.03
N GLU B 61 -33.76 18.64 17.80
CA GLU B 61 -34.15 17.76 16.70
C GLU B 61 -35.09 16.64 17.14
N GLY B 62 -35.49 16.66 18.41
CA GLY B 62 -36.32 15.59 18.95
C GLY B 62 -35.55 14.83 20.00
N ALA B 63 -35.31 13.55 19.74
CA ALA B 63 -34.39 12.71 20.52
C ALA B 63 -34.84 12.42 21.95
N SER B 64 -35.28 11.19 22.17
CA SER B 64 -35.77 10.78 23.48
C SER B 64 -34.72 10.91 24.55
N LYS B 65 -33.53 10.37 24.31
CA LYS B 65 -32.43 10.45 25.27
C LYS B 65 -31.11 10.81 24.60
N ILE B 66 -30.20 11.43 25.36
CA ILE B 66 -28.86 11.75 24.87
C ILE B 66 -27.81 11.20 25.83
N ILE B 67 -27.32 10.01 25.51
CA ILE B 67 -26.36 9.28 26.35
C ILE B 67 -24.94 9.66 25.98
N LEU B 68 -24.19 10.14 26.97
CA LEU B 68 -22.83 10.59 26.74
C LEU B 68 -21.81 9.66 27.39
N ILE B 69 -20.90 9.13 26.57
CA ILE B 69 -19.81 8.27 27.01
C ILE B 69 -18.47 8.87 26.59
N SER B 70 -17.51 8.88 27.50
CA SER B 70 -16.19 9.42 27.22
C SER B 70 -15.13 8.81 28.14
N HIS B 71 -13.88 9.27 28.00
CA HIS B 71 -12.85 8.96 28.99
C HIS B 71 -12.15 10.20 29.55
N CYS B 72 -11.53 10.02 30.71
CA CYS B 72 -10.71 11.05 31.35
C CYS B 72 -9.45 10.36 31.84
N GLY B 73 -8.30 10.86 31.37
CA GLY B 73 -6.98 10.33 31.73
C GLY B 73 -6.74 8.89 31.32
N ARG B 74 -5.78 8.24 31.99
CA ARG B 74 -5.48 6.83 31.73
C ARG B 74 -5.62 5.98 33.01
N PRO B 75 -6.87 5.65 33.41
CA PRO B 75 -7.13 4.88 34.64
C PRO B 75 -6.80 3.38 34.53
N ASP B 76 -6.60 2.90 33.30
CA ASP B 76 -6.17 1.51 33.02
C ASP B 76 -7.11 0.43 33.56
N GLY B 77 -8.40 0.57 33.28
CA GLY B 77 -9.37 -0.48 33.59
C GLY B 77 -9.72 -0.68 35.06
N LEU B 78 -9.22 0.20 35.92
CA LEU B 78 -9.59 0.21 37.33
C LEU B 78 -10.35 1.49 37.69
N ARG B 79 -11.29 1.40 38.63
CA ARG B 79 -11.95 2.57 39.19
C ARG B 79 -10.93 3.47 39.89
N ASN B 80 -11.16 4.77 39.86
CA ASN B 80 -10.15 5.74 40.31
C ASN B 80 -10.73 7.14 40.54
N GLU B 81 -10.97 7.47 41.82
CA GLU B 81 -11.46 8.80 42.26
C GLU B 81 -10.85 9.99 41.48
N LYS B 82 -9.59 9.83 41.06
CA LYS B 82 -8.82 10.87 40.38
C LYS B 82 -9.34 11.21 38.98
N TYR B 83 -10.03 10.25 38.36
CA TYR B 83 -10.41 10.36 36.95
C TYR B 83 -11.92 10.21 36.70
N THR B 84 -12.74 10.60 37.67
CA THR B 84 -14.20 10.54 37.57
C THR B 84 -14.70 11.57 36.55
N LEU B 85 -15.82 11.26 35.90
CA LEU B 85 -16.47 12.21 35.01
C LEU B 85 -17.54 13.07 35.72
N LYS B 86 -17.71 12.85 37.02
CA LYS B 86 -18.73 13.54 37.80
C LYS B 86 -18.67 15.07 37.75
N PRO B 87 -17.49 15.68 38.02
CA PRO B 87 -17.41 17.14 37.87
C PRO B 87 -17.78 17.64 36.47
N VAL B 88 -17.70 16.77 35.46
CA VAL B 88 -18.07 17.14 34.09
C VAL B 88 -19.57 17.24 34.00
N ALA B 89 -20.27 16.39 34.76
CA ALA B 89 -21.72 16.45 34.83
C ALA B 89 -22.16 17.78 35.44
N GLU B 90 -21.46 18.22 36.48
CA GLU B 90 -21.75 19.48 37.18
C GLU B 90 -21.74 20.66 36.22
N THR B 91 -20.67 20.72 35.44
CA THR B 91 -20.43 21.76 34.45
C THR B 91 -21.52 21.77 33.39
N LEU B 92 -21.86 20.59 32.89
CA LEU B 92 -22.86 20.46 31.82
C LEU B 92 -24.23 21.01 32.21
N LYS B 93 -24.55 21.00 33.50
CA LYS B 93 -25.81 21.53 34.01
C LYS B 93 -25.87 23.04 33.81
N GLY B 94 -24.77 23.72 34.12
CA GLY B 94 -24.64 25.16 33.92
C GLY B 94 -24.70 25.56 32.46
N LEU B 95 -24.30 24.65 31.59
CA LEU B 95 -24.15 24.93 30.17
C LEU B 95 -25.39 24.57 29.33
N LEU B 96 -26.24 23.72 29.91
CA LEU B 96 -27.46 23.27 29.27
C LEU B 96 -28.72 23.88 29.89
N GLY B 97 -28.60 24.27 31.16
CA GLY B 97 -29.70 24.90 31.87
C GLY B 97 -30.65 23.87 32.42
N GLU B 98 -30.21 22.62 32.45
CA GLU B 98 -31.02 21.54 32.98
C GLU B 98 -30.20 20.58 33.85
N GLU B 99 -30.92 19.73 34.59
CA GLU B 99 -30.30 18.64 35.33
C GLU B 99 -29.72 17.61 34.37
N VAL B 100 -28.50 17.16 34.67
CA VAL B 100 -27.87 16.06 33.94
C VAL B 100 -27.75 14.87 34.88
N LEU B 101 -28.23 13.71 34.42
CA LEU B 101 -28.14 12.47 35.16
C LEU B 101 -26.76 11.87 34.96
N PHE B 102 -26.06 11.61 36.06
CA PHE B 102 -24.76 10.97 36.01
C PHE B 102 -24.80 9.62 36.69
N LEU B 103 -24.61 8.57 35.90
CA LEU B 103 -24.65 7.18 36.40
C LEU B 103 -23.26 6.64 36.64
N ASN B 104 -23.10 5.87 37.72
CA ASN B 104 -21.80 5.35 38.16
C ASN B 104 -21.26 4.17 37.33
N ASP B 105 -22.02 3.73 36.34
CA ASP B 105 -21.57 2.62 35.49
C ASP B 105 -21.91 2.86 34.01
N CYS B 106 -21.15 2.25 33.10
CA CYS B 106 -21.32 2.44 31.64
C CYS B 106 -22.31 1.46 31.00
N VAL B 107 -22.19 0.19 31.37
CA VAL B 107 -22.98 -0.87 30.77
C VAL B 107 -23.76 -1.64 31.83
N GLY B 108 -24.76 -2.40 31.40
CA GLY B 108 -25.54 -3.21 32.32
C GLY B 108 -27.02 -3.23 32.01
N LYS B 109 -27.72 -4.21 32.58
CA LYS B 109 -29.17 -4.31 32.43
C LYS B 109 -29.85 -3.30 33.36
N GLU B 110 -29.07 -2.72 34.28
CA GLU B 110 -29.56 -1.73 35.24
C GLU B 110 -29.42 -0.29 34.74
N VAL B 111 -28.40 -0.01 33.93
CA VAL B 111 -28.20 1.36 33.43
C VAL B 111 -29.16 1.69 32.30
N GLU B 112 -29.45 0.70 31.45
CA GLU B 112 -30.44 0.86 30.38
C GLU B 112 -31.87 0.90 30.96
N ASP B 113 -31.97 0.64 32.26
CA ASP B 113 -33.22 0.74 33.01
C ASP B 113 -33.33 2.07 33.76
N LYS B 114 -32.24 2.82 33.83
CA LYS B 114 -32.26 4.16 34.40
C LYS B 114 -32.26 5.23 33.30
N ILE B 115 -31.76 4.89 32.12
CA ILE B 115 -31.92 5.75 30.95
C ILE B 115 -33.40 5.79 30.59
N ASN B 116 -33.99 4.60 30.39
CA ASN B 116 -35.42 4.47 30.20
C ASN B 116 -36.09 4.86 31.51
N ALA B 117 -37.10 5.73 31.42
CA ALA B 117 -37.69 6.40 32.59
C ALA B 117 -36.67 7.33 33.28
N ALA B 118 -36.09 8.21 32.47
CA ALA B 118 -35.41 9.42 32.92
C ALA B 118 -35.97 10.50 32.02
N LYS B 119 -36.08 11.72 32.53
CA LYS B 119 -36.80 12.79 31.83
C LYS B 119 -36.63 12.72 30.31
N GLU B 120 -37.74 12.76 29.58
CA GLU B 120 -37.69 12.74 28.12
C GLU B 120 -36.87 13.89 27.57
N ASN B 121 -36.15 13.63 26.49
CA ASN B 121 -35.32 14.63 25.84
C ASN B 121 -34.14 15.13 26.72
N SER B 122 -33.76 14.36 27.74
CA SER B 122 -32.67 14.76 28.65
C SER B 122 -31.30 14.16 28.30
N VAL B 123 -30.23 14.71 28.88
CA VAL B 123 -28.90 14.14 28.66
C VAL B 123 -28.39 13.32 29.84
N ILE B 124 -27.76 12.20 29.52
CA ILE B 124 -27.20 11.32 30.52
C ILE B 124 -25.73 11.09 30.22
N LEU B 125 -24.88 11.38 31.21
CA LEU B 125 -23.46 11.10 31.14
C LEU B 125 -23.18 9.79 31.89
N LEU B 126 -22.43 8.89 31.27
CA LEU B 126 -22.02 7.65 31.94
C LEU B 126 -20.57 7.78 32.42
N GLU B 127 -20.24 7.06 33.48
CA GLU B 127 -18.93 7.15 34.11
C GLU B 127 -17.79 6.73 33.17
N ASN B 128 -16.58 7.21 33.44
CA ASN B 128 -15.38 6.96 32.61
C ASN B 128 -15.34 5.56 31.97
N LEU B 129 -15.21 5.53 30.65
CA LEU B 129 -15.19 4.29 29.88
C LEU B 129 -13.97 3.43 30.18
N ARG B 130 -12.85 4.09 30.43
CA ARG B 130 -11.59 3.41 30.72
C ARG B 130 -11.48 2.88 32.17
N PHE B 131 -12.58 2.96 32.92
CA PHE B 131 -12.70 2.26 34.21
C PHE B 131 -12.98 0.78 33.95
N HIS B 132 -13.53 0.49 32.78
CA HIS B 132 -13.61 -0.88 32.33
C HIS B 132 -12.35 -1.19 31.55
N ILE B 133 -11.89 -2.43 31.68
CA ILE B 133 -10.69 -2.91 30.99
C ILE B 133 -11.03 -3.16 29.53
N GLU B 134 -12.31 -3.45 29.28
CA GLU B 134 -12.76 -3.82 27.94
C GLU B 134 -12.96 -2.64 27.00
N GLU B 135 -12.67 -1.43 27.46
CA GLU B 135 -12.70 -0.29 26.55
C GLU B 135 -11.44 -0.31 25.72
N GLU B 136 -10.28 -0.38 26.37
CA GLU B 136 -9.02 -0.40 25.64
C GLU B 136 -8.66 -1.79 25.14
N GLY B 137 -8.88 -2.81 25.97
CA GLY B 137 -8.51 -4.18 25.66
C GLY B 137 -7.50 -4.72 26.65
N LYS B 138 -6.71 -3.81 27.23
CA LYS B 138 -5.68 -4.13 28.22
C LYS B 138 -5.79 -3.19 29.45
N GLY B 139 -5.32 -3.66 30.60
CA GLY B 139 -5.27 -2.82 31.81
C GLY B 139 -3.99 -3.00 32.62
N VAL B 140 -3.96 -2.43 33.82
CA VAL B 140 -3.00 -2.86 34.85
C VAL B 140 -3.77 -3.12 36.15
N ASP B 141 -3.47 -4.25 36.80
CA ASP B 141 -4.14 -4.64 38.03
C ASP B 141 -3.72 -3.75 39.20
N ALA B 142 -4.26 -4.04 40.40
CA ALA B 142 -3.99 -3.25 41.61
C ALA B 142 -2.50 -3.10 41.95
N ASN B 143 -1.67 -4.04 41.48
CA ASN B 143 -0.25 -4.04 41.80
C ASN B 143 0.62 -3.34 40.75
N GLY B 144 0.07 -3.17 39.56
CA GLY B 144 0.79 -2.50 38.47
C GLY B 144 1.33 -3.50 37.46
N ASN B 145 0.56 -4.56 37.21
CA ASN B 145 0.95 -5.55 36.21
C ASN B 145 -0.05 -5.57 35.07
N LYS B 146 0.47 -5.52 33.85
CA LYS B 146 -0.35 -5.52 32.63
C LYS B 146 -1.34 -6.67 32.66
N VAL B 147 -2.63 -6.36 32.55
CA VAL B 147 -3.67 -7.38 32.47
C VAL B 147 -4.30 -7.27 31.11
N LYS B 148 -4.62 -8.41 30.51
CA LYS B 148 -5.36 -8.43 29.25
C LYS B 148 -6.79 -8.89 29.50
N ALA B 149 -7.72 -8.32 28.74
CA ALA B 149 -9.15 -8.57 28.91
C ALA B 149 -9.56 -9.82 28.16
N ASN B 150 -10.50 -10.57 28.74
CA ASN B 150 -11.08 -11.74 28.06
C ASN B 150 -11.76 -11.30 26.78
N LYS B 151 -11.60 -12.07 25.70
CA LYS B 151 -12.24 -11.76 24.42
C LYS B 151 -13.77 -11.80 24.55
N GLU B 152 -14.27 -12.81 25.26
CA GLU B 152 -15.68 -12.93 25.65
C GLU B 152 -16.21 -11.64 26.28
N ASP B 153 -15.36 -11.01 27.07
CA ASP B 153 -15.74 -9.84 27.88
C ASP B 153 -15.78 -8.54 27.08
N VAL B 154 -14.82 -8.37 26.17
CA VAL B 154 -14.79 -7.23 25.26
C VAL B 154 -16.00 -7.27 24.35
N GLU B 155 -16.29 -8.47 23.84
CA GLU B 155 -17.45 -8.68 22.97
C GLU B 155 -18.77 -8.35 23.68
N LYS B 156 -18.86 -8.71 24.96
CA LYS B 156 -20.03 -8.46 25.79
C LYS B 156 -20.23 -6.95 26.03
N PHE B 157 -19.13 -6.27 26.34
CA PHE B 157 -19.09 -4.82 26.58
C PHE B 157 -19.58 -4.04 25.36
N GLN B 158 -19.16 -4.48 24.17
CA GLN B 158 -19.54 -3.82 22.93
C GLN B 158 -21.01 -4.05 22.61
N ASN B 159 -21.51 -5.24 22.90
CA ASN B 159 -22.95 -5.53 22.79
C ASN B 159 -23.79 -4.69 23.72
N ASP B 160 -23.23 -4.39 24.90
CA ASP B 160 -23.90 -3.63 25.93
C ASP B 160 -23.98 -2.15 25.56
N LEU B 161 -22.93 -1.64 24.93
CA LEU B 161 -22.98 -0.28 24.40
C LEU B 161 -24.01 -0.20 23.29
N THR B 162 -23.95 -1.15 22.35
CA THR B 162 -24.82 -1.12 21.18
C THR B 162 -26.31 -1.11 21.53
N LYS B 163 -26.66 -1.64 22.70
CA LYS B 163 -28.08 -1.67 23.09
C LYS B 163 -28.51 -0.54 24.05
N LEU B 164 -27.62 0.42 24.29
CA LEU B 164 -27.95 1.62 25.06
C LEU B 164 -28.74 2.64 24.24
N ALA B 165 -28.73 2.48 22.91
CA ALA B 165 -29.24 3.51 22.02
C ALA B 165 -29.73 2.97 20.68
N ASP B 166 -30.13 3.88 19.80
CA ASP B 166 -30.63 3.54 18.46
C ASP B 166 -29.69 4.11 17.40
N VAL B 167 -29.05 5.22 17.74
CA VAL B 167 -28.18 5.95 16.81
C VAL B 167 -26.88 6.30 17.53
N PHE B 168 -25.75 6.12 16.84
CA PHE B 168 -24.43 6.41 17.41
C PHE B 168 -23.81 7.65 16.79
N ILE B 169 -23.41 8.59 17.64
CA ILE B 169 -22.72 9.79 17.20
C ILE B 169 -21.32 9.78 17.78
N ASN B 170 -20.32 9.91 16.93
CA ASN B 170 -18.93 9.94 17.36
C ASN B 170 -18.37 11.34 17.16
N ASP B 171 -18.19 12.04 18.28
CA ASP B 171 -17.70 13.41 18.25
C ASP B 171 -16.38 13.48 19.01
N ALA B 172 -15.59 12.40 18.93
CA ALA B 172 -14.32 12.34 19.63
C ALA B 172 -13.17 11.98 18.69
N PHE B 173 -12.73 12.95 17.89
CA PHE B 173 -11.72 12.72 16.87
C PHE B 173 -10.37 12.33 17.47
N GLY B 174 -10.13 12.76 18.71
CA GLY B 174 -8.83 12.52 19.34
C GLY B 174 -8.53 11.08 19.75
N THR B 175 -9.46 10.18 19.49
CA THR B 175 -9.31 8.76 19.84
C THR B 175 -9.57 7.88 18.62
N ALA B 176 -9.83 8.50 17.48
CA ALA B 176 -10.13 7.75 16.27
C ALA B 176 -8.96 6.91 15.75
N HIS B 177 -7.75 7.13 16.28
CA HIS B 177 -6.57 6.34 15.91
C HIS B 177 -6.47 5.02 16.69
N ARG B 178 -7.08 4.99 17.87
CA ARG B 178 -7.18 3.80 18.68
C ARG B 178 -8.35 2.93 18.22
N ALA B 179 -8.18 1.61 18.23
CA ALA B 179 -9.28 0.74 17.88
C ALA B 179 -9.94 0.25 19.16
N HIS B 180 -10.39 1.19 19.98
CA HIS B 180 -11.07 0.84 21.23
C HIS B 180 -12.55 0.53 21.05
N SER B 181 -13.16 0.03 22.12
CA SER B 181 -14.53 -0.44 22.08
C SER B 181 -15.56 0.62 21.72
N SER B 182 -15.32 1.87 22.14
CA SER B 182 -16.26 2.95 21.81
C SER B 182 -16.07 3.47 20.39
N MSE B 183 -14.91 3.18 19.81
CA MSE B 183 -14.60 3.62 18.45
C MSE B 183 -15.10 2.66 17.39
O MSE B 183 -15.61 3.08 16.35
CB MSE B 183 -13.09 3.81 18.28
CG MSE B 183 -12.45 4.92 19.13
SE MSE B 183 -12.99 6.76 18.71
CE MSE B 183 -14.28 6.98 20.15
N VAL B 184 -14.95 1.36 17.64
CA VAL B 184 -15.24 0.30 16.66
C VAL B 184 -16.31 -0.69 17.16
N GLY B 185 -16.91 -0.38 18.31
CA GLY B 185 -17.78 -1.34 18.98
C GLY B 185 -19.26 -1.10 18.88
N VAL B 186 -19.67 0.16 18.80
CA VAL B 186 -21.09 0.48 18.78
C VAL B 186 -21.64 0.16 17.39
N LYS B 187 -22.19 -1.04 17.28
CA LYS B 187 -22.55 -1.61 15.99
C LYS B 187 -24.02 -1.37 15.62
N LEU B 188 -24.40 -0.10 15.64
CA LEU B 188 -25.71 0.35 15.19
C LEU B 188 -25.68 0.67 13.69
N ASN B 189 -26.86 0.77 13.07
CA ASN B 189 -26.95 1.09 11.65
C ASN B 189 -26.40 2.46 11.28
N VAL B 190 -26.83 3.48 12.01
CA VAL B 190 -26.50 4.86 11.69
C VAL B 190 -25.37 5.33 12.59
N LYS B 191 -24.19 5.53 12.02
CA LYS B 191 -23.03 5.96 12.79
C LYS B 191 -22.45 7.24 12.21
N ALA B 192 -22.76 8.38 12.83
CA ALA B 192 -22.43 9.67 12.26
C ALA B 192 -21.46 10.49 13.10
N SER B 193 -20.65 11.29 12.42
CA SER B 193 -19.75 12.23 13.08
C SER B 193 -20.56 13.33 13.73
N GLY B 194 -20.14 13.76 14.92
CA GLY B 194 -20.66 14.99 15.52
C GLY B 194 -20.03 16.16 14.78
N PHE B 195 -20.40 17.39 15.17
CA PHE B 195 -19.87 18.60 14.50
C PHE B 195 -18.34 18.77 14.61
N LEU B 196 -17.79 18.39 15.77
CA LEU B 196 -16.35 18.46 16.01
C LEU B 196 -15.60 17.51 15.09
N MSE B 197 -16.03 16.24 15.09
CA MSE B 197 -15.49 15.21 14.20
C MSE B 197 -15.65 15.63 12.74
O MSE B 197 -14.74 15.46 11.94
CB MSE B 197 -16.18 13.87 14.45
CG MSE B 197 -15.81 12.75 13.47
SE MSE B 197 -14.37 11.58 14.07
CE MSE B 197 -15.41 10.11 14.75
N LYS B 198 -16.84 16.14 12.41
CA LYS B 198 -17.13 16.62 11.06
C LYS B 198 -16.13 17.66 10.60
N LYS B 199 -15.88 18.67 11.44
CA LYS B 199 -14.97 19.75 11.07
C LYS B 199 -13.53 19.25 10.96
N GLU B 200 -13.18 18.23 11.76
CA GLU B 200 -11.83 17.65 11.73
C GLU B 200 -11.60 16.97 10.39
N LEU B 201 -12.56 16.15 9.98
CA LEU B 201 -12.45 15.39 8.75
C LEU B 201 -12.52 16.29 7.53
N GLU B 202 -13.43 17.26 7.57
CA GLU B 202 -13.66 18.20 6.48
C GLU B 202 -12.37 18.86 6.03
N TYR B 203 -11.62 19.38 7.02
CA TYR B 203 -10.39 20.12 6.76
C TYR B 203 -9.19 19.25 6.46
N PHE B 204 -9.08 18.13 7.17
CA PHE B 204 -8.02 17.18 6.90
C PHE B 204 -8.20 16.61 5.51
N SER B 205 -9.44 16.28 5.15
CA SER B 205 -9.80 15.90 3.78
C SER B 205 -9.46 16.99 2.76
N LYS B 206 -9.74 18.26 3.11
CA LYS B 206 -9.46 19.38 2.23
C LYS B 206 -7.98 19.56 1.90
N ALA B 207 -7.10 19.08 2.79
CA ALA B 207 -5.67 19.29 2.60
C ALA B 207 -4.93 18.02 2.19
N LEU B 208 -5.57 16.87 2.39
CA LEU B 208 -4.93 15.58 2.09
C LEU B 208 -5.52 14.85 0.89
N GLU B 209 -6.84 14.93 0.71
CA GLU B 209 -7.52 14.24 -0.38
C GLU B 209 -7.28 15.00 -1.70
N ASN B 210 -7.94 16.14 -1.85
CA ASN B 210 -7.76 16.96 -3.06
C ASN B 210 -7.49 18.42 -2.70
N PRO B 211 -6.24 18.75 -2.32
CA PRO B 211 -5.91 20.10 -1.90
C PRO B 211 -5.80 21.04 -3.10
N GLN B 212 -5.76 22.35 -2.84
CA GLN B 212 -5.45 23.31 -3.89
C GLN B 212 -3.97 23.69 -3.79
N ARG B 213 -3.23 23.50 -4.89
CA ARG B 213 -1.78 23.77 -4.91
C ARG B 213 -1.44 25.27 -5.05
N PRO B 214 -0.24 25.69 -4.57
CA PRO B 214 0.76 24.89 -3.83
C PRO B 214 0.30 24.45 -2.43
N LEU B 215 0.92 23.39 -1.90
CA LEU B 215 0.60 22.86 -0.57
C LEU B 215 1.84 22.77 0.32
N LEU B 216 1.78 23.47 1.44
CA LEU B 216 2.94 23.64 2.28
C LEU B 216 2.78 22.87 3.59
N ALA B 217 3.87 22.23 4.01
CA ALA B 217 3.96 21.66 5.35
C ALA B 217 5.06 22.38 6.10
N ILE B 218 4.73 22.93 7.26
CA ILE B 218 5.73 23.52 8.13
C ILE B 218 6.02 22.57 9.28
N LEU B 219 7.19 21.94 9.26
CA LEU B 219 7.60 21.03 10.31
C LEU B 219 8.64 21.66 11.22
N GLY B 220 8.66 21.21 12.47
CA GLY B 220 9.57 21.73 13.48
C GLY B 220 9.59 20.86 14.71
N GLY B 221 10.33 21.28 15.72
CA GLY B 221 10.52 20.48 16.93
C GLY B 221 11.89 19.82 16.98
N ALA B 222 12.23 19.31 18.16
CA ALA B 222 13.58 18.84 18.47
C ALA B 222 14.04 17.62 17.64
N LYS B 223 13.34 16.51 17.73
CA LYS B 223 13.83 15.28 17.11
C LYS B 223 13.45 15.15 15.64
N VAL B 224 14.32 14.48 14.89
CA VAL B 224 14.01 14.04 13.54
C VAL B 224 13.44 12.62 13.64
N SER B 225 13.84 11.91 14.69
CA SER B 225 13.69 10.45 14.78
C SER B 225 12.28 9.94 15.01
N ASP B 226 11.44 10.70 15.69
CA ASP B 226 10.06 10.26 15.88
C ASP B 226 9.14 10.76 14.76
N LYS B 227 9.67 11.66 13.93
CA LYS B 227 8.92 12.30 12.84
C LYS B 227 9.34 11.76 11.48
N ILE B 228 9.90 10.55 11.48
CA ILE B 228 10.38 9.93 10.25
C ILE B 228 9.22 9.67 9.31
N GLN B 229 8.25 8.88 9.75
CA GLN B 229 7.13 8.53 8.89
C GLN B 229 6.26 9.73 8.61
N LEU B 230 6.12 10.61 9.60
CA LEU B 230 5.41 11.87 9.42
C LEU B 230 5.96 12.65 8.21
N ILE B 231 7.28 12.68 8.04
CA ILE B 231 7.88 13.31 6.86
C ILE B 231 7.67 12.46 5.60
N LYS B 232 7.91 11.15 5.70
CA LYS B 232 7.89 10.26 4.53
C LYS B 232 6.59 10.41 3.76
N ASN B 233 5.48 10.21 4.48
CA ASN B 233 4.14 10.31 3.91
C ASN B 233 3.86 11.68 3.28
N LEU B 234 4.17 12.74 4.00
CA LEU B 234 3.91 14.10 3.53
C LEU B 234 4.58 14.39 2.19
N LEU B 235 5.81 13.91 2.02
CA LEU B 235 6.55 14.13 0.78
C LEU B 235 5.82 13.59 -0.46
N ASP B 236 4.79 12.77 -0.24
CA ASP B 236 3.91 12.32 -1.32
C ASP B 236 2.90 13.40 -1.69
N LYS B 237 2.29 14.00 -0.68
CA LYS B 237 1.19 14.94 -0.89
C LYS B 237 1.69 16.35 -1.14
N VAL B 238 2.81 16.69 -0.52
CA VAL B 238 3.22 18.08 -0.32
C VAL B 238 3.98 18.66 -1.51
N ASP B 239 3.77 19.96 -1.77
CA ASP B 239 4.52 20.71 -2.78
C ASP B 239 5.79 21.35 -2.24
N ARG B 240 5.71 21.94 -1.05
CA ARG B 240 6.86 22.57 -0.40
C ARG B 240 6.89 22.23 1.09
N MSE B 241 8.08 22.20 1.67
CA MSE B 241 8.22 21.91 3.09
C MSE B 241 9.18 22.88 3.77
O MSE B 241 10.19 23.26 3.19
CB MSE B 241 8.70 20.48 3.30
CG MSE B 241 8.48 19.95 4.71
SE MSE B 241 9.01 18.09 4.98
CE MSE B 241 7.38 17.20 4.34
N ILE B 242 8.85 23.30 4.98
CA ILE B 242 9.80 24.04 5.81
C ILE B 242 10.18 23.16 6.99
N ILE B 243 11.45 22.77 7.03
CA ILE B 243 11.98 22.01 8.13
C ILE B 243 12.71 23.01 8.99
N GLY B 244 12.39 23.01 10.28
CA GLY B 244 12.97 23.99 11.19
C GLY B 244 13.09 23.56 12.62
N GLY B 245 13.61 24.50 13.42
CA GLY B 245 13.64 24.43 14.89
C GLY B 245 14.15 23.17 15.55
N GLY B 246 15.45 22.97 15.57
CA GLY B 246 16.05 21.85 16.29
C GLY B 246 16.41 20.70 15.37
N MSE B 247 15.42 20.14 14.71
CA MSE B 247 15.65 19.08 13.77
C MSE B 247 16.44 19.57 12.56
O MSE B 247 17.02 18.79 11.81
CB MSE B 247 14.35 18.40 13.37
CG MSE B 247 13.44 19.20 12.48
SE MSE B 247 11.72 18.27 12.24
CE MSE B 247 12.34 16.63 11.39
N ALA B 248 16.48 20.90 12.40
CA ALA B 248 17.23 21.53 11.32
C ALA B 248 18.74 21.31 11.40
N TYR B 249 19.30 21.42 12.61
CA TYR B 249 20.75 21.30 12.84
C TYR B 249 21.29 19.91 12.51
N THR B 250 20.42 18.91 12.60
CA THR B 250 20.75 17.56 12.19
C THR B 250 20.82 17.51 10.68
N PHE B 251 19.84 18.11 10.02
CA PHE B 251 19.83 18.25 8.57
C PHE B 251 21.05 19.03 8.09
N LYS B 252 21.45 20.04 8.86
CA LYS B 252 22.54 20.93 8.44
C LYS B 252 23.89 20.23 8.48
N LYS B 253 24.21 19.62 9.62
CA LYS B 253 25.47 18.88 9.76
C LYS B 253 25.63 17.73 8.77
N VAL B 254 24.55 17.02 8.48
CA VAL B 254 24.61 15.88 7.56
C VAL B 254 24.68 16.28 6.09
N LEU B 255 24.00 17.34 5.70
CA LEU B 255 23.96 17.73 4.29
C LEU B 255 25.00 18.76 3.90
N ASN B 256 25.24 19.74 4.78
CA ASN B 256 26.15 20.84 4.49
C ASN B 256 27.34 20.88 5.44
N ASN B 257 27.53 19.78 6.16
CA ASN B 257 28.61 19.63 7.15
C ASN B 257 28.85 20.85 8.04
N MSE B 258 27.78 21.62 8.23
CA MSE B 258 27.82 22.83 9.04
C MSE B 258 28.25 22.53 10.47
O MSE B 258 27.87 21.51 11.04
CB MSE B 258 26.43 23.47 9.04
CG MSE B 258 26.28 24.63 10.00
SE MSE B 258 24.45 25.25 10.19
CE MSE B 258 24.55 25.86 12.05
N LYS B 259 29.08 23.41 11.03
CA LYS B 259 29.46 23.31 12.42
C LYS B 259 28.30 23.71 13.33
N ILE B 260 27.99 22.85 14.30
CA ILE B 260 26.72 22.91 15.01
C ILE B 260 26.82 23.33 16.49
N GLY B 261 28.03 23.33 17.02
CA GLY B 261 28.26 23.68 18.42
C GLY B 261 27.72 22.59 19.32
N THR B 262 26.94 23.00 20.32
CA THR B 262 26.29 22.05 21.22
C THR B 262 24.78 21.96 20.95
N SER B 263 24.39 22.32 19.73
CA SER B 263 22.98 22.27 19.31
C SER B 263 22.47 20.83 19.31
N LEU B 264 21.18 20.67 19.57
CA LEU B 264 20.55 19.35 19.56
C LEU B 264 20.85 18.57 18.28
N PHE B 265 21.63 17.50 18.41
CA PHE B 265 21.92 16.59 17.30
C PHE B 265 21.26 15.22 17.50
N ASP B 266 20.40 14.85 16.57
CA ASP B 266 19.61 13.64 16.65
C ASP B 266 20.33 12.52 15.91
N GLU B 267 21.04 11.68 16.65
CA GLU B 267 21.89 10.64 16.05
C GLU B 267 21.07 9.57 15.34
N ALA B 268 19.91 9.24 15.90
CA ALA B 268 18.97 8.32 15.26
C ALA B 268 18.47 8.86 13.93
N GLY B 269 18.17 10.16 13.90
CA GLY B 269 17.64 10.82 12.72
C GLY B 269 18.69 11.14 11.67
N SER B 270 19.91 11.40 12.12
CA SER B 270 21.03 11.72 11.23
C SER B 270 21.21 10.66 10.15
N LYS B 271 20.96 9.42 10.52
CA LYS B 271 21.10 8.27 9.62
C LYS B 271 20.16 8.36 8.41
N ILE B 272 19.01 9.00 8.60
CA ILE B 272 17.93 8.94 7.61
C ILE B 272 17.67 10.20 6.78
N VAL B 273 18.34 11.32 7.08
CA VAL B 273 18.07 12.57 6.34
C VAL B 273 18.41 12.43 4.86
N GLY B 274 19.49 11.72 4.56
CA GLY B 274 19.85 11.41 3.18
C GLY B 274 18.69 10.77 2.45
N GLU B 275 18.04 9.80 3.11
CA GLU B 275 16.88 9.11 2.58
C GLU B 275 15.72 10.07 2.31
N ILE B 276 15.46 10.93 3.30
CA ILE B 276 14.42 11.96 3.22
C ILE B 276 14.67 12.91 2.05
N MSE B 277 15.91 13.37 1.93
CA MSE B 277 16.29 14.32 0.88
C MSE B 277 16.23 13.70 -0.50
O MSE B 277 15.95 14.40 -1.48
CB MSE B 277 17.69 14.89 1.16
CG MSE B 277 17.75 15.76 2.42
SE MSE B 277 16.51 17.30 2.50
CE MSE B 277 16.93 18.16 0.79
N GLU B 278 16.50 12.41 -0.58
CA GLU B 278 16.39 11.68 -1.84
C GLU B 278 14.93 11.63 -2.25
N LYS B 279 14.07 11.21 -1.33
CA LYS B 279 12.63 11.19 -1.57
C LYS B 279 12.12 12.60 -1.93
N ALA B 280 12.71 13.62 -1.31
CA ALA B 280 12.31 15.01 -1.55
C ALA B 280 12.57 15.46 -2.99
N LYS B 281 13.79 15.22 -3.49
CA LYS B 281 14.11 15.55 -4.88
C LYS B 281 13.28 14.68 -5.82
N ALA B 282 13.11 13.41 -5.45
CA ALA B 282 12.35 12.44 -6.23
C ALA B 282 10.91 12.88 -6.44
N LYS B 283 10.27 13.36 -5.37
CA LYS B 283 8.86 13.75 -5.41
C LYS B 283 8.70 15.23 -5.76
N ASN B 284 9.84 15.86 -6.06
CA ASN B 284 9.91 17.23 -6.59
C ASN B 284 9.47 18.29 -5.59
N VAL B 285 9.92 18.14 -4.34
CA VAL B 285 9.53 19.03 -3.24
C VAL B 285 10.63 20.02 -2.88
N GLN B 286 10.27 21.31 -2.82
CA GLN B 286 11.18 22.36 -2.38
C GLN B 286 11.43 22.20 -0.89
N ILE B 287 12.64 22.49 -0.40
CA ILE B 287 12.99 22.08 0.96
C ILE B 287 13.17 23.15 2.05
N PHE B 288 13.72 24.31 1.72
CA PHE B 288 13.82 25.44 2.69
C PHE B 288 14.23 25.08 4.12
N LEU B 289 15.51 24.76 4.30
CA LEU B 289 16.08 24.68 5.63
C LEU B 289 16.45 26.09 6.06
N PRO B 290 16.65 26.32 7.38
CA PRO B 290 17.11 27.63 7.80
C PRO B 290 18.47 27.99 7.19
N VAL B 291 18.66 29.27 6.92
CA VAL B 291 19.87 29.77 6.29
C VAL B 291 20.74 30.52 7.32
N ASP B 292 20.16 30.86 8.48
CA ASP B 292 20.85 31.57 9.56
C ASP B 292 20.16 31.35 10.93
N PHE B 293 20.89 31.63 12.02
CA PHE B 293 20.47 31.21 13.37
C PHE B 293 20.75 32.22 14.48
N LYS B 294 19.80 32.37 15.40
CA LYS B 294 20.08 33.01 16.69
C LYS B 294 20.65 31.98 17.65
N ILE B 295 21.86 32.25 18.15
CA ILE B 295 22.58 31.31 19.01
C ILE B 295 22.82 31.87 20.42
N ALA B 296 22.94 30.98 21.40
CA ALA B 296 23.14 31.36 22.80
C ALA B 296 24.24 30.53 23.47
N ASP B 297 24.84 31.08 24.52
CA ASP B 297 25.93 30.42 25.23
C ASP B 297 25.45 29.50 26.36
N ASN B 298 24.14 29.42 26.55
CA ASN B 298 23.52 28.54 27.55
C ASN B 298 22.00 28.39 27.34
N PHE B 299 21.48 27.18 27.54
CA PHE B 299 20.06 26.89 27.28
C PHE B 299 19.15 27.41 28.38
N ASP B 300 19.05 28.74 28.47
CA ASP B 300 18.04 29.37 29.31
C ASP B 300 17.70 30.77 28.77
N ASN B 301 16.59 31.35 29.23
CA ASN B 301 16.10 32.62 28.70
C ASN B 301 17.09 33.77 28.86
N ASN B 302 17.79 33.76 29.99
CA ASN B 302 18.67 34.88 30.35
C ASN B 302 20.14 34.57 30.07
N ALA B 303 20.47 34.44 28.78
CA ALA B 303 21.85 34.18 28.35
C ALA B 303 22.24 35.08 27.19
N ASN B 304 23.55 35.21 26.96
CA ASN B 304 24.06 36.03 25.88
C ASN B 304 23.77 35.40 24.53
N THR B 305 23.41 36.24 23.57
CA THR B 305 23.01 35.75 22.28
C THR B 305 23.67 36.55 21.17
N LYS B 306 23.80 35.91 20.01
CA LYS B 306 24.21 36.59 18.79
C LYS B 306 23.69 35.83 17.57
N PHE B 307 24.10 36.26 16.39
CA PHE B 307 23.59 35.66 15.15
C PHE B 307 24.73 35.17 14.28
N VAL B 308 24.56 34.00 13.68
CA VAL B 308 25.51 33.42 12.73
C VAL B 308 24.72 32.92 11.53
N THR B 309 25.35 32.87 10.36
CA THR B 309 24.70 32.30 9.18
C THR B 309 25.09 30.85 9.04
N ASP B 310 24.56 30.16 8.03
CA ASP B 310 24.86 28.73 7.84
C ASP B 310 26.33 28.47 7.52
N GLU B 311 26.99 29.42 6.84
CA GLU B 311 28.39 29.31 6.43
C GLU B 311 29.39 29.65 7.54
N GLU B 312 29.08 30.66 8.35
CA GLU B 312 29.89 31.00 9.53
C GLU B 312 29.85 29.88 10.57
N GLY B 313 28.67 29.29 10.77
CA GLY B 313 28.49 28.18 11.70
C GLY B 313 28.54 28.61 13.16
N ILE B 314 28.35 27.64 14.06
CA ILE B 314 28.24 27.91 15.50
C ILE B 314 29.51 27.59 16.31
N PRO B 315 30.07 28.60 17.00
CA PRO B 315 31.11 28.46 18.01
C PRO B 315 30.93 27.25 18.93
N ASP B 316 32.05 26.67 19.37
CA ASP B 316 32.08 25.31 19.92
C ASP B 316 31.29 25.02 21.21
N ASN B 317 30.97 26.04 22.00
CA ASN B 317 30.12 25.85 23.19
C ASN B 317 28.82 26.65 23.18
N TRP B 318 28.36 26.97 21.97
CA TRP B 318 27.11 27.69 21.74
C TRP B 318 26.11 26.79 21.02
N MSE B 319 24.84 27.19 21.03
CA MSE B 319 23.78 26.37 20.45
C MSE B 319 22.70 27.21 19.79
O MSE B 319 22.31 28.25 20.32
CB MSE B 319 23.16 25.46 21.51
CG MSE B 319 22.59 26.20 22.70
SE MSE B 319 21.76 24.99 24.00
CE MSE B 319 23.33 24.51 25.07
N GLY B 320 22.20 26.74 18.66
CA GLY B 320 21.12 27.41 17.96
C GLY B 320 19.78 27.06 18.55
N LEU B 321 18.99 28.08 18.87
CA LEU B 321 17.67 27.89 19.48
C LEU B 321 16.53 28.57 18.74
N ASP B 322 16.85 29.29 17.67
CA ASP B 322 15.86 29.96 16.83
C ASP B 322 16.46 30.33 15.49
N ALA B 323 15.62 30.39 14.46
CA ALA B 323 16.07 30.82 13.14
C ALA B 323 16.47 32.29 13.16
N GLY B 324 17.48 32.66 12.37
CA GLY B 324 17.91 34.04 12.29
C GLY B 324 16.97 34.87 11.43
N PRO B 325 17.13 36.21 11.44
CA PRO B 325 16.23 37.14 10.75
C PRO B 325 16.10 36.89 9.24
N LYS B 326 17.16 36.37 8.61
CA LYS B 326 17.13 36.10 7.17
C LYS B 326 16.27 34.88 6.82
N SER B 327 16.28 33.86 7.68
CA SER B 327 15.43 32.68 7.50
C SER B 327 13.97 33.07 7.71
N ILE B 328 13.73 33.88 8.74
CA ILE B 328 12.43 34.48 9.01
C ILE B 328 11.90 35.17 7.74
N GLU B 329 12.72 36.07 7.21
CA GLU B 329 12.45 36.75 5.94
C GLU B 329 12.23 35.74 4.81
N ASN B 330 13.06 34.69 4.79
CA ASN B 330 12.95 33.67 3.74
C ASN B 330 11.62 32.94 3.70
N TYR B 331 10.92 32.85 4.84
CA TYR B 331 9.55 32.36 4.76
C TYR B 331 8.46 33.42 4.64
N LYS B 332 8.74 34.47 3.88
CA LYS B 332 7.69 35.36 3.44
C LYS B 332 7.14 34.81 2.12
N ASP B 333 8.04 34.55 1.18
CA ASP B 333 7.65 34.04 -0.15
C ASP B 333 7.14 32.60 -0.13
N VAL B 334 7.51 31.84 0.90
CA VAL B 334 7.15 30.43 0.96
C VAL B 334 5.72 30.24 1.44
N ILE B 335 5.37 30.92 2.53
CA ILE B 335 4.02 30.80 3.11
C ILE B 335 2.99 31.55 2.28
N LEU B 336 3.29 32.80 1.91
CA LEU B 336 2.32 33.68 1.22
C LEU B 336 1.92 33.27 -0.20
N THR B 337 2.73 32.41 -0.82
CA THR B 337 2.43 31.89 -2.14
C THR B 337 1.67 30.57 -2.06
N SER B 338 1.57 29.99 -0.86
CA SER B 338 0.91 28.70 -0.65
C SER B 338 -0.58 28.87 -0.45
N LYS B 339 -1.38 28.09 -1.17
CA LYS B 339 -2.84 28.18 -1.02
C LYS B 339 -3.42 27.18 -0.04
N THR B 340 -2.59 26.25 0.41
CA THR B 340 -2.90 25.43 1.59
C THR B 340 -1.64 25.08 2.40
N VAL B 341 -1.79 25.09 3.72
CA VAL B 341 -0.66 24.91 4.63
C VAL B 341 -1.02 23.93 5.75
N ILE B 342 -0.13 22.97 6.00
CA ILE B 342 -0.25 22.11 7.18
C ILE B 342 0.92 22.40 8.10
N TRP B 343 0.61 22.98 9.26
CA TRP B 343 1.67 23.43 10.15
C TRP B 343 2.17 22.30 11.07
N ASN B 344 1.82 22.32 12.36
CA ASN B 344 2.38 21.35 13.32
C ASN B 344 3.93 21.34 13.39
N GLY B 345 4.50 22.24 14.20
CA GLY B 345 5.95 22.33 14.40
C GLY B 345 6.52 23.73 14.60
N PRO B 346 6.77 24.13 15.87
CA PRO B 346 7.43 25.40 16.18
C PRO B 346 8.83 25.49 15.56
N GLN B 347 9.28 26.72 15.31
CA GLN B 347 10.55 26.96 14.61
C GLN B 347 11.67 27.35 15.57
N GLY B 348 11.52 26.92 16.82
CA GLY B 348 12.48 27.21 17.89
C GLY B 348 11.79 27.12 19.24
N VAL B 349 12.54 27.43 20.30
CA VAL B 349 12.02 27.32 21.67
C VAL B 349 11.11 28.52 22.00
N PHE B 350 9.87 28.48 21.53
CA PHE B 350 8.94 29.58 21.71
C PHE B 350 8.53 29.78 23.18
N GLU B 351 8.64 28.74 24.01
CA GLU B 351 8.31 28.83 25.43
C GLU B 351 9.25 29.81 26.15
N MSE B 352 10.29 30.23 25.43
CA MSE B 352 11.36 31.06 25.94
C MSE B 352 11.32 32.36 25.13
O MSE B 352 11.76 32.39 23.98
CB MSE B 352 12.69 30.33 25.73
CG MSE B 352 13.68 30.41 26.88
SE MSE B 352 14.96 28.91 26.87
CE MSE B 352 15.51 28.92 25.00
N PRO B 353 10.78 33.43 25.73
CA PRO B 353 10.54 34.71 25.04
C PRO B 353 11.61 35.05 24.00
N ASN B 354 12.86 35.19 24.43
CA ASN B 354 13.94 35.61 23.53
C ASN B 354 14.07 34.77 22.25
N PHE B 355 13.90 33.45 22.38
CA PHE B 355 14.08 32.53 21.26
C PHE B 355 12.77 32.13 20.59
N ALA B 356 11.81 33.07 20.57
CA ALA B 356 10.45 32.80 20.08
C ALA B 356 10.10 33.51 18.77
N LYS B 357 10.77 34.63 18.50
CA LYS B 357 10.54 35.47 17.31
C LYS B 357 10.19 34.67 16.06
N GLY B 358 10.95 33.60 15.82
CA GLY B 358 10.77 32.72 14.66
C GLY B 358 9.39 32.10 14.53
N SER B 359 8.92 31.48 15.60
CA SER B 359 7.63 30.81 15.60
C SER B 359 6.50 31.83 15.56
N ILE B 360 6.68 32.93 16.30
CA ILE B 360 5.70 34.00 16.34
C ILE B 360 5.55 34.60 14.93
N GLU B 361 6.67 34.88 14.27
CA GLU B 361 6.63 35.45 12.92
C GLU B 361 6.03 34.48 11.90
N CYS B 362 6.30 33.20 12.07
CA CYS B 362 5.71 32.17 11.24
C CYS B 362 4.18 32.17 11.37
N LEU B 363 3.69 32.29 12.60
CA LEU B 363 2.26 32.35 12.86
C LEU B 363 1.60 33.56 12.19
N ASN B 364 2.22 34.74 12.34
CA ASN B 364 1.73 35.96 11.73
C ASN B 364 1.51 35.80 10.23
N LEU B 365 2.44 35.08 9.59
CA LEU B 365 2.34 34.79 8.16
C LEU B 365 1.24 33.81 7.83
N VAL B 366 1.00 32.84 8.70
CA VAL B 366 -0.04 31.84 8.45
C VAL B 366 -1.42 32.49 8.63
N VAL B 367 -1.55 33.31 9.68
CA VAL B 367 -2.73 34.15 9.88
C VAL B 367 -2.98 35.01 8.64
N GLU B 368 -1.94 35.73 8.20
CA GLU B 368 -2.04 36.56 7.01
C GLU B 368 -2.48 35.76 5.78
N VAL B 369 -1.86 34.60 5.55
CA VAL B 369 -2.15 33.82 4.35
C VAL B 369 -3.57 33.24 4.35
N THR B 370 -4.10 33.00 5.55
CA THR B 370 -5.49 32.57 5.71
C THR B 370 -6.42 33.70 5.31
N LYS B 371 -6.04 34.92 5.69
CA LYS B 371 -6.77 36.13 5.36
C LYS B 371 -6.80 36.32 3.83
N LYS B 372 -5.68 35.99 3.19
CA LYS B 372 -5.59 36.01 1.74
C LYS B 372 -6.44 34.91 1.07
N GLY B 373 -6.98 33.98 1.85
CA GLY B 373 -7.93 32.98 1.32
C GLY B 373 -7.55 31.51 1.42
N ALA B 374 -6.26 31.25 1.66
CA ALA B 374 -5.73 29.90 1.82
C ALA B 374 -6.40 29.08 2.93
N ILE B 375 -6.25 27.75 2.87
CA ILE B 375 -6.71 26.85 3.92
C ILE B 375 -5.52 26.40 4.78
N THR B 376 -5.55 26.70 6.07
CA THR B 376 -4.46 26.39 6.97
C THR B 376 -4.85 25.45 8.12
N ILE B 377 -3.99 24.47 8.40
CA ILE B 377 -4.23 23.51 9.49
C ILE B 377 -3.07 23.46 10.49
N VAL B 378 -3.38 23.60 11.77
CA VAL B 378 -2.38 23.44 12.83
C VAL B 378 -2.50 22.02 13.38
N GLY B 379 -1.38 21.34 13.49
CA GLY B 379 -1.37 19.92 13.83
C GLY B 379 -1.52 19.52 15.30
N GLY B 380 -0.39 19.37 15.98
CA GLY B 380 -0.36 18.71 17.30
C GLY B 380 -0.49 19.59 18.52
N GLY B 381 0.23 19.24 19.59
CA GLY B 381 0.32 20.08 20.79
C GLY B 381 1.15 21.29 20.44
N ASP B 382 2.08 21.66 21.33
CA ASP B 382 3.08 22.73 21.09
C ASP B 382 2.71 23.87 20.11
N THR B 383 2.53 23.54 18.83
CA THR B 383 2.06 24.49 17.80
C THR B 383 0.71 25.10 18.19
N ALA B 384 -0.20 24.27 18.70
CA ALA B 384 -1.49 24.73 19.22
C ALA B 384 -1.31 25.58 20.49
N SER B 385 -0.36 25.19 21.34
CA SER B 385 -0.04 25.94 22.56
C SER B 385 0.36 27.34 22.21
N LEU B 386 1.09 27.48 21.12
CA LEU B 386 1.50 28.77 20.60
C LEU B 386 0.28 29.54 20.09
N VAL B 387 -0.52 28.88 19.25
CA VAL B 387 -1.73 29.49 18.71
C VAL B 387 -2.66 29.96 19.83
N GLU B 388 -2.66 29.23 20.94
CA GLU B 388 -3.53 29.55 22.06
C GLU B 388 -2.92 30.59 23.01
N GLN B 389 -1.61 30.52 23.20
CA GLN B 389 -0.89 31.57 23.92
C GLN B 389 -1.15 32.92 23.25
N GLN B 390 -1.10 32.96 21.92
CA GLN B 390 -1.27 34.17 21.14
C GLN B 390 -2.75 34.51 20.95
N ASN B 391 -3.61 33.58 21.36
CA ASN B 391 -5.08 33.72 21.26
C ASN B 391 -5.57 33.96 19.83
N LYS B 392 -5.05 33.18 18.89
CA LYS B 392 -5.30 33.37 17.46
C LYS B 392 -6.09 32.20 16.85
N LYS B 393 -6.79 31.44 17.69
CA LYS B 393 -7.37 30.16 17.27
C LYS B 393 -8.16 30.23 15.97
N ASN B 394 -8.96 31.27 15.80
CA ASN B 394 -9.83 31.33 14.62
C ASN B 394 -9.44 32.32 13.53
N GLU B 395 -8.15 32.62 13.44
CA GLU B 395 -7.57 33.24 12.27
C GLU B 395 -6.88 32.17 11.43
N ILE B 396 -6.96 30.93 11.89
CA ILE B 396 -6.47 29.74 11.18
C ILE B 396 -7.67 28.85 10.82
N SER B 397 -7.67 28.33 9.60
CA SER B 397 -8.78 27.53 9.10
C SER B 397 -9.18 26.47 10.10
N HIS B 398 -8.21 25.74 10.61
CA HIS B 398 -8.48 24.65 11.55
C HIS B 398 -7.28 24.35 12.47
N VAL B 399 -7.56 24.18 13.76
CA VAL B 399 -6.56 23.77 14.72
C VAL B 399 -7.05 22.47 15.32
N SER B 400 -6.33 21.39 15.05
CA SER B 400 -6.82 20.06 15.39
C SER B 400 -6.79 19.82 16.89
N THR B 401 -7.94 19.44 17.44
CA THR B 401 -8.09 19.14 18.88
C THR B 401 -7.68 17.69 19.15
N GLY B 402 -6.49 17.50 19.68
CA GLY B 402 -5.97 16.16 19.97
C GLY B 402 -4.99 15.68 18.91
N GLY B 403 -3.73 15.55 19.32
CA GLY B 403 -2.63 15.20 18.40
C GLY B 403 -2.38 13.71 18.27
N GLY B 404 -3.14 12.90 18.99
CA GLY B 404 -3.05 11.45 18.84
C GLY B 404 -3.38 11.11 17.41
N ALA B 405 -4.63 11.36 17.04
CA ALA B 405 -5.14 11.02 15.73
C ALA B 405 -4.63 11.90 14.61
N SER B 406 -4.42 13.18 14.90
CA SER B 406 -3.99 14.12 13.85
C SER B 406 -2.60 13.78 13.33
N LEU B 407 -1.67 13.42 14.24
CA LEU B 407 -0.36 12.91 13.85
C LEU B 407 -0.48 11.67 12.97
N GLU B 408 -1.19 10.66 13.47
CA GLU B 408 -1.41 9.40 12.75
C GLU B 408 -1.96 9.64 11.35
N LEU B 409 -2.91 10.55 11.22
CA LEU B 409 -3.52 10.85 9.94
C LEU B 409 -2.50 11.46 8.98
N LEU B 410 -1.78 12.45 9.48
CA LEU B 410 -0.71 13.08 8.73
C LEU B 410 0.41 12.11 8.40
N GLU B 411 0.47 11.02 9.18
CA GLU B 411 1.50 10.00 9.05
C GLU B 411 1.19 9.03 7.91
N GLY B 412 -0.07 8.94 7.52
CA GLY B 412 -0.50 7.99 6.50
C GLY B 412 -1.36 6.85 7.02
N LYS B 413 -1.46 6.74 8.35
CA LYS B 413 -2.31 5.76 9.04
C LYS B 413 -3.77 5.82 8.61
N GLU B 414 -4.51 4.78 8.95
CA GLU B 414 -5.86 4.66 8.44
C GLU B 414 -6.94 5.25 9.34
N LEU B 415 -6.81 5.10 10.66
CA LEU B 415 -7.77 5.66 11.64
C LEU B 415 -9.08 4.86 11.78
N PRO B 416 -9.06 3.83 12.64
CA PRO B 416 -10.18 2.91 12.82
C PRO B 416 -11.51 3.60 13.13
N GLY B 417 -11.47 4.67 13.91
CA GLY B 417 -12.68 5.36 14.35
C GLY B 417 -13.40 6.10 13.24
N VAL B 418 -12.64 6.50 12.23
CA VAL B 418 -13.19 7.18 11.06
C VAL B 418 -13.82 6.14 10.13
N LEU B 419 -13.16 5.00 9.98
CA LEU B 419 -13.65 3.92 9.11
C LEU B 419 -14.92 3.26 9.63
N ALA B 420 -15.11 3.32 10.96
CA ALA B 420 -16.29 2.73 11.59
C ALA B 420 -17.56 3.54 11.33
N LEU B 421 -17.41 4.76 10.85
CA LEU B 421 -18.54 5.62 10.52
C LEU B 421 -19.20 5.23 9.19
N SER B 422 -20.49 5.52 9.08
CA SER B 422 -21.29 5.25 7.87
C SER B 422 -20.97 6.24 6.74
N ASN B 423 -21.70 6.13 5.64
CA ASN B 423 -21.40 6.95 4.46
C ASN B 423 -22.60 7.70 3.91
N HIS C 1 18.46 -17.31 -20.94
CA HIS C 1 17.28 -16.51 -21.37
C HIS C 1 17.65 -15.41 -22.37
N SER C 2 18.68 -15.72 -23.16
CA SER C 2 19.03 -14.99 -24.38
C SER C 2 19.33 -16.07 -25.43
N MSE C 3 19.62 -17.29 -24.95
CA MSE C 3 19.78 -18.51 -25.74
C MSE C 3 18.49 -19.31 -25.74
O MSE C 3 18.37 -20.30 -26.47
CB MSE C 3 20.89 -19.38 -25.15
CG MSE C 3 22.22 -19.41 -25.90
SE MSE C 3 23.54 -20.68 -25.15
CE MSE C 3 22.85 -22.38 -25.84
N HIS C 4 17.54 -18.87 -24.91
CA HIS C 4 16.33 -19.65 -24.65
C HIS C 4 15.31 -19.57 -25.78
N HIS C 5 15.12 -20.71 -26.45
CA HIS C 5 14.18 -20.83 -27.56
C HIS C 5 12.82 -21.28 -27.06
N HIS C 6 11.84 -20.38 -27.18
CA HIS C 6 10.44 -20.66 -26.87
C HIS C 6 9.74 -21.12 -28.13
N HIS C 7 9.21 -22.34 -28.10
CA HIS C 7 8.52 -22.90 -29.25
C HIS C 7 7.03 -22.50 -29.25
N HIS C 8 6.62 -21.79 -30.30
CA HIS C 8 5.21 -21.40 -30.45
C HIS C 8 4.64 -21.89 -31.78
N HIS C 9 5.24 -22.93 -32.34
CA HIS C 9 4.80 -23.54 -33.60
C HIS C 9 4.86 -22.59 -34.80
N LEU C 10 5.76 -21.60 -34.78
CA LEU C 10 5.80 -20.60 -35.85
C LEU C 10 6.83 -20.89 -36.95
N GLY C 11 8.10 -20.94 -36.57
CA GLY C 11 9.19 -21.01 -37.55
C GLY C 11 9.48 -22.35 -38.20
N ASN C 12 8.73 -23.39 -37.85
CA ASN C 12 8.97 -24.74 -38.40
C ASN C 12 7.84 -25.29 -39.28
N LYS C 13 7.20 -24.41 -40.04
CA LYS C 13 6.01 -24.78 -40.79
C LYS C 13 6.25 -24.86 -42.28
N LEU C 14 5.64 -25.86 -42.93
CA LEU C 14 5.76 -26.06 -44.37
C LEU C 14 5.30 -24.83 -45.18
N SER C 15 5.95 -24.58 -46.29
CA SER C 15 5.60 -23.44 -47.13
C SER C 15 5.68 -23.80 -48.60
N ILE C 16 5.16 -22.90 -49.43
CA ILE C 16 5.12 -23.07 -50.88
C ILE C 16 6.51 -23.32 -51.49
N SER C 17 7.55 -22.84 -50.82
CA SER C 17 8.94 -23.04 -51.26
C SER C 17 9.34 -24.50 -51.20
N ASP C 18 8.93 -25.18 -50.14
CA ASP C 18 9.41 -26.55 -49.85
C ASP C 18 8.69 -27.63 -50.68
N LEU C 19 7.54 -27.28 -51.25
CA LEU C 19 6.75 -28.24 -52.02
C LEU C 19 7.48 -28.68 -53.28
N LYS C 20 7.77 -29.97 -53.36
CA LYS C 20 8.54 -30.53 -54.47
C LYS C 20 7.73 -30.60 -55.76
N ASP C 21 6.89 -31.63 -55.90
CA ASP C 21 6.09 -31.79 -57.12
C ASP C 21 4.68 -31.19 -56.99
N ILE C 22 4.51 -30.02 -57.60
CA ILE C 22 3.22 -29.36 -57.69
C ILE C 22 2.61 -29.65 -59.06
N LYS C 23 3.46 -29.98 -60.03
CA LYS C 23 3.00 -30.18 -61.42
C LYS C 23 1.81 -31.12 -61.50
N ASN C 24 0.82 -30.75 -62.31
CA ASN C 24 -0.37 -31.57 -62.56
C ASN C 24 -1.30 -31.81 -61.37
N LYS C 25 -1.09 -31.07 -60.29
CA LYS C 25 -1.96 -31.20 -59.12
C LYS C 25 -2.94 -30.04 -59.06
N LYS C 26 -4.19 -30.36 -58.72
CA LYS C 26 -5.17 -29.34 -58.37
C LYS C 26 -4.78 -28.76 -57.00
N VAL C 27 -4.77 -27.43 -56.90
CA VAL C 27 -4.32 -26.74 -55.69
C VAL C 27 -5.37 -25.76 -55.18
N LEU C 28 -5.61 -25.80 -53.88
CA LEU C 28 -6.58 -24.93 -53.23
C LEU C 28 -5.87 -23.96 -52.30
N VAL C 29 -5.81 -22.70 -52.70
CA VAL C 29 -5.28 -21.66 -51.81
C VAL C 29 -6.39 -20.86 -51.14
N ARG C 30 -6.34 -20.79 -49.82
CA ARG C 30 -7.25 -19.94 -49.07
C ARG C 30 -6.56 -18.60 -48.99
N VAL C 31 -7.22 -17.56 -49.49
CA VAL C 31 -6.65 -16.22 -49.56
C VAL C 31 -7.49 -15.23 -48.80
N ASP C 32 -6.94 -14.02 -48.64
CA ASP C 32 -7.63 -12.93 -47.97
C ASP C 32 -8.03 -11.88 -49.00
N PHE C 33 -9.29 -11.93 -49.44
CA PHE C 33 -9.83 -10.98 -50.42
C PHE C 33 -10.87 -10.04 -49.80
N ASN C 34 -10.66 -9.66 -48.55
CA ASN C 34 -11.62 -8.81 -47.85
C ASN C 34 -11.41 -7.34 -48.22
N VAL C 35 -11.67 -7.03 -49.49
CA VAL C 35 -11.31 -5.72 -50.06
C VAL C 35 -12.45 -4.69 -49.99
N PRO C 36 -12.10 -3.39 -49.86
CA PRO C 36 -13.13 -2.37 -49.87
C PRO C 36 -13.76 -2.25 -51.26
N ILE C 37 -15.08 -2.48 -51.31
CA ILE C 37 -15.85 -2.49 -52.54
C ILE C 37 -16.88 -1.36 -52.49
N GLU C 38 -17.09 -0.69 -53.62
CA GLU C 38 -18.07 0.40 -53.68
C GLU C 38 -18.85 0.41 -55.01
N ASN C 39 -20.13 0.10 -54.89
CA ASN C 39 -21.07 0.09 -56.01
C ASN C 39 -20.60 -0.77 -57.20
N GLY C 40 -19.89 -1.86 -56.89
CA GLY C 40 -19.36 -2.76 -57.91
C GLY C 40 -17.89 -2.52 -58.23
N ILE C 41 -17.33 -1.44 -57.71
CA ILE C 41 -15.93 -1.04 -57.99
C ILE C 41 -15.00 -1.25 -56.78
N ILE C 42 -13.91 -1.98 -56.99
CA ILE C 42 -12.93 -2.21 -55.93
C ILE C 42 -12.15 -0.93 -55.63
N LYS C 43 -12.24 -0.47 -54.39
CA LYS C 43 -11.62 0.79 -53.97
C LYS C 43 -10.12 0.66 -53.65
N ASP C 44 -9.67 -0.54 -53.32
CA ASP C 44 -8.25 -0.78 -52.98
C ASP C 44 -7.87 -2.24 -53.32
N THR C 45 -6.84 -2.41 -54.15
CA THR C 45 -6.51 -3.75 -54.65
C THR C 45 -5.27 -4.37 -54.02
N ASN C 46 -4.86 -3.85 -52.88
CA ASN C 46 -3.63 -4.31 -52.22
C ASN C 46 -3.61 -5.77 -51.82
N ARG C 47 -4.73 -6.24 -51.26
CA ARG C 47 -4.86 -7.63 -50.81
C ARG C 47 -4.85 -8.61 -51.97
N ILE C 48 -5.46 -8.20 -53.08
CA ILE C 48 -5.50 -9.01 -54.30
C ILE C 48 -4.09 -9.14 -54.90
N THR C 49 -3.44 -8.00 -55.18
CA THR C 49 -2.08 -8.01 -55.74
C THR C 49 -1.10 -8.74 -54.82
N ALA C 50 -1.36 -8.68 -53.52
CA ALA C 50 -0.55 -9.35 -52.50
C ALA C 50 -0.40 -10.87 -52.72
N THR C 51 -1.43 -11.52 -53.26
CA THR C 51 -1.42 -12.96 -53.48
C THR C 51 -0.83 -13.38 -54.83
N LEU C 52 -0.42 -12.39 -55.62
CA LEU C 52 0.11 -12.69 -56.95
C LEU C 52 1.38 -13.55 -56.96
N PRO C 53 2.30 -13.31 -56.00
CA PRO C 53 3.47 -14.19 -55.95
C PRO C 53 3.09 -15.64 -55.67
N THR C 54 2.08 -15.85 -54.84
CA THR C 54 1.63 -17.21 -54.52
C THR C 54 1.09 -17.86 -55.79
N ILE C 55 0.09 -17.22 -56.41
CA ILE C 55 -0.58 -17.76 -57.59
C ILE C 55 0.41 -18.00 -58.71
N ASN C 56 1.24 -16.99 -58.99
CA ASN C 56 2.25 -17.09 -60.02
C ASN C 56 3.21 -18.24 -59.79
N HIS C 57 3.67 -18.39 -58.56
CA HIS C 57 4.58 -19.47 -58.21
C HIS C 57 3.96 -20.83 -58.49
N LEU C 58 2.67 -20.98 -58.20
CA LEU C 58 1.92 -22.20 -58.49
C LEU C 58 1.73 -22.42 -60.00
N LYS C 59 1.31 -21.37 -60.71
CA LYS C 59 1.12 -21.42 -62.15
C LYS C 59 2.44 -21.82 -62.86
N LYS C 60 3.49 -21.05 -62.60
CA LYS C 60 4.86 -21.34 -63.05
C LYS C 60 5.40 -22.74 -62.68
N GLU C 61 4.98 -23.28 -61.52
CA GLU C 61 5.37 -24.64 -61.10
C GLU C 61 4.62 -25.73 -61.87
N GLY C 62 3.55 -25.33 -62.55
CA GLY C 62 2.75 -26.26 -63.35
C GLY C 62 1.52 -26.85 -62.68
N ALA C 63 1.00 -26.19 -61.64
CA ALA C 63 -0.25 -26.62 -61.00
C ALA C 63 -1.35 -26.91 -62.03
N SER C 64 -2.06 -28.01 -61.83
CA SER C 64 -3.15 -28.41 -62.71
C SER C 64 -4.32 -27.43 -62.69
N LYS C 65 -4.70 -26.98 -61.49
CA LYS C 65 -5.77 -25.99 -61.32
C LYS C 65 -5.50 -25.15 -60.08
N ILE C 66 -5.68 -23.84 -60.16
CA ILE C 66 -5.54 -23.01 -58.96
C ILE C 66 -6.91 -22.55 -58.46
N ILE C 67 -7.35 -23.13 -57.34
CA ILE C 67 -8.68 -22.85 -56.80
C ILE C 67 -8.58 -21.98 -55.57
N LEU C 68 -9.05 -20.74 -55.68
CA LEU C 68 -9.01 -19.78 -54.56
C LEU C 68 -10.34 -19.72 -53.84
N ILE C 69 -10.26 -19.78 -52.52
CA ILE C 69 -11.41 -19.63 -51.64
C ILE C 69 -11.09 -18.50 -50.69
N SER C 70 -12.08 -17.68 -50.39
CA SER C 70 -11.88 -16.50 -49.55
C SER C 70 -13.21 -15.98 -49.03
N HIS C 71 -13.14 -14.99 -48.14
CA HIS C 71 -14.35 -14.34 -47.65
C HIS C 71 -14.31 -12.84 -47.86
N CYS C 72 -15.44 -12.19 -47.62
CA CYS C 72 -15.58 -10.73 -47.73
C CYS C 72 -16.68 -10.22 -46.79
N GLY C 73 -16.28 -9.40 -45.82
CA GLY C 73 -17.19 -8.85 -44.81
C GLY C 73 -17.79 -9.92 -43.92
N ARG C 74 -19.04 -9.71 -43.52
CA ARG C 74 -19.71 -10.63 -42.59
C ARG C 74 -21.14 -10.96 -43.02
N PRO C 75 -21.31 -11.80 -44.05
CA PRO C 75 -22.68 -12.13 -44.48
C PRO C 75 -23.50 -13.09 -43.58
N ASP C 76 -22.89 -13.60 -42.50
CA ASP C 76 -23.59 -14.42 -41.47
C ASP C 76 -24.33 -15.66 -41.97
N GLY C 77 -23.86 -16.28 -43.05
CA GLY C 77 -24.45 -17.53 -43.55
C GLY C 77 -25.57 -17.41 -44.56
N LEU C 78 -25.75 -16.21 -45.11
CA LEU C 78 -26.73 -15.96 -46.16
C LEU C 78 -26.04 -15.39 -47.41
N ARG C 79 -26.63 -15.63 -48.59
CA ARG C 79 -26.15 -14.97 -49.81
C ARG C 79 -26.50 -13.50 -49.70
N ASN C 80 -25.61 -12.62 -50.16
CA ASN C 80 -25.77 -11.18 -50.00
C ASN C 80 -24.87 -10.43 -50.98
N GLU C 81 -25.43 -10.07 -52.14
CA GLU C 81 -24.69 -9.41 -53.23
C GLU C 81 -23.84 -8.18 -52.82
N LYS C 82 -24.05 -7.72 -51.60
CA LYS C 82 -23.27 -6.64 -51.02
C LYS C 82 -21.83 -7.11 -50.74
N TYR C 83 -21.67 -8.41 -50.54
CA TYR C 83 -20.38 -9.00 -50.22
C TYR C 83 -20.00 -10.14 -51.18
N THR C 84 -20.42 -10.03 -52.44
CA THR C 84 -20.07 -11.04 -53.44
C THR C 84 -18.61 -10.92 -53.87
N LEU C 85 -17.97 -12.04 -54.21
CA LEU C 85 -16.57 -12.03 -54.60
C LEU C 85 -16.34 -11.81 -56.09
N LYS C 86 -17.41 -11.74 -56.88
CA LYS C 86 -17.35 -11.58 -58.34
C LYS C 86 -16.37 -10.50 -58.83
N PRO C 87 -16.42 -9.27 -58.26
CA PRO C 87 -15.56 -8.22 -58.77
C PRO C 87 -14.07 -8.58 -58.75
N VAL C 88 -13.68 -9.42 -57.80
CA VAL C 88 -12.27 -9.78 -57.64
C VAL C 88 -11.78 -10.63 -58.82
N ALA C 89 -12.67 -11.45 -59.36
CA ALA C 89 -12.35 -12.21 -60.56
C ALA C 89 -11.99 -11.26 -61.69
N GLU C 90 -12.72 -10.15 -61.81
CA GLU C 90 -12.43 -9.13 -62.84
C GLU C 90 -11.04 -8.53 -62.65
N THR C 91 -10.74 -8.08 -61.44
CA THR C 91 -9.43 -7.48 -61.19
C THR C 91 -8.31 -8.47 -61.39
N LEU C 92 -8.60 -9.75 -61.16
CA LEU C 92 -7.64 -10.83 -61.39
C LEU C 92 -7.40 -11.10 -62.87
N LYS C 93 -8.42 -10.85 -63.69
CA LYS C 93 -8.27 -10.93 -65.15
C LYS C 93 -7.21 -9.94 -65.62
N GLY C 94 -7.16 -8.77 -64.97
CA GLY C 94 -6.22 -7.71 -65.32
C GLY C 94 -4.81 -7.91 -64.83
N LEU C 95 -4.65 -8.71 -63.78
CA LEU C 95 -3.35 -8.90 -63.15
C LEU C 95 -2.64 -10.18 -63.60
N LEU C 96 -3.41 -11.11 -64.15
CA LEU C 96 -2.88 -12.37 -64.66
C LEU C 96 -2.93 -12.40 -66.20
N GLY C 97 -3.80 -11.55 -66.75
CA GLY C 97 -3.97 -11.40 -68.19
C GLY C 97 -4.34 -12.68 -68.90
N GLU C 98 -5.28 -13.45 -68.31
CA GLU C 98 -5.65 -14.76 -68.86
C GLU C 98 -7.13 -15.16 -68.82
N GLU C 99 -7.92 -14.55 -67.94
CA GLU C 99 -9.34 -14.91 -67.75
C GLU C 99 -9.46 -15.96 -66.67
N VAL C 100 -10.08 -15.61 -65.55
CA VAL C 100 -10.27 -16.56 -64.47
C VAL C 100 -11.75 -16.85 -64.28
N LEU C 101 -12.07 -18.13 -64.10
CA LEU C 101 -13.45 -18.55 -63.93
C LEU C 101 -13.94 -18.23 -62.52
N PHE C 102 -15.18 -17.75 -62.42
CA PHE C 102 -15.80 -17.45 -61.13
C PHE C 102 -17.09 -18.25 -60.97
N LEU C 103 -17.20 -18.98 -59.85
CA LEU C 103 -18.34 -19.89 -59.68
C LEU C 103 -19.29 -19.50 -58.54
N ASN C 104 -20.58 -19.58 -58.81
CA ASN C 104 -21.61 -19.10 -57.88
C ASN C 104 -21.76 -19.87 -56.57
N ASP C 105 -21.29 -21.11 -56.54
CA ASP C 105 -21.30 -21.90 -55.31
C ASP C 105 -19.89 -22.12 -54.72
N CYS C 106 -19.82 -22.41 -53.42
CA CYS C 106 -18.55 -22.61 -52.71
C CYS C 106 -18.12 -24.07 -52.81
N VAL C 107 -19.10 -24.97 -52.87
CA VAL C 107 -18.89 -26.42 -52.75
C VAL C 107 -19.96 -27.23 -53.48
N GLY C 108 -19.75 -28.54 -53.56
CA GLY C 108 -20.74 -29.47 -54.10
C GLY C 108 -20.23 -30.27 -55.27
N LYS C 109 -21.03 -31.23 -55.72
CA LYS C 109 -20.71 -32.05 -56.90
C LYS C 109 -20.86 -31.23 -58.18
N GLU C 110 -21.60 -30.13 -58.07
CA GLU C 110 -21.78 -29.19 -59.17
C GLU C 110 -20.44 -28.51 -59.53
N VAL C 111 -19.75 -28.03 -58.50
CA VAL C 111 -18.54 -27.23 -58.65
C VAL C 111 -17.35 -28.08 -59.10
N GLU C 112 -17.24 -29.30 -58.57
CA GLU C 112 -16.19 -30.24 -58.99
C GLU C 112 -16.19 -30.46 -60.51
N ASP C 113 -17.38 -30.38 -61.10
CA ASP C 113 -17.56 -30.55 -62.54
C ASP C 113 -16.98 -29.37 -63.30
N LYS C 114 -17.42 -28.16 -62.92
CA LYS C 114 -16.96 -26.92 -63.52
C LYS C 114 -15.45 -26.68 -63.39
N ILE C 115 -14.87 -27.25 -62.34
CA ILE C 115 -13.42 -27.18 -62.12
C ILE C 115 -12.68 -28.08 -63.09
N ASN C 116 -13.11 -29.34 -63.18
CA ASN C 116 -12.47 -30.32 -64.07
C ASN C 116 -12.69 -29.99 -65.56
N ALA C 117 -13.75 -29.25 -65.84
CA ALA C 117 -14.07 -28.79 -67.19
C ALA C 117 -13.19 -27.62 -67.67
N ALA C 118 -12.73 -26.80 -66.73
CA ALA C 118 -11.97 -25.59 -67.05
C ALA C 118 -10.58 -25.90 -67.58
N LYS C 119 -10.00 -24.93 -68.31
CA LYS C 119 -8.69 -25.04 -68.98
C LYS C 119 -7.55 -25.49 -68.07
N GLU C 120 -6.36 -25.65 -68.64
CA GLU C 120 -5.21 -26.21 -67.93
C GLU C 120 -4.74 -25.43 -66.68
N ASN C 121 -3.79 -24.52 -66.85
CA ASN C 121 -3.25 -23.73 -65.72
C ASN C 121 -4.22 -22.69 -65.17
N SER C 122 -5.52 -22.91 -65.39
CA SER C 122 -6.60 -21.98 -65.02
C SER C 122 -6.61 -21.65 -63.52
N VAL C 123 -6.94 -20.39 -63.22
CA VAL C 123 -7.24 -19.99 -61.86
C VAL C 123 -8.75 -19.88 -61.73
N ILE C 124 -9.28 -20.44 -60.65
CA ILE C 124 -10.72 -20.40 -60.38
C ILE C 124 -10.98 -19.75 -59.02
N LEU C 125 -11.89 -18.78 -59.02
CA LEU C 125 -12.33 -18.15 -57.78
C LEU C 125 -13.71 -18.67 -57.39
N LEU C 126 -13.88 -18.96 -56.11
CA LEU C 126 -15.17 -19.42 -55.60
C LEU C 126 -15.83 -18.35 -54.75
N GLU C 127 -17.16 -18.33 -54.78
CA GLU C 127 -17.94 -17.27 -54.14
C GLU C 127 -17.74 -17.29 -52.64
N ASN C 128 -17.90 -16.12 -52.02
CA ASN C 128 -17.75 -15.92 -50.58
C ASN C 128 -18.10 -17.14 -49.73
N LEU C 129 -17.10 -17.64 -49.00
CA LEU C 129 -17.26 -18.81 -48.12
C LEU C 129 -18.30 -18.56 -47.05
N ARG C 130 -18.28 -17.34 -46.50
CA ARG C 130 -19.18 -16.95 -45.41
C ARG C 130 -20.65 -16.77 -45.84
N PHE C 131 -20.94 -17.13 -47.10
CA PHE C 131 -22.32 -17.28 -47.57
C PHE C 131 -22.89 -18.58 -47.02
N HIS C 132 -21.99 -19.53 -46.76
CA HIS C 132 -22.34 -20.77 -46.11
C HIS C 132 -22.25 -20.66 -44.59
N ILE C 133 -23.36 -20.97 -43.92
CA ILE C 133 -23.46 -20.92 -42.48
C ILE C 133 -22.36 -21.77 -41.83
N GLU C 134 -22.08 -22.90 -42.46
CA GLU C 134 -21.16 -23.88 -41.92
C GLU C 134 -19.69 -23.49 -42.02
N GLU C 135 -19.39 -22.31 -42.56
CA GLU C 135 -17.99 -21.84 -42.66
C GLU C 135 -17.51 -21.29 -41.33
N GLU C 136 -18.27 -20.34 -40.78
CA GLU C 136 -18.01 -19.78 -39.46
C GLU C 136 -18.57 -20.71 -38.40
N GLY C 137 -19.54 -21.52 -38.80
CA GLY C 137 -20.19 -22.45 -37.88
C GLY C 137 -21.42 -21.83 -37.23
N LYS C 138 -21.65 -20.55 -37.50
CA LYS C 138 -22.80 -19.82 -36.96
C LYS C 138 -23.11 -18.63 -37.85
N GLY C 139 -24.37 -18.22 -37.85
CA GLY C 139 -24.77 -17.04 -38.61
C GLY C 139 -26.01 -16.37 -38.07
N VAL C 140 -26.75 -15.69 -38.95
CA VAL C 140 -28.10 -15.21 -38.66
C VAL C 140 -29.06 -15.56 -39.81
N ASP C 141 -30.33 -15.77 -39.47
CA ASP C 141 -31.39 -16.01 -40.45
C ASP C 141 -31.89 -14.69 -41.01
N ALA C 142 -32.79 -14.78 -42.00
CA ALA C 142 -33.35 -13.60 -42.67
C ALA C 142 -34.01 -12.61 -41.72
N ASN C 143 -34.30 -13.04 -40.49
CA ASN C 143 -35.01 -12.24 -39.48
C ASN C 143 -34.13 -11.51 -38.46
N GLY C 144 -32.83 -11.77 -38.51
CA GLY C 144 -31.88 -11.13 -37.60
C GLY C 144 -31.54 -11.94 -36.37
N ASN C 145 -32.01 -13.19 -36.32
CA ASN C 145 -31.82 -14.07 -35.16
C ASN C 145 -30.58 -14.93 -35.29
N LYS C 146 -29.89 -15.16 -34.18
CA LYS C 146 -28.70 -16.02 -34.17
C LYS C 146 -29.07 -17.46 -34.54
N VAL C 147 -28.40 -17.99 -35.55
CA VAL C 147 -28.57 -19.38 -35.97
C VAL C 147 -27.22 -20.08 -35.94
N LYS C 148 -27.20 -21.28 -35.38
CA LYS C 148 -25.99 -22.07 -35.28
C LYS C 148 -26.08 -23.20 -36.30
N ALA C 149 -24.97 -23.48 -36.99
CA ALA C 149 -24.94 -24.53 -38.02
C ALA C 149 -25.18 -25.93 -37.43
N ASN C 150 -25.58 -26.86 -38.29
CA ASN C 150 -25.70 -28.27 -37.90
C ASN C 150 -24.37 -28.99 -38.01
N LYS C 151 -24.06 -29.77 -36.99
CA LYS C 151 -22.75 -30.42 -36.92
C LYS C 151 -22.48 -31.34 -38.13
N GLU C 152 -23.52 -31.95 -38.71
CA GLU C 152 -23.36 -32.80 -39.89
C GLU C 152 -23.09 -31.96 -41.13
N ASP C 153 -23.65 -30.76 -41.16
CA ASP C 153 -23.53 -29.87 -42.30
C ASP C 153 -22.13 -29.32 -42.41
N VAL C 154 -21.52 -29.02 -41.27
CA VAL C 154 -20.14 -28.52 -41.21
C VAL C 154 -19.18 -29.61 -41.65
N GLU C 155 -19.36 -30.78 -41.05
CA GLU C 155 -18.59 -31.97 -41.40
C GLU C 155 -18.64 -32.25 -42.89
N LYS C 156 -19.82 -32.12 -43.49
CA LYS C 156 -19.98 -32.34 -44.93
C LYS C 156 -19.30 -31.24 -45.75
N PHE C 157 -19.37 -30.00 -45.26
CA PHE C 157 -18.79 -28.83 -45.91
C PHE C 157 -17.28 -28.95 -46.01
N GLN C 158 -16.66 -29.33 -44.90
CA GLN C 158 -15.21 -29.51 -44.82
C GLN C 158 -14.74 -30.61 -45.77
N ASN C 159 -15.52 -31.68 -45.86
CA ASN C 159 -15.25 -32.73 -46.82
C ASN C 159 -15.29 -32.19 -48.25
N ASP C 160 -16.38 -31.49 -48.59
CA ASP C 160 -16.56 -30.93 -49.93
C ASP C 160 -15.40 -30.04 -50.31
N LEU C 161 -14.97 -29.23 -49.35
CA LEU C 161 -13.82 -28.35 -49.52
C LEU C 161 -12.55 -29.15 -49.80
N THR C 162 -12.39 -30.29 -49.11
CA THR C 162 -11.23 -31.17 -49.26
C THR C 162 -11.20 -31.88 -50.62
N LYS C 163 -12.37 -32.14 -51.19
CA LYS C 163 -12.49 -32.87 -52.46
C LYS C 163 -12.16 -32.02 -53.69
N LEU C 164 -11.85 -30.74 -53.48
CA LEU C 164 -11.65 -29.82 -54.60
C LEU C 164 -10.23 -29.85 -55.15
N ALA C 165 -9.27 -30.23 -54.30
CA ALA C 165 -7.86 -30.23 -54.68
C ALA C 165 -7.08 -31.35 -54.02
N ASP C 166 -5.80 -31.49 -54.40
CA ASP C 166 -4.90 -32.50 -53.83
C ASP C 166 -3.91 -31.89 -52.85
N VAL C 167 -3.64 -30.59 -53.01
CA VAL C 167 -2.69 -29.88 -52.16
C VAL C 167 -3.31 -28.58 -51.66
N PHE C 168 -3.21 -28.35 -50.35
CA PHE C 168 -3.81 -27.16 -49.72
C PHE C 168 -2.75 -26.10 -49.43
N ILE C 169 -3.13 -24.83 -49.61
CA ILE C 169 -2.24 -23.71 -49.29
C ILE C 169 -2.99 -22.60 -48.56
N ASN C 170 -2.49 -22.24 -47.38
CA ASN C 170 -3.10 -21.17 -46.62
C ASN C 170 -2.27 -19.89 -46.71
N ASP C 171 -2.90 -18.84 -47.23
CA ASP C 171 -2.24 -17.55 -47.43
C ASP C 171 -2.98 -16.46 -46.66
N ALA C 172 -3.90 -16.90 -45.80
CA ALA C 172 -4.75 -15.98 -45.06
C ALA C 172 -4.42 -15.97 -43.58
N PHE C 173 -3.23 -15.47 -43.25
CA PHE C 173 -2.80 -15.43 -41.87
C PHE C 173 -3.78 -14.65 -40.99
N GLY C 174 -4.37 -13.58 -41.53
CA GLY C 174 -5.25 -12.70 -40.75
C GLY C 174 -6.53 -13.31 -40.18
N THR C 175 -6.82 -14.55 -40.56
CA THR C 175 -8.01 -15.22 -40.08
C THR C 175 -7.66 -16.58 -39.44
N ALA C 176 -6.37 -16.76 -39.15
CA ALA C 176 -5.86 -17.99 -38.57
C ALA C 176 -6.16 -18.16 -37.07
N HIS C 177 -6.66 -17.11 -36.43
CA HIS C 177 -7.02 -17.18 -35.00
C HIS C 177 -8.47 -17.64 -34.80
N ARG C 178 -9.27 -17.44 -35.84
CA ARG C 178 -10.63 -17.96 -35.88
C ARG C 178 -10.53 -19.41 -36.41
N ALA C 179 -11.28 -20.32 -35.81
CA ALA C 179 -11.15 -21.75 -36.10
C ALA C 179 -12.15 -22.22 -37.16
N HIS C 180 -12.09 -21.61 -38.33
CA HIS C 180 -13.13 -21.83 -39.36
C HIS C 180 -12.84 -22.99 -40.31
N SER C 181 -13.85 -23.39 -41.08
CA SER C 181 -13.75 -24.58 -41.90
C SER C 181 -12.61 -24.52 -42.91
N SER C 182 -12.32 -23.32 -43.42
CA SER C 182 -11.24 -23.13 -44.40
C SER C 182 -9.87 -23.00 -43.74
N MSE C 183 -9.85 -22.95 -42.42
CA MSE C 183 -8.63 -22.85 -41.62
C MSE C 183 -8.15 -24.20 -41.09
O MSE C 183 -6.95 -24.47 -41.07
CB MSE C 183 -8.81 -21.88 -40.45
CG MSE C 183 -9.05 -20.41 -40.83
SE MSE C 183 -7.52 -19.47 -41.65
CE MSE C 183 -7.99 -19.69 -43.53
N VAL C 184 -9.09 -25.04 -40.67
CA VAL C 184 -8.77 -26.30 -39.97
C VAL C 184 -9.52 -27.54 -40.48
N GLY C 185 -10.30 -27.37 -41.55
CA GLY C 185 -11.15 -28.44 -42.04
C GLY C 185 -10.82 -29.01 -43.41
N VAL C 186 -9.83 -28.43 -44.09
CA VAL C 186 -9.35 -28.97 -45.37
C VAL C 186 -8.30 -30.04 -45.04
N LYS C 187 -8.76 -31.28 -44.90
CA LYS C 187 -7.91 -32.35 -44.38
C LYS C 187 -7.05 -33.00 -45.48
N LEU C 188 -6.48 -32.18 -46.36
CA LEU C 188 -5.60 -32.68 -47.42
C LEU C 188 -4.24 -33.14 -46.89
N ASN C 189 -3.53 -33.92 -47.70
CA ASN C 189 -2.28 -34.53 -47.27
C ASN C 189 -1.13 -33.53 -47.03
N VAL C 190 -1.06 -32.51 -47.88
CA VAL C 190 -0.01 -31.50 -47.82
C VAL C 190 -0.66 -30.13 -47.61
N LYS C 191 -0.40 -29.53 -46.45
CA LYS C 191 -1.01 -28.25 -46.10
C LYS C 191 0.09 -27.25 -45.79
N ALA C 192 0.38 -26.38 -46.76
CA ALA C 192 1.54 -25.49 -46.73
C ALA C 192 1.15 -24.02 -46.57
N SER C 193 2.05 -23.21 -46.02
CA SER C 193 1.82 -21.77 -45.99
C SER C 193 2.09 -21.13 -47.36
N GLY C 194 1.37 -20.05 -47.66
CA GLY C 194 1.63 -19.25 -48.86
C GLY C 194 2.67 -18.19 -48.54
N PHE C 195 3.15 -17.48 -49.55
CA PHE C 195 4.24 -16.50 -49.37
C PHE C 195 3.92 -15.43 -48.35
N LEU C 196 2.68 -14.96 -48.34
CA LEU C 196 2.26 -13.96 -47.38
C LEU C 196 2.26 -14.54 -45.97
N MSE C 197 1.62 -15.69 -45.81
CA MSE C 197 1.56 -16.39 -44.54
C MSE C 197 2.96 -16.68 -44.04
O MSE C 197 3.26 -16.49 -42.87
CB MSE C 197 0.78 -17.70 -44.68
CG MSE C 197 0.88 -18.63 -43.48
SE MSE C 197 -0.62 -18.53 -42.24
CE MSE C 197 -1.66 -19.97 -42.97
N LYS C 198 3.82 -17.13 -44.95
CA LYS C 198 5.21 -17.46 -44.62
C LYS C 198 5.93 -16.27 -43.98
N LYS C 199 5.79 -15.08 -44.58
CA LYS C 199 6.33 -13.82 -44.03
C LYS C 199 5.87 -13.61 -42.61
N GLU C 200 4.55 -13.67 -42.40
CA GLU C 200 3.96 -13.48 -41.08
C GLU C 200 4.60 -14.44 -40.10
N LEU C 201 4.59 -15.72 -40.47
CA LEU C 201 5.12 -16.77 -39.64
C LEU C 201 6.60 -16.55 -39.34
N GLU C 202 7.37 -16.24 -40.37
CA GLU C 202 8.81 -16.09 -40.24
C GLU C 202 9.20 -15.00 -39.26
N TYR C 203 8.55 -13.85 -39.39
CA TYR C 203 8.92 -12.68 -38.62
C TYR C 203 8.41 -12.72 -37.19
N PHE C 204 7.25 -13.34 -37.00
CA PHE C 204 6.74 -13.52 -35.65
C PHE C 204 7.58 -14.53 -34.88
N SER C 205 8.06 -15.54 -35.58
CA SER C 205 9.08 -16.42 -35.06
C SER C 205 10.30 -15.56 -34.62
N LYS C 206 10.87 -14.78 -35.55
CA LYS C 206 12.00 -13.91 -35.26
C LYS C 206 11.81 -13.01 -34.03
N ALA C 207 10.57 -12.82 -33.58
CA ALA C 207 10.32 -11.88 -32.49
C ALA C 207 9.71 -12.52 -31.23
N LEU C 208 9.23 -13.76 -31.36
CA LEU C 208 8.63 -14.44 -30.22
C LEU C 208 9.35 -15.74 -29.93
N GLU C 209 9.93 -16.35 -30.95
CA GLU C 209 10.68 -17.60 -30.74
C GLU C 209 12.13 -17.35 -30.31
N ASN C 210 12.95 -16.73 -31.16
CA ASN C 210 14.34 -16.45 -30.80
C ASN C 210 14.75 -14.99 -31.05
N PRO C 211 14.21 -14.06 -30.24
CA PRO C 211 14.43 -12.64 -30.48
C PRO C 211 15.87 -12.22 -30.21
N GLN C 212 16.36 -11.26 -30.99
CA GLN C 212 17.66 -10.65 -30.74
C GLN C 212 17.43 -9.57 -29.70
N ARG C 213 17.95 -9.76 -28.50
CA ARG C 213 17.70 -8.83 -27.39
C ARG C 213 18.71 -7.68 -27.39
N PRO C 214 18.37 -6.54 -26.77
CA PRO C 214 17.14 -6.18 -26.03
C PRO C 214 15.88 -6.13 -26.91
N LEU C 215 14.78 -6.66 -26.37
CA LEU C 215 13.51 -6.70 -27.07
C LEU C 215 12.57 -5.58 -26.59
N LEU C 216 11.98 -4.88 -27.56
CA LEU C 216 11.16 -3.72 -27.27
C LEU C 216 9.68 -3.97 -27.58
N ALA C 217 8.79 -3.47 -26.72
CA ALA C 217 7.39 -3.38 -27.05
C ALA C 217 6.99 -1.93 -27.02
N ILE C 218 6.46 -1.43 -28.11
CA ILE C 218 5.86 -0.10 -28.10
C ILE C 218 4.35 -0.28 -28.15
N LEU C 219 3.68 0.15 -27.08
CA LEU C 219 2.25 -0.01 -26.96
C LEU C 219 1.58 1.34 -26.72
N GLY C 220 0.47 1.56 -27.43
CA GLY C 220 -0.32 2.75 -27.23
C GLY C 220 -1.78 2.44 -27.42
N GLY C 221 -2.58 3.48 -27.61
CA GLY C 221 -4.02 3.33 -27.72
C GLY C 221 -4.71 4.04 -26.58
N ALA C 222 -6.05 4.00 -26.58
CA ALA C 222 -6.85 4.76 -25.62
C ALA C 222 -7.02 4.05 -24.27
N LYS C 223 -7.21 2.73 -24.30
CA LYS C 223 -7.60 2.02 -23.08
C LYS C 223 -6.68 0.86 -22.71
N VAL C 224 -6.62 0.57 -21.42
CA VAL C 224 -5.88 -0.57 -20.89
C VAL C 224 -6.71 -1.87 -20.95
N SER C 225 -7.97 -1.78 -20.57
CA SER C 225 -8.84 -2.95 -20.40
C SER C 225 -8.81 -4.02 -21.50
N ASP C 226 -8.77 -3.58 -22.76
CA ASP C 226 -8.77 -4.53 -23.87
C ASP C 226 -7.38 -5.00 -24.26
N LYS C 227 -6.34 -4.51 -23.57
CA LYS C 227 -4.96 -4.85 -23.89
C LYS C 227 -4.23 -5.45 -22.70
N ILE C 228 -5.02 -5.91 -21.73
CA ILE C 228 -4.51 -6.48 -20.49
C ILE C 228 -3.69 -7.72 -20.75
N GLN C 229 -4.24 -8.66 -21.52
CA GLN C 229 -3.51 -9.89 -21.82
C GLN C 229 -2.38 -9.70 -22.85
N LEU C 230 -2.45 -8.63 -23.64
CA LEU C 230 -1.35 -8.32 -24.53
C LEU C 230 -0.15 -7.84 -23.73
N ILE C 231 -0.38 -6.89 -22.82
CA ILE C 231 0.68 -6.39 -21.95
C ILE C 231 1.27 -7.51 -21.09
N LYS C 232 0.42 -8.18 -20.32
CA LYS C 232 0.86 -9.27 -19.46
C LYS C 232 1.70 -10.32 -20.20
N ASN C 233 1.30 -10.68 -21.41
CA ASN C 233 2.02 -11.72 -22.15
C ASN C 233 3.36 -11.24 -22.64
N LEU C 234 3.43 -10.02 -23.16
CA LEU C 234 4.70 -9.49 -23.63
C LEU C 234 5.63 -9.27 -22.46
N LEU C 235 5.03 -9.00 -21.29
CA LEU C 235 5.81 -8.76 -20.07
C LEU C 235 6.73 -9.90 -19.68
N ASP C 236 6.43 -11.13 -20.07
CA ASP C 236 7.39 -12.20 -19.81
C ASP C 236 8.14 -12.69 -21.04
N LYS C 237 8.72 -11.74 -21.77
CA LYS C 237 9.38 -12.03 -23.04
C LYS C 237 10.22 -10.83 -23.44
N VAL C 238 9.63 -9.65 -23.28
CA VAL C 238 10.22 -8.38 -23.67
C VAL C 238 11.27 -7.88 -22.66
N ASP C 239 12.30 -7.21 -23.15
CA ASP C 239 13.34 -6.61 -22.28
C ASP C 239 12.94 -5.23 -21.79
N ARG C 240 12.25 -4.47 -22.63
CA ARG C 240 11.87 -3.07 -22.35
C ARG C 240 10.53 -2.76 -23.00
N MSE C 241 9.68 -1.99 -22.34
CA MSE C 241 8.46 -1.53 -23.02
C MSE C 241 8.11 -0.05 -22.84
O MSE C 241 8.28 0.53 -21.76
CB MSE C 241 7.26 -2.48 -22.83
CG MSE C 241 6.34 -2.27 -21.62
SE MSE C 241 4.57 -3.16 -21.80
CE MSE C 241 5.14 -5.00 -22.21
N ILE C 242 7.62 0.54 -23.94
CA ILE C 242 7.06 1.87 -23.93
C ILE C 242 5.54 1.78 -23.84
N ILE C 243 4.97 2.53 -22.90
CA ILE C 243 3.53 2.63 -22.77
C ILE C 243 3.16 4.08 -23.02
N GLY C 244 2.36 4.32 -24.04
CA GLY C 244 1.97 5.67 -24.42
C GLY C 244 0.54 5.80 -24.89
N GLY C 245 0.23 6.95 -25.49
CA GLY C 245 -1.12 7.19 -25.99
C GLY C 245 -2.11 7.47 -24.88
N GLY C 246 -3.40 7.29 -25.17
CA GLY C 246 -4.45 7.50 -24.19
C GLY C 246 -4.26 6.73 -22.90
N MSE C 247 -3.82 5.47 -23.02
CA MSE C 247 -3.68 4.60 -21.85
C MSE C 247 -2.71 5.13 -20.80
O MSE C 247 -2.90 4.92 -19.61
CB MSE C 247 -3.37 3.15 -22.26
CG MSE C 247 -1.97 2.88 -22.79
SE MSE C 247 -1.82 1.05 -23.52
CE MSE C 247 -2.23 0.07 -21.89
N ALA C 248 -1.68 5.85 -21.26
CA ALA C 248 -0.66 6.39 -20.38
C ALA C 248 -1.20 7.27 -19.25
N TYR C 249 -2.26 8.03 -19.52
CA TYR C 249 -2.85 8.93 -18.52
C TYR C 249 -3.46 8.19 -17.32
N THR C 250 -3.80 6.91 -17.51
CA THR C 250 -4.30 6.13 -16.38
C THR C 250 -3.14 5.59 -15.56
N PHE C 251 -2.01 5.33 -16.21
CA PHE C 251 -0.79 4.94 -15.50
C PHE C 251 -0.27 6.09 -14.64
N LYS C 252 -0.26 7.31 -15.20
CA LYS C 252 0.21 8.48 -14.47
C LYS C 252 -0.67 8.78 -13.25
N LYS C 253 -1.98 8.65 -13.44
CA LYS C 253 -2.95 8.89 -12.37
C LYS C 253 -2.82 7.86 -11.25
N VAL C 254 -2.84 6.58 -11.61
CA VAL C 254 -2.75 5.50 -10.63
C VAL C 254 -1.39 5.42 -9.93
N LEU C 255 -0.30 5.60 -10.69
CA LEU C 255 1.03 5.40 -10.16
C LEU C 255 1.60 6.60 -9.40
N ASN C 256 1.71 7.74 -10.09
CA ASN C 256 2.38 8.91 -9.55
C ASN C 256 1.38 9.92 -9.01
N ASN C 257 0.10 9.57 -9.13
CA ASN C 257 -0.99 10.41 -8.63
C ASN C 257 -1.08 11.73 -9.40
N MSE C 258 -0.59 11.71 -10.64
CA MSE C 258 -0.56 12.92 -11.47
C MSE C 258 -1.97 13.37 -11.80
O MSE C 258 -2.83 12.58 -12.15
CB MSE C 258 0.23 12.65 -12.76
CG MSE C 258 0.25 13.83 -13.74
SE MSE C 258 0.73 13.28 -15.57
CE MSE C 258 -0.26 14.65 -16.54
N LYS C 259 -2.20 14.68 -11.66
CA LYS C 259 -3.48 15.25 -12.04
C LYS C 259 -3.53 15.22 -13.59
N ILE C 260 -4.63 14.72 -14.15
CA ILE C 260 -4.74 14.51 -15.60
C ILE C 260 -5.91 15.23 -16.26
N GLY C 261 -6.38 16.32 -15.66
CA GLY C 261 -7.51 17.08 -16.21
C GLY C 261 -8.62 16.19 -16.72
N THR C 262 -9.06 16.45 -17.95
CA THR C 262 -10.16 15.66 -18.55
C THR C 262 -9.69 14.61 -19.58
N SER C 263 -8.46 14.14 -19.42
CA SER C 263 -7.90 13.11 -20.30
C SER C 263 -8.68 11.81 -20.21
N LEU C 264 -8.43 10.91 -21.16
CA LEU C 264 -8.98 9.57 -21.13
C LEU C 264 -8.59 8.86 -19.85
N PHE C 265 -9.58 8.36 -19.14
CA PHE C 265 -9.36 7.53 -17.96
C PHE C 265 -10.08 6.19 -18.11
N ASP C 266 -9.36 5.11 -17.84
CA ASP C 266 -9.86 3.77 -18.09
C ASP C 266 -10.20 3.07 -16.77
N GLU C 267 -11.45 3.24 -16.33
CA GLU C 267 -11.90 2.72 -15.03
C GLU C 267 -11.52 1.27 -14.88
N ALA C 268 -12.06 0.43 -15.76
CA ALA C 268 -11.74 -0.99 -15.79
C ALA C 268 -10.24 -1.27 -15.64
N GLY C 269 -9.44 -0.68 -16.53
CA GLY C 269 -8.01 -0.98 -16.61
C GLY C 269 -7.18 -0.43 -15.48
N SER C 270 -7.68 0.63 -14.84
CA SER C 270 -6.95 1.31 -13.78
C SER C 270 -6.74 0.39 -12.60
N LYS C 271 -7.61 -0.61 -12.50
CA LYS C 271 -7.56 -1.62 -11.46
C LYS C 271 -6.41 -2.62 -11.66
N ILE C 272 -5.95 -2.78 -12.90
CA ILE C 272 -4.92 -3.76 -13.24
C ILE C 272 -3.49 -3.18 -13.27
N VAL C 273 -3.40 -1.87 -13.38
CA VAL C 273 -2.12 -1.15 -13.44
C VAL C 273 -1.10 -1.66 -12.41
N GLY C 274 -1.53 -1.75 -11.15
CA GLY C 274 -0.74 -2.35 -10.08
C GLY C 274 -0.05 -3.65 -10.43
N GLU C 275 -0.82 -4.64 -10.90
CA GLU C 275 -0.26 -5.96 -11.29
C GLU C 275 0.68 -5.83 -12.47
N ILE C 276 0.34 -4.96 -13.42
CA ILE C 276 1.17 -4.73 -14.60
C ILE C 276 2.56 -4.29 -14.17
N MSE C 277 2.63 -3.24 -13.36
CA MSE C 277 3.92 -2.69 -12.93
C MSE C 277 4.75 -3.64 -12.09
O MSE C 277 5.96 -3.68 -12.23
CB MSE C 277 3.72 -1.36 -12.19
CG MSE C 277 3.12 -0.27 -13.07
SE MSE C 277 4.25 0.27 -14.61
CE MSE C 277 4.00 -1.24 -15.83
N GLU C 278 4.06 -4.41 -11.25
CA GLU C 278 4.70 -5.36 -10.37
C GLU C 278 5.26 -6.56 -11.15
N LYS C 279 4.53 -7.02 -12.16
CA LYS C 279 5.00 -8.10 -13.03
C LYS C 279 6.19 -7.64 -13.84
N ALA C 280 6.20 -6.37 -14.23
CA ALA C 280 7.32 -5.79 -14.95
C ALA C 280 8.57 -5.82 -14.07
N LYS C 281 8.42 -5.33 -12.83
CA LYS C 281 9.50 -5.33 -11.83
C LYS C 281 10.00 -6.75 -11.57
N ALA C 282 9.08 -7.69 -11.46
CA ALA C 282 9.44 -9.09 -11.24
C ALA C 282 10.14 -9.71 -12.47
N LYS C 283 9.56 -9.52 -13.65
CA LYS C 283 10.14 -10.08 -14.88
C LYS C 283 11.24 -9.18 -15.44
N ASN C 284 11.60 -8.18 -14.65
CA ASN C 284 12.73 -7.27 -14.93
C ASN C 284 12.69 -6.60 -16.30
N VAL C 285 11.63 -5.82 -16.49
CA VAL C 285 11.40 -5.11 -17.74
C VAL C 285 11.37 -3.64 -17.37
N GLN C 286 12.08 -2.82 -18.14
CA GLN C 286 12.05 -1.37 -17.96
C GLN C 286 10.80 -0.81 -18.61
N ILE C 287 10.08 0.02 -17.87
CA ILE C 287 8.86 0.63 -18.40
C ILE C 287 9.16 2.08 -18.69
N PHE C 288 8.83 2.53 -19.90
CA PHE C 288 9.04 3.93 -20.26
C PHE C 288 7.71 4.64 -20.51
N LEU C 289 7.23 5.33 -19.50
CA LEU C 289 6.03 6.13 -19.64
C LEU C 289 6.45 7.57 -19.92
N PRO C 290 5.54 8.36 -20.49
CA PRO C 290 5.86 9.76 -20.81
C PRO C 290 6.19 10.61 -19.58
N VAL C 291 7.09 11.58 -19.76
CA VAL C 291 7.47 12.52 -18.71
C VAL C 291 6.90 13.93 -18.98
N ASP C 292 6.45 14.19 -20.23
CA ASP C 292 5.71 15.42 -20.58
C ASP C 292 4.61 15.22 -21.62
N PHE C 293 3.67 16.18 -21.70
CA PHE C 293 2.47 16.05 -22.53
C PHE C 293 2.05 17.34 -23.24
N LYS C 294 1.73 17.23 -24.52
CA LYS C 294 1.05 18.29 -25.25
C LYS C 294 -0.42 18.20 -24.87
N ILE C 295 -0.98 19.31 -24.39
CA ILE C 295 -2.34 19.35 -23.84
C ILE C 295 -3.26 20.36 -24.56
N ALA C 296 -4.58 20.15 -24.44
CA ALA C 296 -5.57 20.89 -25.22
C ALA C 296 -6.83 21.17 -24.43
N ASP C 297 -7.44 22.34 -24.66
CA ASP C 297 -8.68 22.72 -23.97
C ASP C 297 -9.95 22.17 -24.62
N ASN C 298 -9.80 21.44 -25.72
CA ASN C 298 -10.91 20.85 -26.45
C ASN C 298 -10.43 19.70 -27.34
N PHE C 299 -11.25 18.67 -27.50
CA PHE C 299 -10.89 17.52 -28.34
C PHE C 299 -11.10 17.87 -29.81
N ASP C 300 -10.27 18.79 -30.31
CA ASP C 300 -10.33 19.27 -31.68
C ASP C 300 -8.91 19.59 -32.15
N ASN C 301 -8.70 19.59 -33.46
CA ASN C 301 -7.39 19.95 -34.03
C ASN C 301 -7.08 21.45 -33.91
N ASN C 302 -8.13 22.29 -33.98
CA ASN C 302 -7.97 23.74 -33.90
C ASN C 302 -7.90 24.30 -32.49
N ALA C 303 -8.07 23.44 -31.48
CA ALA C 303 -8.15 23.88 -30.08
C ALA C 303 -6.83 24.46 -29.55
N ASN C 304 -6.94 25.17 -28.44
CA ASN C 304 -5.79 25.80 -27.79
C ASN C 304 -4.88 24.77 -27.16
N THR C 305 -3.61 24.79 -27.58
CA THR C 305 -2.62 23.82 -27.10
C THR C 305 -1.52 24.46 -26.24
N LYS C 306 -0.75 23.62 -25.57
CA LYS C 306 0.22 24.01 -24.57
C LYS C 306 1.02 22.78 -24.17
N PHE C 307 2.18 22.96 -23.56
CA PHE C 307 2.99 21.83 -23.07
C PHE C 307 3.04 21.84 -21.54
N VAL C 308 3.41 20.70 -20.95
CA VAL C 308 3.29 20.47 -19.51
C VAL C 308 4.01 19.16 -19.11
N THR C 309 4.64 19.14 -17.93
CA THR C 309 5.34 17.93 -17.44
C THR C 309 4.53 17.12 -16.39
N ASP C 310 4.98 15.90 -16.12
CA ASP C 310 4.29 15.00 -15.17
C ASP C 310 4.26 15.54 -13.73
N GLU C 311 5.26 16.34 -13.39
CA GLU C 311 5.31 17.02 -12.09
C GLU C 311 4.32 18.18 -12.08
N GLU C 312 4.32 18.99 -13.14
CA GLU C 312 3.42 20.12 -13.28
C GLU C 312 1.96 19.67 -13.27
N GLY C 313 1.62 18.73 -14.15
CA GLY C 313 0.26 18.17 -14.24
C GLY C 313 -0.66 18.91 -15.21
N ILE C 314 -1.78 18.27 -15.54
CA ILE C 314 -2.77 18.87 -16.44
C ILE C 314 -3.81 19.65 -15.64
N PRO C 315 -4.05 20.93 -16.03
CA PRO C 315 -5.13 21.75 -15.47
C PRO C 315 -6.52 21.15 -15.64
N ASP C 316 -7.43 21.57 -14.76
CA ASP C 316 -8.75 20.94 -14.58
C ASP C 316 -9.56 20.72 -15.84
N ASN C 317 -9.55 21.69 -16.76
CA ASN C 317 -10.38 21.61 -17.97
C ASN C 317 -9.65 21.26 -19.26
N TRP C 318 -8.42 20.77 -19.11
CA TRP C 318 -7.57 20.41 -20.25
C TRP C 318 -7.33 18.91 -20.33
N MSE C 319 -6.72 18.47 -21.43
CA MSE C 319 -6.47 17.05 -21.67
C MSE C 319 -5.19 16.84 -22.49
O MSE C 319 -4.89 17.62 -23.39
CB MSE C 319 -7.65 16.41 -22.38
CG MSE C 319 -7.96 17.01 -23.75
SE MSE C 319 -9.58 16.37 -24.61
CE MSE C 319 -9.32 14.43 -24.41
N GLY C 320 -4.46 15.78 -22.17
CA GLY C 320 -3.28 15.40 -22.95
C GLY C 320 -3.67 14.64 -24.20
N LEU C 321 -3.02 14.95 -25.32
CA LEU C 321 -3.34 14.31 -26.58
C LEU C 321 -2.12 13.74 -27.31
N ASP C 322 -0.93 14.05 -26.81
CA ASP C 322 0.33 13.62 -27.42
C ASP C 322 1.44 13.76 -26.40
N ALA C 323 2.46 12.91 -26.50
CA ALA C 323 3.64 13.00 -25.64
C ALA C 323 4.42 14.28 -25.93
N GLY C 324 5.01 14.89 -24.91
CA GLY C 324 5.79 16.12 -25.08
C GLY C 324 7.16 15.89 -25.72
N PRO C 325 7.97 16.98 -25.85
CA PRO C 325 9.30 16.95 -26.46
C PRO C 325 10.32 16.14 -25.66
N LYS C 326 10.25 16.22 -24.34
CA LYS C 326 11.17 15.51 -23.48
C LYS C 326 10.94 14.00 -23.55
N SER C 327 9.67 13.59 -23.61
CA SER C 327 9.29 12.18 -23.77
C SER C 327 9.76 11.62 -25.11
N ILE C 328 9.44 12.35 -26.18
CA ILE C 328 9.90 12.05 -27.54
C ILE C 328 11.44 11.94 -27.61
N GLU C 329 12.12 12.82 -26.89
CA GLU C 329 13.58 12.73 -26.75
C GLU C 329 14.00 11.40 -26.11
N ASN C 330 13.22 10.93 -25.14
CA ASN C 330 13.57 9.71 -24.43
C ASN C 330 13.34 8.46 -25.25
N TYR C 331 12.66 8.59 -26.39
CA TYR C 331 12.45 7.48 -27.33
C TYR C 331 13.76 7.05 -27.95
N LYS C 332 14.63 8.02 -28.17
CA LYS C 332 15.89 7.84 -28.90
C LYS C 332 16.71 6.67 -28.37
N ASP C 333 17.08 6.72 -27.09
CA ASP C 333 17.89 5.68 -26.47
C ASP C 333 17.16 4.34 -26.36
N VAL C 334 15.87 4.38 -26.06
CA VAL C 334 15.08 3.16 -25.90
C VAL C 334 15.02 2.36 -27.20
N ILE C 335 14.72 3.05 -28.30
CA ILE C 335 14.53 2.40 -29.59
C ILE C 335 15.85 2.09 -30.31
N LEU C 336 16.77 3.05 -30.36
CA LEU C 336 18.00 2.88 -31.15
C LEU C 336 18.92 1.78 -30.62
N THR C 337 18.83 1.49 -29.32
CA THR C 337 19.56 0.39 -28.67
C THR C 337 18.90 -0.99 -28.88
N SER C 338 17.59 -1.01 -29.04
CA SER C 338 16.88 -2.29 -29.18
C SER C 338 17.24 -2.99 -30.50
N LYS C 339 17.35 -4.31 -30.46
CA LYS C 339 17.77 -5.08 -31.64
C LYS C 339 16.60 -5.87 -32.19
N THR C 340 15.46 -5.77 -31.51
CA THR C 340 14.17 -6.23 -32.04
C THR C 340 13.01 -5.46 -31.42
N VAL C 341 12.14 -4.95 -32.28
CA VAL C 341 11.06 -4.05 -31.86
C VAL C 341 9.69 -4.58 -32.26
N ILE C 342 8.78 -4.67 -31.29
CA ILE C 342 7.37 -4.96 -31.57
C ILE C 342 6.54 -3.72 -31.24
N TRP C 343 6.02 -3.08 -32.27
CA TRP C 343 5.24 -1.87 -32.09
C TRP C 343 3.77 -2.11 -32.39
N ASN C 344 2.93 -1.86 -31.40
CA ASN C 344 1.50 -1.94 -31.62
C ASN C 344 0.73 -0.85 -30.88
N GLY C 345 0.47 0.26 -31.58
CA GLY C 345 -0.29 1.37 -31.02
C GLY C 345 0.41 2.71 -31.07
N PRO C 346 -0.21 3.70 -31.73
CA PRO C 346 0.32 5.06 -31.78
C PRO C 346 0.37 5.74 -30.41
N GLN C 347 1.16 6.81 -30.30
CA GLN C 347 1.46 7.45 -29.01
C GLN C 347 0.70 8.77 -28.80
N GLY C 348 -0.43 8.92 -29.48
CA GLY C 348 -1.24 10.15 -29.42
C GLY C 348 -2.26 10.15 -30.55
N VAL C 349 -3.11 11.17 -30.58
CA VAL C 349 -4.15 11.24 -31.64
C VAL C 349 -3.53 11.69 -32.97
N PHE C 350 -2.86 10.75 -33.64
CA PHE C 350 -2.05 10.98 -34.83
C PHE C 350 -2.85 11.38 -36.08
N GLU C 351 -4.16 11.15 -36.04
CA GLU C 351 -5.05 11.57 -37.12
C GLU C 351 -5.29 13.07 -37.03
N MSE C 352 -4.70 13.70 -36.03
CA MSE C 352 -4.82 15.13 -35.84
C MSE C 352 -3.45 15.76 -35.92
O MSE C 352 -2.75 15.80 -34.92
CB MSE C 352 -5.46 15.45 -34.51
CG MSE C 352 -6.88 14.93 -34.36
SE MSE C 352 -7.88 15.87 -32.98
CE MSE C 352 -6.71 15.61 -31.45
N PRO C 353 -3.07 16.27 -37.11
CA PRO C 353 -1.80 16.93 -37.39
C PRO C 353 -1.08 17.53 -36.17
N ASN C 354 -1.80 18.28 -35.33
CA ASN C 354 -1.18 18.95 -34.18
C ASN C 354 -0.82 18.04 -33.01
N PHE C 355 -1.33 16.80 -33.05
CA PHE C 355 -1.11 15.81 -31.98
C PHE C 355 -0.63 14.49 -32.58
N ALA C 356 0.17 14.59 -33.64
CA ALA C 356 0.69 13.40 -34.29
C ALA C 356 2.21 13.30 -34.16
N LYS C 357 2.86 14.39 -33.76
CA LYS C 357 4.32 14.46 -33.75
C LYS C 357 4.96 13.30 -32.99
N GLY C 358 4.48 13.07 -31.76
CA GLY C 358 4.85 11.89 -30.98
C GLY C 358 4.89 10.61 -31.78
N SER C 359 3.75 10.22 -32.35
CA SER C 359 3.64 8.98 -33.11
C SER C 359 4.56 8.96 -34.34
N ILE C 360 4.53 10.03 -35.12
CA ILE C 360 5.41 10.20 -36.28
C ILE C 360 6.88 10.00 -35.92
N GLU C 361 7.34 10.70 -34.89
CA GLU C 361 8.74 10.64 -34.48
C GLU C 361 9.14 9.26 -33.96
N CYS C 362 8.19 8.57 -33.34
CA CYS C 362 8.36 7.19 -32.91
C CYS C 362 8.60 6.29 -34.14
N LEU C 363 7.87 6.57 -35.23
CA LEU C 363 8.02 5.86 -36.50
C LEU C 363 9.37 6.09 -37.14
N ASN C 364 9.81 7.35 -37.17
CA ASN C 364 11.14 7.67 -37.68
C ASN C 364 12.22 6.85 -36.97
N LEU C 365 12.13 6.80 -35.64
CA LEU C 365 13.11 6.07 -34.85
C LEU C 365 13.09 4.57 -35.12
N VAL C 366 11.90 4.00 -35.30
CA VAL C 366 11.77 2.58 -35.65
C VAL C 366 12.33 2.28 -37.05
N VAL C 367 12.13 3.22 -37.98
CA VAL C 367 12.75 3.11 -39.31
C VAL C 367 14.29 3.17 -39.22
N GLU C 368 14.79 4.10 -38.40
CA GLU C 368 16.24 4.19 -38.22
C GLU C 368 16.90 2.92 -37.68
N VAL C 369 16.30 2.28 -36.67
CA VAL C 369 16.90 1.07 -36.12
C VAL C 369 16.86 -0.07 -37.13
N THR C 370 15.86 -0.05 -38.01
CA THR C 370 15.75 -1.09 -39.01
C THR C 370 16.93 -0.98 -39.96
N LYS C 371 17.34 0.25 -40.27
CA LYS C 371 18.53 0.50 -41.07
C LYS C 371 19.77 -0.02 -40.35
N LYS C 372 19.78 0.11 -39.03
CA LYS C 372 20.90 -0.34 -38.19
C LYS C 372 20.98 -1.87 -38.07
N GLY C 373 19.93 -2.55 -38.51
CA GLY C 373 19.91 -4.01 -38.54
C GLY C 373 18.91 -4.71 -37.63
N ALA C 374 18.04 -3.94 -36.99
CA ALA C 374 17.01 -4.51 -36.09
C ALA C 374 15.91 -5.17 -36.88
N ILE C 375 15.19 -6.08 -36.23
CA ILE C 375 13.96 -6.60 -36.77
C ILE C 375 12.86 -5.78 -36.12
N THR C 376 12.01 -5.18 -36.94
CA THR C 376 10.94 -4.31 -36.44
C THR C 376 9.60 -4.80 -36.92
N ILE C 377 8.66 -4.99 -36.01
CA ILE C 377 7.35 -5.50 -36.39
C ILE C 377 6.22 -4.57 -35.97
N VAL C 378 5.35 -4.22 -36.91
CA VAL C 378 4.18 -3.42 -36.61
C VAL C 378 2.93 -4.29 -36.51
N GLY C 379 2.10 -4.03 -35.51
CA GLY C 379 0.97 -4.91 -35.21
C GLY C 379 -0.38 -4.53 -35.82
N GLY C 380 -1.20 -3.84 -35.01
CA GLY C 380 -2.61 -3.60 -35.31
C GLY C 380 -2.92 -2.58 -36.38
N GLY C 381 -4.21 -2.22 -36.47
CA GLY C 381 -4.75 -1.43 -37.55
C GLY C 381 -4.28 0.00 -37.62
N ASP C 382 -4.42 0.73 -36.53
CA ASP C 382 -4.07 2.17 -36.48
C ASP C 382 -2.57 2.40 -36.70
N THR C 383 -1.75 1.47 -36.22
CA THR C 383 -0.33 1.60 -36.34
C THR C 383 0.10 1.36 -37.78
N ALA C 384 -0.59 0.46 -38.46
CA ALA C 384 -0.33 0.20 -39.88
C ALA C 384 -0.91 1.32 -40.73
N SER C 385 -1.99 1.93 -40.25
CA SER C 385 -2.54 3.15 -40.85
C SER C 385 -1.50 4.24 -40.87
N LEU C 386 -0.83 4.43 -39.73
CA LEU C 386 0.22 5.44 -39.61
C LEU C 386 1.36 5.18 -40.59
N VAL C 387 1.71 3.91 -40.79
CA VAL C 387 2.71 3.52 -41.76
C VAL C 387 2.18 3.67 -43.21
N GLU C 388 0.87 3.51 -43.40
CA GLU C 388 0.23 3.77 -44.71
C GLU C 388 0.27 5.24 -45.06
N GLN C 389 -0.17 6.09 -44.14
CA GLN C 389 -0.19 7.54 -44.37
C GLN C 389 1.18 8.08 -44.75
N GLN C 390 2.23 7.52 -44.14
CA GLN C 390 3.60 7.96 -44.38
C GLN C 390 4.28 7.17 -45.48
N ASN C 391 3.55 6.20 -46.03
CA ASN C 391 4.08 5.24 -47.00
C ASN C 391 5.53 4.81 -46.70
N LYS C 392 5.71 4.18 -45.54
CA LYS C 392 6.99 3.61 -45.11
C LYS C 392 6.89 2.09 -44.82
N LYS C 393 5.98 1.42 -45.53
CA LYS C 393 5.70 -0.01 -45.34
C LYS C 393 6.89 -0.95 -45.53
N ASN C 394 7.75 -0.64 -46.48
CA ASN C 394 8.88 -1.51 -46.74
C ASN C 394 10.17 -1.00 -46.09
N GLU C 395 10.02 0.03 -45.27
CA GLU C 395 11.10 0.59 -44.43
C GLU C 395 11.15 -0.08 -43.04
N ILE C 396 10.13 -0.90 -42.78
CA ILE C 396 9.99 -1.68 -41.55
C ILE C 396 10.10 -3.15 -41.94
N SER C 397 10.59 -3.98 -41.03
CA SER C 397 10.88 -5.38 -41.36
C SER C 397 9.65 -6.15 -41.83
N HIS C 398 8.52 -5.90 -41.18
CA HIS C 398 7.28 -6.58 -41.49
C HIS C 398 6.13 -5.86 -40.83
N VAL C 399 5.15 -5.49 -41.66
CA VAL C 399 3.92 -4.89 -41.18
C VAL C 399 2.85 -5.96 -41.32
N SER C 400 2.23 -6.32 -40.21
CA SER C 400 1.29 -7.43 -40.19
C SER C 400 -0.09 -6.99 -40.66
N THR C 401 -0.75 -7.86 -41.42
CA THR C 401 -2.07 -7.56 -41.97
C THR C 401 -3.23 -8.09 -41.13
N GLY C 402 -2.94 -9.10 -40.31
CA GLY C 402 -3.95 -9.79 -39.49
C GLY C 402 -4.46 -8.96 -38.34
N GLY C 403 -5.53 -8.20 -38.59
CA GLY C 403 -6.16 -7.36 -37.59
C GLY C 403 -6.22 -8.09 -36.26
N GLY C 404 -6.98 -9.19 -36.24
CA GLY C 404 -7.22 -9.97 -35.02
C GLY C 404 -6.24 -11.10 -34.77
N ALA C 405 -5.66 -11.64 -35.85
CA ALA C 405 -4.76 -12.79 -35.76
C ALA C 405 -3.41 -12.44 -35.11
N SER C 406 -2.79 -11.36 -35.57
CA SER C 406 -1.49 -10.98 -35.04
C SER C 406 -1.61 -10.52 -33.59
N LEU C 407 -2.68 -9.80 -33.29
CA LEU C 407 -2.96 -9.37 -31.93
C LEU C 407 -3.17 -10.57 -31.02
N GLU C 408 -3.84 -11.59 -31.52
CA GLU C 408 -4.06 -12.81 -30.73
C GLU C 408 -2.78 -13.60 -30.49
N LEU C 409 -1.89 -13.61 -31.46
CA LEU C 409 -0.61 -14.29 -31.33
C LEU C 409 0.22 -13.65 -30.24
N LEU C 410 0.28 -12.31 -30.26
CA LEU C 410 0.98 -11.56 -29.23
C LEU C 410 0.36 -11.68 -27.83
N GLU C 411 -0.92 -12.07 -27.78
CA GLU C 411 -1.63 -12.38 -26.53
C GLU C 411 -1.19 -13.73 -25.98
N GLY C 412 -0.57 -14.54 -26.84
CA GLY C 412 -0.03 -15.83 -26.43
C GLY C 412 -0.89 -17.02 -26.79
N LYS C 413 -2.06 -16.77 -27.36
CA LYS C 413 -2.94 -17.84 -27.79
C LYS C 413 -2.35 -18.62 -28.98
N GLU C 414 -2.86 -19.82 -29.22
CA GLU C 414 -2.46 -20.60 -30.39
C GLU C 414 -3.39 -20.22 -31.54
N LEU C 415 -2.84 -20.16 -32.75
CA LEU C 415 -3.63 -19.86 -33.93
C LEU C 415 -4.00 -21.17 -34.62
N PRO C 416 -5.30 -21.55 -34.56
CA PRO C 416 -5.77 -22.81 -35.14
C PRO C 416 -5.34 -22.99 -36.60
N GLY C 417 -5.38 -21.91 -37.38
CA GLY C 417 -5.03 -21.95 -38.79
C GLY C 417 -3.57 -22.29 -39.00
N VAL C 418 -2.76 -21.90 -38.03
CA VAL C 418 -1.33 -22.17 -38.07
C VAL C 418 -1.04 -23.61 -37.67
N LEU C 419 -1.62 -24.03 -36.54
CA LEU C 419 -1.45 -25.39 -36.02
C LEU C 419 -1.83 -26.46 -37.02
N ALA C 420 -2.84 -26.15 -37.85
CA ALA C 420 -3.36 -27.07 -38.85
C ALA C 420 -2.44 -27.23 -40.06
N LEU C 421 -1.39 -26.40 -40.14
CA LEU C 421 -0.43 -26.50 -41.22
C LEU C 421 0.61 -27.56 -40.93
N SER C 422 1.02 -28.29 -41.97
CA SER C 422 2.04 -29.32 -41.82
C SER C 422 3.38 -28.74 -41.38
N ASN C 423 4.12 -29.50 -40.58
CA ASN C 423 5.47 -29.15 -40.18
C ASN C 423 6.49 -29.38 -41.31
N LYS C 424 7.76 -29.58 -40.91
CA LYS C 424 8.92 -29.64 -41.80
C LYS C 424 9.26 -28.25 -42.39
S SO4 D . -6.66 -8.77 18.78
O1 SO4 D . -5.44 -8.22 19.34
O2 SO4 D . -6.38 -10.13 18.34
O3 SO4 D . -7.71 -8.81 19.80
O4 SO4 D . -7.07 -7.96 17.63
S SO4 E . 5.79 0.69 27.72
O1 SO4 E . 5.43 2.11 27.72
O2 SO4 E . 5.58 0.12 29.06
O3 SO4 E . 4.95 -0.01 26.75
O4 SO4 E . 7.19 0.53 27.33
C1 GOL F . -2.11 4.39 41.62
O1 GOL F . -0.88 4.23 42.28
C2 GOL F . -1.86 4.80 40.17
O2 GOL F . -0.71 4.13 39.68
C3 GOL F . -1.68 6.32 40.07
O3 GOL F . -2.93 6.95 40.00
C1 GOL G . -0.14 0.31 0.63
O1 GOL G . 1.27 0.38 0.66
C2 GOL G . -0.64 0.69 -0.76
O2 GOL G . -0.39 2.07 -0.97
C3 GOL G . -2.14 0.42 -0.85
O3 GOL G . -2.51 0.27 -2.21
S SO4 H . 9.51 17.47 19.66
O1 SO4 H . 10.78 17.08 19.04
O2 SO4 H . 9.68 17.52 21.11
O3 SO4 H . 9.10 18.81 19.22
O4 SO4 H . 8.50 16.49 19.29
S SO4 I . -7.79 1.56 -28.64
O1 SO4 I . -7.74 1.75 -27.20
O2 SO4 I . -8.99 0.81 -28.98
O3 SO4 I . -7.80 2.86 -29.32
O4 SO4 I . -6.62 0.78 -29.05
#